data_1WC9
# 
_entry.id   1WC9 
# 
_audit_conform.dict_name       mmcif_pdbx.dic 
_audit_conform.dict_version    5.397 
_audit_conform.dict_location   http://mmcif.pdb.org/dictionaries/ascii/mmcif_pdbx.dic 
# 
loop_
_database_2.database_id 
_database_2.database_code 
_database_2.pdbx_database_accession 
_database_2.pdbx_DOI 
PDB   1WC9         pdb_00001wc9 10.2210/pdb1wc9/pdb 
PDBE  EBI-21602    ?            ?                   
WWPDB D_1290021602 ?            ?                   
# 
loop_
_pdbx_audit_revision_history.ordinal 
_pdbx_audit_revision_history.data_content_type 
_pdbx_audit_revision_history.major_revision 
_pdbx_audit_revision_history.minor_revision 
_pdbx_audit_revision_history.revision_date 
1 'Structure model' 1 0 2004-12-13 
2 'Structure model' 1 1 2015-04-15 
3 'Structure model' 1 2 2024-10-23 
# 
_pdbx_audit_revision_details.ordinal             1 
_pdbx_audit_revision_details.revision_ordinal    1 
_pdbx_audit_revision_details.data_content_type   'Structure model' 
_pdbx_audit_revision_details.provider            repository 
_pdbx_audit_revision_details.type                'Initial release' 
_pdbx_audit_revision_details.description         ? 
_pdbx_audit_revision_details.details             ? 
# 
loop_
_pdbx_audit_revision_group.ordinal 
_pdbx_audit_revision_group.revision_ordinal 
_pdbx_audit_revision_group.data_content_type 
_pdbx_audit_revision_group.group 
1  2 'Structure model' 'Derived calculations'      
2  2 'Structure model' 'Non-polymer description'   
3  2 'Structure model' Other                       
4  2 'Structure model' 'Structure summary'         
5  2 'Structure model' 'Version format compliance' 
6  3 'Structure model' 'Data collection'           
7  3 'Structure model' 'Database references'       
8  3 'Structure model' 'Derived calculations'      
9  3 'Structure model' Other                       
10 3 'Structure model' 'Structure summary'         
# 
loop_
_pdbx_audit_revision_category.ordinal 
_pdbx_audit_revision_category.revision_ordinal 
_pdbx_audit_revision_category.data_content_type 
_pdbx_audit_revision_category.category 
1 3 'Structure model' chem_comp_atom            
2 3 'Structure model' chem_comp_bond            
3 3 'Structure model' database_2                
4 3 'Structure model' pdbx_database_status      
5 3 'Structure model' pdbx_entry_details        
6 3 'Structure model' pdbx_modification_feature 
7 3 'Structure model' struct_conn               
8 3 'Structure model' struct_site               
# 
loop_
_pdbx_audit_revision_item.ordinal 
_pdbx_audit_revision_item.revision_ordinal 
_pdbx_audit_revision_item.data_content_type 
_pdbx_audit_revision_item.item 
1 3 'Structure model' '_database_2.pdbx_DOI'                 
2 3 'Structure model' '_database_2.pdbx_database_accession'  
3 3 'Structure model' '_pdbx_database_status.status_code_sf' 
4 3 'Structure model' '_struct_conn.pdbx_leaving_atom_flag'  
5 3 'Structure model' '_struct_site.pdbx_auth_asym_id'       
6 3 'Structure model' '_struct_site.pdbx_auth_comp_id'       
7 3 'Structure model' '_struct_site.pdbx_auth_seq_id'        
# 
_pdbx_database_status.status_code                     REL 
_pdbx_database_status.entry_id                        1WC9 
_pdbx_database_status.deposit_site                    PDBE 
_pdbx_database_status.process_site                    PDBE 
_pdbx_database_status.SG_entry                        . 
_pdbx_database_status.recvd_initial_deposition_date   2004-11-10 
_pdbx_database_status.pdb_format_compatible           Y 
_pdbx_database_status.status_code_sf                  REL 
_pdbx_database_status.status_code_mr                  ? 
_pdbx_database_status.status_code_cs                  ? 
_pdbx_database_status.methods_development_category    ? 
_pdbx_database_status.status_code_nmr_data            ? 
# 
_pdbx_database_related.db_name        PDB 
_pdbx_database_related.db_id          1WC8 
_pdbx_database_related.content_type   unspecified 
_pdbx_database_related.details        'THE CRYSTAL STRUCTURE OF MOUSE BET3P' 
# 
loop_
_audit_author.name 
_audit_author.pdbx_ordinal 
'Kim, Y.-G.' 1 
'Lee, H.-S.' 2 
'Sacher, M.' 3 
'Oh, B.-H.'  4 
# 
_citation.id                        primary 
_citation.title                     
'Crystal Structure of Bet3 Reveals a Novel Mechanism for Golgi Localization of Tethering Factor Trapp' 
_citation.journal_abbrev            Nat.Struct.Mol.Biol. 
_citation.journal_volume            12 
_citation.page_first                38 
_citation.page_last                 ? 
_citation.year                      2005 
_citation.journal_id_ASTM           ? 
_citation.country                   US 
_citation.journal_id_ISSN           1545-9993 
_citation.journal_id_CSD            ? 
_citation.book_publisher            ? 
_citation.pdbx_database_id_PubMed   15608655 
_citation.pdbx_database_id_DOI      10.1038/NSMB871 
# 
loop_
_citation_author.citation_id 
_citation_author.name 
_citation_author.ordinal 
_citation_author.identifier_ORCID 
primary 'Kim, Y.-G.'   1 ? 
primary 'Sohn, E.J.'   2 ? 
primary 'Seo, J.'      3 ? 
primary 'Lee, K.-J.'   4 ? 
primary 'Lee, H.-S.'   5 ? 
primary 'Hwang, I.'    6 ? 
primary 'Whiteway, M.' 7 ? 
primary 'Sacher, M.'   8 ? 
primary 'Oh, B.-H.'    9 ? 
# 
loop_
_entity.id 
_entity.type 
_entity.src_method 
_entity.pdbx_description 
_entity.formula_weight 
_entity.pdbx_number_of_molecules 
_entity.pdbx_ec 
_entity.pdbx_mutation 
_entity.pdbx_fragment 
_entity.details 
1 polymer     man 'TRAFFICKING PROTEIN PARTICLE COMPLEX SUBUNIT3' 18652.301 1   ? ? 'RESIDUES 12-171' ? 
2 non-polymer syn 'MYRISTIC ACID'                                 228.371   1   ? ? ?                 ? 
3 non-polymer syn GLYCEROL                                        92.094    1   ? ? ?                 ? 
4 water       nat water                                           18.015    134 ? ? ?                 ? 
# 
_entity_name_com.entity_id   1 
_entity_name_com.name        'BET3 HOMOLOG, BET3P' 
# 
_entity_poly.entity_id                      1 
_entity_poly.type                           'polypeptide(L)' 
_entity_poly.nstd_linkage                   no 
_entity_poly.nstd_monomer                   no 
_entity_poly.pdbx_seq_one_letter_code       
;GTESKKMSSELFTLTYGALVTQLCKDYENDEDVNKQLDRMGYNIGVRLIEDFLARSNVGRCHDFRETADVIAKVAFKMYL
GITPSITNWSPAGDEFSLILENNPLVDFVELPDNHSALIYSNLLCGVLRGALEMVQMAVEAKFVQDTLKGDGVTEIRMRF
IRRIE
;
_entity_poly.pdbx_seq_one_letter_code_can   
;GTESKKMSSELFTLTYGALVTQLCKDYENDEDVNKQLDRMGYNIGVRLIEDFLARSNVGRCHDFRETADVIAKVAFKMYL
GITPSITNWSPAGDEFSLILENNPLVDFVELPDNHSALIYSNLLCGVLRGALEMVQMAVEAKFVQDTLKGDGVTEIRMRF
IRRIE
;
_entity_poly.pdbx_strand_id                 A 
_entity_poly.pdbx_target_identifier         ? 
# 
loop_
_pdbx_entity_nonpoly.entity_id 
_pdbx_entity_nonpoly.name 
_pdbx_entity_nonpoly.comp_id 
2 'MYRISTIC ACID' MYR 
3 GLYCEROL        GOL 
4 water           HOH 
# 
loop_
_entity_poly_seq.entity_id 
_entity_poly_seq.num 
_entity_poly_seq.mon_id 
_entity_poly_seq.hetero 
1 1   GLY n 
1 2   THR n 
1 3   GLU n 
1 4   SER n 
1 5   LYS n 
1 6   LYS n 
1 7   MET n 
1 8   SER n 
1 9   SER n 
1 10  GLU n 
1 11  LEU n 
1 12  PHE n 
1 13  THR n 
1 14  LEU n 
1 15  THR n 
1 16  TYR n 
1 17  GLY n 
1 18  ALA n 
1 19  LEU n 
1 20  VAL n 
1 21  THR n 
1 22  GLN n 
1 23  LEU n 
1 24  CYS n 
1 25  LYS n 
1 26  ASP n 
1 27  TYR n 
1 28  GLU n 
1 29  ASN n 
1 30  ASP n 
1 31  GLU n 
1 32  ASP n 
1 33  VAL n 
1 34  ASN n 
1 35  LYS n 
1 36  GLN n 
1 37  LEU n 
1 38  ASP n 
1 39  ARG n 
1 40  MET n 
1 41  GLY n 
1 42  TYR n 
1 43  ASN n 
1 44  ILE n 
1 45  GLY n 
1 46  VAL n 
1 47  ARG n 
1 48  LEU n 
1 49  ILE n 
1 50  GLU n 
1 51  ASP n 
1 52  PHE n 
1 53  LEU n 
1 54  ALA n 
1 55  ARG n 
1 56  SER n 
1 57  ASN n 
1 58  VAL n 
1 59  GLY n 
1 60  ARG n 
1 61  CYS n 
1 62  HIS n 
1 63  ASP n 
1 64  PHE n 
1 65  ARG n 
1 66  GLU n 
1 67  THR n 
1 68  ALA n 
1 69  ASP n 
1 70  VAL n 
1 71  ILE n 
1 72  ALA n 
1 73  LYS n 
1 74  VAL n 
1 75  ALA n 
1 76  PHE n 
1 77  LYS n 
1 78  MET n 
1 79  TYR n 
1 80  LEU n 
1 81  GLY n 
1 82  ILE n 
1 83  THR n 
1 84  PRO n 
1 85  SER n 
1 86  ILE n 
1 87  THR n 
1 88  ASN n 
1 89  TRP n 
1 90  SER n 
1 91  PRO n 
1 92  ALA n 
1 93  GLY n 
1 94  ASP n 
1 95  GLU n 
1 96  PHE n 
1 97  SER n 
1 98  LEU n 
1 99  ILE n 
1 100 LEU n 
1 101 GLU n 
1 102 ASN n 
1 103 ASN n 
1 104 PRO n 
1 105 LEU n 
1 106 VAL n 
1 107 ASP n 
1 108 PHE n 
1 109 VAL n 
1 110 GLU n 
1 111 LEU n 
1 112 PRO n 
1 113 ASP n 
1 114 ASN n 
1 115 HIS n 
1 116 SER n 
1 117 ALA n 
1 118 LEU n 
1 119 ILE n 
1 120 TYR n 
1 121 SER n 
1 122 ASN n 
1 123 LEU n 
1 124 LEU n 
1 125 CYS n 
1 126 GLY n 
1 127 VAL n 
1 128 LEU n 
1 129 ARG n 
1 130 GLY n 
1 131 ALA n 
1 132 LEU n 
1 133 GLU n 
1 134 MET n 
1 135 VAL n 
1 136 GLN n 
1 137 MET n 
1 138 ALA n 
1 139 VAL n 
1 140 GLU n 
1 141 ALA n 
1 142 LYS n 
1 143 PHE n 
1 144 VAL n 
1 145 GLN n 
1 146 ASP n 
1 147 THR n 
1 148 LEU n 
1 149 LYS n 
1 150 GLY n 
1 151 ASP n 
1 152 GLY n 
1 153 VAL n 
1 154 THR n 
1 155 GLU n 
1 156 ILE n 
1 157 ARG n 
1 158 MET n 
1 159 ARG n 
1 160 PHE n 
1 161 ILE n 
1 162 ARG n 
1 163 ARG n 
1 164 ILE n 
1 165 GLU n 
# 
_entity_src_gen.entity_id                          1 
_entity_src_gen.pdbx_src_id                        1 
_entity_src_gen.pdbx_alt_source_flag               sample 
_entity_src_gen.pdbx_seq_type                      ? 
_entity_src_gen.pdbx_beg_seq_num                   ? 
_entity_src_gen.pdbx_end_seq_num                   ? 
_entity_src_gen.gene_src_common_name               MOUSE 
_entity_src_gen.gene_src_genus                     ? 
_entity_src_gen.pdbx_gene_src_gene                 ? 
_entity_src_gen.gene_src_species                   ? 
_entity_src_gen.gene_src_strain                    ? 
_entity_src_gen.gene_src_tissue                    ? 
_entity_src_gen.gene_src_tissue_fraction           ? 
_entity_src_gen.gene_src_details                   ? 
_entity_src_gen.pdbx_gene_src_fragment             ? 
_entity_src_gen.pdbx_gene_src_scientific_name      'MUS MUSCULUS' 
_entity_src_gen.pdbx_gene_src_ncbi_taxonomy_id     10090 
_entity_src_gen.pdbx_gene_src_variant              ? 
_entity_src_gen.pdbx_gene_src_cell_line            ? 
_entity_src_gen.pdbx_gene_src_atcc                 ? 
_entity_src_gen.pdbx_gene_src_organ                ? 
_entity_src_gen.pdbx_gene_src_organelle            ? 
_entity_src_gen.pdbx_gene_src_cell                 ? 
_entity_src_gen.pdbx_gene_src_cellular_location    ? 
_entity_src_gen.host_org_common_name               ? 
_entity_src_gen.pdbx_host_org_scientific_name      'ESCHERICHIA COLI' 
_entity_src_gen.pdbx_host_org_ncbi_taxonomy_id     469008 
_entity_src_gen.host_org_genus                     ? 
_entity_src_gen.pdbx_host_org_gene                 ? 
_entity_src_gen.pdbx_host_org_organ                ? 
_entity_src_gen.host_org_species                   ? 
_entity_src_gen.pdbx_host_org_tissue               ? 
_entity_src_gen.pdbx_host_org_tissue_fraction      ? 
_entity_src_gen.pdbx_host_org_strain               'BL21(DE3)' 
_entity_src_gen.pdbx_host_org_variant              ? 
_entity_src_gen.pdbx_host_org_cell_line            ? 
_entity_src_gen.pdbx_host_org_atcc                 ? 
_entity_src_gen.pdbx_host_org_culture_collection   ? 
_entity_src_gen.pdbx_host_org_cell                 ? 
_entity_src_gen.pdbx_host_org_organelle            ? 
_entity_src_gen.pdbx_host_org_cellular_location    ? 
_entity_src_gen.pdbx_host_org_vector_type          ? 
_entity_src_gen.pdbx_host_org_vector               ? 
_entity_src_gen.host_org_details                   ? 
_entity_src_gen.expression_system_id               ? 
_entity_src_gen.plasmid_name                       'PGEX 4T1' 
_entity_src_gen.plasmid_details                    ? 
_entity_src_gen.pdbx_description                   ? 
# 
loop_
_chem_comp.id 
_chem_comp.type 
_chem_comp.mon_nstd_flag 
_chem_comp.name 
_chem_comp.pdbx_synonyms 
_chem_comp.formula 
_chem_comp.formula_weight 
ALA 'L-peptide linking' y ALANINE         ?                               'C3 H7 N O2'     89.093  
ARG 'L-peptide linking' y ARGININE        ?                               'C6 H15 N4 O2 1' 175.209 
ASN 'L-peptide linking' y ASPARAGINE      ?                               'C4 H8 N2 O3'    132.118 
ASP 'L-peptide linking' y 'ASPARTIC ACID' ?                               'C4 H7 N O4'     133.103 
CYS 'L-peptide linking' y CYSTEINE        ?                               'C3 H7 N O2 S'   121.158 
GLN 'L-peptide linking' y GLUTAMINE       ?                               'C5 H10 N2 O3'   146.144 
GLU 'L-peptide linking' y 'GLUTAMIC ACID' ?                               'C5 H9 N O4'     147.129 
GLY 'peptide linking'   y GLYCINE         ?                               'C2 H5 N O2'     75.067  
GOL non-polymer         . GLYCEROL        'GLYCERIN; PROPANE-1,2,3-TRIOL' 'C3 H8 O3'       92.094  
HIS 'L-peptide linking' y HISTIDINE       ?                               'C6 H10 N3 O2 1' 156.162 
HOH non-polymer         . WATER           ?                               'H2 O'           18.015  
ILE 'L-peptide linking' y ISOLEUCINE      ?                               'C6 H13 N O2'    131.173 
LEU 'L-peptide linking' y LEUCINE         ?                               'C6 H13 N O2'    131.173 
LYS 'L-peptide linking' y LYSINE          ?                               'C6 H15 N2 O2 1' 147.195 
MET 'L-peptide linking' y METHIONINE      ?                               'C5 H11 N O2 S'  149.211 
MYR non-polymer         . 'MYRISTIC ACID' ?                               'C14 H28 O2'     228.371 
PHE 'L-peptide linking' y PHENYLALANINE   ?                               'C9 H11 N O2'    165.189 
PRO 'L-peptide linking' y PROLINE         ?                               'C5 H9 N O2'     115.130 
SER 'L-peptide linking' y SERINE          ?                               'C3 H7 N O3'     105.093 
THR 'L-peptide linking' y THREONINE       ?                               'C4 H9 N O3'     119.119 
TRP 'L-peptide linking' y TRYPTOPHAN      ?                               'C11 H12 N2 O2'  204.225 
TYR 'L-peptide linking' y TYROSINE        ?                               'C9 H11 N O3'    181.189 
VAL 'L-peptide linking' y VALINE          ?                               'C5 H11 N O2'    117.146 
# 
loop_
_pdbx_poly_seq_scheme.asym_id 
_pdbx_poly_seq_scheme.entity_id 
_pdbx_poly_seq_scheme.seq_id 
_pdbx_poly_seq_scheme.mon_id 
_pdbx_poly_seq_scheme.ndb_seq_num 
_pdbx_poly_seq_scheme.pdb_seq_num 
_pdbx_poly_seq_scheme.auth_seq_num 
_pdbx_poly_seq_scheme.pdb_mon_id 
_pdbx_poly_seq_scheme.auth_mon_id 
_pdbx_poly_seq_scheme.pdb_strand_id 
_pdbx_poly_seq_scheme.pdb_ins_code 
_pdbx_poly_seq_scheme.hetero 
A 1 1   GLY 1   8   ?   ?   ?   A . n 
A 1 2   THR 2   9   ?   ?   ?   A . n 
A 1 3   GLU 3   10  ?   ?   ?   A . n 
A 1 4   SER 4   11  ?   ?   ?   A . n 
A 1 5   LYS 5   12  12  LYS LYS A . n 
A 1 6   LYS 6   13  13  LYS LYS A . n 
A 1 7   MET 7   14  14  MET MET A . n 
A 1 8   SER 8   15  15  SER SER A . n 
A 1 9   SER 9   16  16  SER SER A . n 
A 1 10  GLU 10  17  17  GLU GLU A . n 
A 1 11  LEU 11  18  18  LEU LEU A . n 
A 1 12  PHE 12  19  19  PHE PHE A . n 
A 1 13  THR 13  20  20  THR THR A . n 
A 1 14  LEU 14  21  21  LEU LEU A . n 
A 1 15  THR 15  22  22  THR THR A . n 
A 1 16  TYR 16  23  23  TYR TYR A . n 
A 1 17  GLY 17  24  24  GLY GLY A . n 
A 1 18  ALA 18  25  25  ALA ALA A . n 
A 1 19  LEU 19  26  26  LEU LEU A . n 
A 1 20  VAL 20  27  27  VAL VAL A . n 
A 1 21  THR 21  28  28  THR THR A . n 
A 1 22  GLN 22  29  29  GLN GLN A . n 
A 1 23  LEU 23  30  30  LEU LEU A . n 
A 1 24  CYS 24  31  31  CYS CYS A . n 
A 1 25  LYS 25  32  32  LYS LYS A . n 
A 1 26  ASP 26  33  33  ASP ASP A . n 
A 1 27  TYR 27  34  34  TYR TYR A . n 
A 1 28  GLU 28  35  35  GLU GLU A . n 
A 1 29  ASN 29  36  36  ASN ASN A . n 
A 1 30  ASP 30  37  37  ASP ASP A . n 
A 1 31  GLU 31  38  38  GLU GLU A . n 
A 1 32  ASP 32  39  39  ASP ASP A . n 
A 1 33  VAL 33  40  40  VAL VAL A . n 
A 1 34  ASN 34  41  41  ASN ASN A . n 
A 1 35  LYS 35  42  42  LYS LYS A . n 
A 1 36  GLN 36  43  43  GLN GLN A . n 
A 1 37  LEU 37  44  44  LEU LEU A . n 
A 1 38  ASP 38  45  45  ASP ASP A . n 
A 1 39  ARG 39  46  46  ARG ARG A . n 
A 1 40  MET 40  47  47  MET MET A . n 
A 1 41  GLY 41  48  48  GLY GLY A . n 
A 1 42  TYR 42  49  49  TYR TYR A . n 
A 1 43  ASN 43  50  50  ASN ASN A . n 
A 1 44  ILE 44  51  51  ILE ILE A . n 
A 1 45  GLY 45  52  52  GLY GLY A . n 
A 1 46  VAL 46  53  53  VAL VAL A . n 
A 1 47  ARG 47  54  54  ARG ARG A . n 
A 1 48  LEU 48  55  55  LEU LEU A . n 
A 1 49  ILE 49  56  56  ILE ILE A . n 
A 1 50  GLU 50  57  57  GLU GLU A . n 
A 1 51  ASP 51  58  58  ASP ASP A . n 
A 1 52  PHE 52  59  59  PHE PHE A . n 
A 1 53  LEU 53  60  60  LEU LEU A . n 
A 1 54  ALA 54  61  61  ALA ALA A . n 
A 1 55  ARG 55  62  62  ARG ARG A . n 
A 1 56  SER 56  63  63  SER SER A . n 
A 1 57  ASN 57  64  64  ASN ASN A . n 
A 1 58  VAL 58  65  65  VAL VAL A . n 
A 1 59  GLY 59  66  66  GLY GLY A . n 
A 1 60  ARG 60  67  67  ARG ARG A . n 
A 1 61  CYS 61  68  68  CYS CYS A . n 
A 1 62  HIS 62  69  69  HIS HIS A . n 
A 1 63  ASP 63  70  70  ASP ASP A . n 
A 1 64  PHE 64  71  71  PHE PHE A . n 
A 1 65  ARG 65  72  72  ARG ARG A . n 
A 1 66  GLU 66  73  73  GLU GLU A . n 
A 1 67  THR 67  74  74  THR THR A . n 
A 1 68  ALA 68  75  75  ALA ALA A . n 
A 1 69  ASP 69  76  76  ASP ASP A . n 
A 1 70  VAL 70  77  77  VAL VAL A . n 
A 1 71  ILE 71  78  78  ILE ILE A . n 
A 1 72  ALA 72  79  79  ALA ALA A . n 
A 1 73  LYS 73  80  80  LYS LYS A . n 
A 1 74  VAL 74  81  81  VAL VAL A . n 
A 1 75  ALA 75  82  82  ALA ALA A . n 
A 1 76  PHE 76  83  83  PHE PHE A . n 
A 1 77  LYS 77  84  84  LYS LYS A . n 
A 1 78  MET 78  85  85  MET MET A . n 
A 1 79  TYR 79  86  86  TYR TYR A . n 
A 1 80  LEU 80  87  87  LEU LEU A . n 
A 1 81  GLY 81  88  88  GLY GLY A . n 
A 1 82  ILE 82  89  89  ILE ILE A . n 
A 1 83  THR 83  90  90  THR THR A . n 
A 1 84  PRO 84  91  91  PRO PRO A . n 
A 1 85  SER 85  92  92  SER SER A . n 
A 1 86  ILE 86  93  93  ILE ILE A . n 
A 1 87  THR 87  94  94  THR THR A . n 
A 1 88  ASN 88  95  95  ASN ASN A . n 
A 1 89  TRP 89  96  96  TRP TRP A . n 
A 1 90  SER 90  97  97  SER SER A . n 
A 1 91  PRO 91  98  98  PRO PRO A . n 
A 1 92  ALA 92  99  99  ALA ALA A . n 
A 1 93  GLY 93  100 100 GLY GLY A . n 
A 1 94  ASP 94  101 101 ASP ASP A . n 
A 1 95  GLU 95  102 102 GLU GLU A . n 
A 1 96  PHE 96  103 103 PHE PHE A . n 
A 1 97  SER 97  104 104 SER SER A . n 
A 1 98  LEU 98  105 105 LEU LEU A . n 
A 1 99  ILE 99  106 106 ILE ILE A . n 
A 1 100 LEU 100 107 107 LEU LEU A . n 
A 1 101 GLU 101 108 108 GLU GLU A . n 
A 1 102 ASN 102 109 109 ASN ASN A . n 
A 1 103 ASN 103 110 110 ASN ASN A . n 
A 1 104 PRO 104 111 111 PRO PRO A . n 
A 1 105 LEU 105 112 112 LEU LEU A . n 
A 1 106 VAL 106 113 113 VAL VAL A . n 
A 1 107 ASP 107 114 114 ASP ASP A . n 
A 1 108 PHE 108 115 115 PHE PHE A . n 
A 1 109 VAL 109 116 116 VAL VAL A . n 
A 1 110 GLU 110 117 117 GLU GLU A . n 
A 1 111 LEU 111 118 118 LEU LEU A . n 
A 1 112 PRO 112 119 119 PRO PRO A . n 
A 1 113 ASP 113 120 120 ASP ASP A . n 
A 1 114 ASN 114 121 121 ASN ASN A . n 
A 1 115 HIS 115 122 122 HIS HIS A . n 
A 1 116 SER 116 123 123 SER SER A . n 
A 1 117 ALA 117 124 124 ALA ALA A . n 
A 1 118 LEU 118 125 125 LEU LEU A . n 
A 1 119 ILE 119 126 126 ILE ILE A . n 
A 1 120 TYR 120 127 127 TYR TYR A . n 
A 1 121 SER 121 128 128 SER SER A . n 
A 1 122 ASN 122 129 129 ASN ASN A . n 
A 1 123 LEU 123 130 130 LEU LEU A . n 
A 1 124 LEU 124 131 131 LEU LEU A . n 
A 1 125 CYS 125 132 132 CYS CYS A . n 
A 1 126 GLY 126 133 133 GLY GLY A . n 
A 1 127 VAL 127 134 134 VAL VAL A . n 
A 1 128 LEU 128 135 135 LEU LEU A . n 
A 1 129 ARG 129 136 136 ARG ARG A . n 
A 1 130 GLY 130 137 137 GLY GLY A . n 
A 1 131 ALA 131 138 138 ALA ALA A . n 
A 1 132 LEU 132 139 139 LEU LEU A . n 
A 1 133 GLU 133 140 140 GLU GLU A . n 
A 1 134 MET 134 141 141 MET MET A . n 
A 1 135 VAL 135 142 142 VAL VAL A . n 
A 1 136 GLN 136 143 143 GLN GLN A . n 
A 1 137 MET 137 144 144 MET MET A . n 
A 1 138 ALA 138 145 145 ALA ALA A . n 
A 1 139 VAL 139 146 146 VAL VAL A . n 
A 1 140 GLU 140 147 147 GLU GLU A . n 
A 1 141 ALA 141 148 148 ALA ALA A . n 
A 1 142 LYS 142 149 149 LYS LYS A . n 
A 1 143 PHE 143 150 150 PHE PHE A . n 
A 1 144 VAL 144 151 151 VAL VAL A . n 
A 1 145 GLN 145 152 152 GLN GLN A . n 
A 1 146 ASP 146 153 153 ASP ASP A . n 
A 1 147 THR 147 154 154 THR THR A . n 
A 1 148 LEU 148 155 155 LEU LEU A . n 
A 1 149 LYS 149 156 156 LYS LYS A . n 
A 1 150 GLY 150 157 157 GLY GLY A . n 
A 1 151 ASP 151 158 158 ASP ASP A . n 
A 1 152 GLY 152 159 159 GLY GLY A . n 
A 1 153 VAL 153 160 160 VAL VAL A . n 
A 1 154 THR 154 161 161 THR THR A . n 
A 1 155 GLU 155 162 162 GLU GLU A . n 
A 1 156 ILE 156 163 163 ILE ILE A . n 
A 1 157 ARG 157 164 164 ARG ARG A . n 
A 1 158 MET 158 165 165 MET MET A . n 
A 1 159 ARG 159 166 166 ARG ARG A . n 
A 1 160 PHE 160 167 167 PHE PHE A . n 
A 1 161 ILE 161 168 168 ILE ILE A . n 
A 1 162 ARG 162 169 169 ARG ARG A . n 
A 1 163 ARG 163 170 170 ARG ARG A . n 
A 1 164 ILE 164 171 171 ILE ILE A . n 
A 1 165 GLU 165 172 172 GLU GLU A . n 
# 
loop_
_pdbx_nonpoly_scheme.asym_id 
_pdbx_nonpoly_scheme.entity_id 
_pdbx_nonpoly_scheme.mon_id 
_pdbx_nonpoly_scheme.ndb_seq_num 
_pdbx_nonpoly_scheme.pdb_seq_num 
_pdbx_nonpoly_scheme.auth_seq_num 
_pdbx_nonpoly_scheme.pdb_mon_id 
_pdbx_nonpoly_scheme.auth_mon_id 
_pdbx_nonpoly_scheme.pdb_strand_id 
_pdbx_nonpoly_scheme.pdb_ins_code 
B 2 MYR 1   1172 1172 MYR MYR A . 
C 3 GOL 1   1173 1173 GOL GOL A . 
D 4 HOH 1   2001 2001 HOH HOH A . 
D 4 HOH 2   2002 2002 HOH HOH A . 
D 4 HOH 3   2003 2003 HOH HOH A . 
D 4 HOH 4   2004 2004 HOH HOH A . 
D 4 HOH 5   2005 2005 HOH HOH A . 
D 4 HOH 6   2006 2006 HOH HOH A . 
D 4 HOH 7   2007 2007 HOH HOH A . 
D 4 HOH 8   2008 2008 HOH HOH A . 
D 4 HOH 9   2009 2009 HOH HOH A . 
D 4 HOH 10  2010 2010 HOH HOH A . 
D 4 HOH 11  2011 2011 HOH HOH A . 
D 4 HOH 12  2012 2012 HOH HOH A . 
D 4 HOH 13  2013 2013 HOH HOH A . 
D 4 HOH 14  2014 2014 HOH HOH A . 
D 4 HOH 15  2015 2015 HOH HOH A . 
D 4 HOH 16  2016 2016 HOH HOH A . 
D 4 HOH 17  2017 2017 HOH HOH A . 
D 4 HOH 18  2018 2018 HOH HOH A . 
D 4 HOH 19  2019 2019 HOH HOH A . 
D 4 HOH 20  2020 2020 HOH HOH A . 
D 4 HOH 21  2021 2021 HOH HOH A . 
D 4 HOH 22  2022 2022 HOH HOH A . 
D 4 HOH 23  2023 2023 HOH HOH A . 
D 4 HOH 24  2024 2024 HOH HOH A . 
D 4 HOH 25  2025 2025 HOH HOH A . 
D 4 HOH 26  2026 2026 HOH HOH A . 
D 4 HOH 27  2027 2027 HOH HOH A . 
D 4 HOH 28  2028 2028 HOH HOH A . 
D 4 HOH 29  2029 2029 HOH HOH A . 
D 4 HOH 30  2030 2030 HOH HOH A . 
D 4 HOH 31  2031 2031 HOH HOH A . 
D 4 HOH 32  2032 2032 HOH HOH A . 
D 4 HOH 33  2033 2033 HOH HOH A . 
D 4 HOH 34  2034 2034 HOH HOH A . 
D 4 HOH 35  2035 2035 HOH HOH A . 
D 4 HOH 36  2036 2036 HOH HOH A . 
D 4 HOH 37  2037 2037 HOH HOH A . 
D 4 HOH 38  2038 2038 HOH HOH A . 
D 4 HOH 39  2039 2039 HOH HOH A . 
D 4 HOH 40  2040 2040 HOH HOH A . 
D 4 HOH 41  2041 2041 HOH HOH A . 
D 4 HOH 42  2042 2042 HOH HOH A . 
D 4 HOH 43  2043 2043 HOH HOH A . 
D 4 HOH 44  2044 2044 HOH HOH A . 
D 4 HOH 45  2045 2045 HOH HOH A . 
D 4 HOH 46  2046 2046 HOH HOH A . 
D 4 HOH 47  2047 2047 HOH HOH A . 
D 4 HOH 48  2048 2048 HOH HOH A . 
D 4 HOH 49  2049 2049 HOH HOH A . 
D 4 HOH 50  2050 2050 HOH HOH A . 
D 4 HOH 51  2051 2051 HOH HOH A . 
D 4 HOH 52  2052 2052 HOH HOH A . 
D 4 HOH 53  2053 2053 HOH HOH A . 
D 4 HOH 54  2054 2054 HOH HOH A . 
D 4 HOH 55  2055 2055 HOH HOH A . 
D 4 HOH 56  2056 2056 HOH HOH A . 
D 4 HOH 57  2057 2057 HOH HOH A . 
D 4 HOH 58  2058 2058 HOH HOH A . 
D 4 HOH 59  2059 2059 HOH HOH A . 
D 4 HOH 60  2060 2060 HOH HOH A . 
D 4 HOH 61  2061 2061 HOH HOH A . 
D 4 HOH 62  2062 2062 HOH HOH A . 
D 4 HOH 63  2063 2063 HOH HOH A . 
D 4 HOH 64  2064 2064 HOH HOH A . 
D 4 HOH 65  2065 2065 HOH HOH A . 
D 4 HOH 66  2066 2066 HOH HOH A . 
D 4 HOH 67  2067 2067 HOH HOH A . 
D 4 HOH 68  2068 2068 HOH HOH A . 
D 4 HOH 69  2069 2069 HOH HOH A . 
D 4 HOH 70  2070 2070 HOH HOH A . 
D 4 HOH 71  2071 2071 HOH HOH A . 
D 4 HOH 72  2072 2072 HOH HOH A . 
D 4 HOH 73  2073 2073 HOH HOH A . 
D 4 HOH 74  2074 2074 HOH HOH A . 
D 4 HOH 75  2075 2075 HOH HOH A . 
D 4 HOH 76  2076 2076 HOH HOH A . 
D 4 HOH 77  2077 2077 HOH HOH A . 
D 4 HOH 78  2078 2078 HOH HOH A . 
D 4 HOH 79  2079 2079 HOH HOH A . 
D 4 HOH 80  2080 2080 HOH HOH A . 
D 4 HOH 81  2081 2081 HOH HOH A . 
D 4 HOH 82  2082 2082 HOH HOH A . 
D 4 HOH 83  2083 2083 HOH HOH A . 
D 4 HOH 84  2084 2084 HOH HOH A . 
D 4 HOH 85  2085 2085 HOH HOH A . 
D 4 HOH 86  2086 2086 HOH HOH A . 
D 4 HOH 87  2087 2087 HOH HOH A . 
D 4 HOH 88  2088 2088 HOH HOH A . 
D 4 HOH 89  2089 2089 HOH HOH A . 
D 4 HOH 90  2090 2090 HOH HOH A . 
D 4 HOH 91  2091 2091 HOH HOH A . 
D 4 HOH 92  2092 2092 HOH HOH A . 
D 4 HOH 93  2093 2093 HOH HOH A . 
D 4 HOH 94  2094 2094 HOH HOH A . 
D 4 HOH 95  2095 2095 HOH HOH A . 
D 4 HOH 96  2096 2096 HOH HOH A . 
D 4 HOH 97  2097 2097 HOH HOH A . 
D 4 HOH 98  2098 2098 HOH HOH A . 
D 4 HOH 99  2099 2099 HOH HOH A . 
D 4 HOH 100 2100 2100 HOH HOH A . 
D 4 HOH 101 2101 2101 HOH HOH A . 
D 4 HOH 102 2102 2102 HOH HOH A . 
D 4 HOH 103 2103 2103 HOH HOH A . 
D 4 HOH 104 2104 2104 HOH HOH A . 
D 4 HOH 105 2105 2105 HOH HOH A . 
D 4 HOH 106 2106 2106 HOH HOH A . 
D 4 HOH 107 2107 2107 HOH HOH A . 
D 4 HOH 108 2108 2108 HOH HOH A . 
D 4 HOH 109 2109 2109 HOH HOH A . 
D 4 HOH 110 2110 2110 HOH HOH A . 
D 4 HOH 111 2111 2111 HOH HOH A . 
D 4 HOH 112 2112 2112 HOH HOH A . 
D 4 HOH 113 2113 2113 HOH HOH A . 
D 4 HOH 114 2114 2114 HOH HOH A . 
D 4 HOH 115 2115 2115 HOH HOH A . 
D 4 HOH 116 2116 2116 HOH HOH A . 
D 4 HOH 117 2117 2117 HOH HOH A . 
D 4 HOH 118 2118 2118 HOH HOH A . 
D 4 HOH 119 2119 2119 HOH HOH A . 
D 4 HOH 120 2120 2120 HOH HOH A . 
D 4 HOH 121 2121 2121 HOH HOH A . 
D 4 HOH 122 2122 2122 HOH HOH A . 
D 4 HOH 123 2123 2123 HOH HOH A . 
D 4 HOH 124 2124 2124 HOH HOH A . 
D 4 HOH 125 2125 2125 HOH HOH A . 
D 4 HOH 126 2126 2126 HOH HOH A . 
D 4 HOH 127 2127 2127 HOH HOH A . 
D 4 HOH 128 2128 2128 HOH HOH A . 
D 4 HOH 129 2129 2129 HOH HOH A . 
D 4 HOH 130 2130 2130 HOH HOH A . 
D 4 HOH 131 2131 2131 HOH HOH A . 
D 4 HOH 132 2132 2132 HOH HOH A . 
D 4 HOH 133 2133 2133 HOH HOH A . 
D 4 HOH 134 2134 2134 HOH HOH A . 
# 
loop_
_pdbx_unobs_or_zero_occ_atoms.id 
_pdbx_unobs_or_zero_occ_atoms.PDB_model_num 
_pdbx_unobs_or_zero_occ_atoms.polymer_flag 
_pdbx_unobs_or_zero_occ_atoms.occupancy_flag 
_pdbx_unobs_or_zero_occ_atoms.auth_asym_id 
_pdbx_unobs_or_zero_occ_atoms.auth_comp_id 
_pdbx_unobs_or_zero_occ_atoms.auth_seq_id 
_pdbx_unobs_or_zero_occ_atoms.PDB_ins_code 
_pdbx_unobs_or_zero_occ_atoms.auth_atom_id 
_pdbx_unobs_or_zero_occ_atoms.label_alt_id 
_pdbx_unobs_or_zero_occ_atoms.label_asym_id 
_pdbx_unobs_or_zero_occ_atoms.label_comp_id 
_pdbx_unobs_or_zero_occ_atoms.label_seq_id 
_pdbx_unobs_or_zero_occ_atoms.label_atom_id 
1  1 Y 1 A LYS 12  ? CG  ? A LYS 5   CG  
2  1 Y 1 A LYS 12  ? CD  ? A LYS 5   CD  
3  1 Y 1 A LYS 12  ? CE  ? A LYS 5   CE  
4  1 Y 1 A LYS 12  ? NZ  ? A LYS 5   NZ  
5  1 Y 1 A GLU 117 ? CG  ? A GLU 110 CG  
6  1 Y 1 A GLU 117 ? CD  ? A GLU 110 CD  
7  1 Y 1 A GLU 117 ? OE1 ? A GLU 110 OE1 
8  1 Y 1 A GLU 117 ? OE2 ? A GLU 110 OE2 
9  1 Y 1 A ASP 120 ? CG  ? A ASP 113 CG  
10 1 Y 1 A ASP 120 ? OD1 ? A ASP 113 OD1 
11 1 Y 1 A ASP 120 ? OD2 ? A ASP 113 OD2 
12 1 Y 1 A ASN 121 ? CG  ? A ASN 114 CG  
13 1 Y 1 A ASN 121 ? OD1 ? A ASN 114 OD1 
14 1 Y 1 A ASN 121 ? ND2 ? A ASN 114 ND2 
15 1 Y 1 A GLU 172 ? CA  ? A GLU 165 CA  
16 1 Y 1 A GLU 172 ? C   ? A GLU 165 C   
17 1 Y 1 A GLU 172 ? O   ? A GLU 165 O   
18 1 Y 1 A GLU 172 ? CB  ? A GLU 165 CB  
19 1 Y 1 A GLU 172 ? CG  ? A GLU 165 CG  
20 1 Y 1 A GLU 172 ? CD  ? A GLU 165 CD  
21 1 Y 1 A GLU 172 ? OE1 ? A GLU 165 OE1 
22 1 Y 1 A GLU 172 ? OE2 ? A GLU 165 OE2 
# 
loop_
_software.name 
_software.classification 
_software.version 
_software.citation_id 
_software.pdbx_ordinal 
CNS       refinement     . ? 1 
SCALEPACK 'data scaling' . ? 2 
# 
_cell.entry_id           1WC9 
_cell.length_a           72.703 
_cell.length_b           72.703 
_cell.length_c           56.532 
_cell.angle_alpha        90.00 
_cell.angle_beta         90.00 
_cell.angle_gamma        120.00 
_cell.Z_PDB              6 
_cell.pdbx_unique_axis   ? 
# 
_symmetry.entry_id                         1WC9 
_symmetry.space_group_name_H-M             'P 31 2 1' 
_symmetry.pdbx_full_space_group_name_H-M   ? 
_symmetry.cell_setting                     ? 
_symmetry.Int_Tables_number                152 
# 
_exptl.entry_id          1WC9 
_exptl.method            'X-RAY DIFFRACTION' 
_exptl.crystals_number   ? 
# 
_exptl_crystal.id                    1 
_exptl_crystal.density_meas          ? 
_exptl_crystal.density_Matthews      2.31 
_exptl_crystal.density_percent_sol   46.81 
_exptl_crystal.description           ? 
# 
_exptl_crystal_grow.crystal_id      1 
_exptl_crystal_grow.method          ? 
_exptl_crystal_grow.temp            ? 
_exptl_crystal_grow.temp_details    ? 
_exptl_crystal_grow.pH              4.50 
_exptl_crystal_grow.pdbx_pH_range   ? 
_exptl_crystal_grow.pdbx_details    
'28% POLYETHYLENE GLYCOL MONOMETHYL ETHER 2000, 0.2 M AMMONIUM SULFATE, AND 0.1 M SODIUM ACETATE (PH 4.5)' 
# 
_diffrn.id                     1 
_diffrn.ambient_temp           93.0 
_diffrn.ambient_temp_details   ? 
_diffrn.crystal_id             1 
# 
_diffrn_radiation.diffrn_id                        1 
_diffrn_radiation.wavelength_id                    1 
_diffrn_radiation.pdbx_monochromatic_or_laue_m_l   M 
_diffrn_radiation.monochromator                    ? 
_diffrn_radiation.pdbx_diffrn_protocol             'SINGLE WAVELENGTH' 
_diffrn_radiation.pdbx_scattering_type             x-ray 
# 
_diffrn_radiation_wavelength.id           1 
_diffrn_radiation_wavelength.wavelength   1.5418 
_diffrn_radiation_wavelength.wt           1.0 
# 
_diffrn_source.diffrn_id                   1 
_diffrn_source.source                      'ROTATING ANODE' 
_diffrn_source.type                        'RIGAKU RU200' 
_diffrn_source.pdbx_synchrotron_site       ? 
_diffrn_source.pdbx_synchrotron_beamline   ? 
_diffrn_source.pdbx_wavelength             1.5418 
_diffrn_source.pdbx_wavelength_list        ? 
# 
_reflns.pdbx_diffrn_id               1 
_reflns.pdbx_ordinal                 1 
_reflns.entry_id                     1WC9 
_reflns.observed_criterion_sigma_I   1.000 
_reflns.observed_criterion_sigma_F   ? 
_reflns.d_resolution_low             30.000 
_reflns.d_resolution_high            1.600 
_reflns.number_obs                   22697 
_reflns.number_all                   ? 
_reflns.percent_possible_obs         96.3 
_reflns.pdbx_Rmerge_I_obs            0.04000 
_reflns.pdbx_Rsym_value              ? 
_reflns.pdbx_netI_over_sigmaI        ? 
_reflns.B_iso_Wilson_estimate        ? 
_reflns.pdbx_redundancy              8.800 
# 
_refine.pdbx_refine_id                           'X-RAY DIFFRACTION' 
_refine.entry_id                                 1WC9 
_refine.pdbx_diffrn_id                           1 
_refine.pdbx_TLS_residual_ADP_flag               ? 
_refine.ls_number_reflns_obs                     22697 
_refine.ls_number_reflns_all                     ? 
_refine.pdbx_ls_sigma_I                          ? 
_refine.pdbx_ls_sigma_F                          1.0 
_refine.pdbx_data_cutoff_high_absF               ? 
_refine.pdbx_data_cutoff_low_absF                ? 
_refine.pdbx_data_cutoff_high_rms_absF           ? 
_refine.ls_d_res_low                             30.0 
_refine.ls_d_res_high                            1.60 
_refine.ls_percent_reflns_obs                    98.1 
_refine.ls_R_factor_obs                          0.2066 
_refine.ls_R_factor_all                          ? 
_refine.ls_R_factor_R_work                       0.2066 
_refine.ls_R_factor_R_free                       0.2271 
_refine.ls_R_factor_R_free_error                 ? 
_refine.ls_R_factor_R_free_error_details         ? 
_refine.ls_percent_reflns_R_free                 4.8 
_refine.ls_number_reflns_R_free                  1106 
_refine.ls_number_parameters                     ? 
_refine.ls_number_restraints                     ? 
_refine.occupancy_min                            ? 
_refine.occupancy_max                            ? 
_refine.correlation_coeff_Fo_to_Fc               ? 
_refine.correlation_coeff_Fo_to_Fc_free          ? 
_refine.B_iso_mean                               ? 
_refine.aniso_B[1][1]                            0.995 
_refine.aniso_B[2][2]                            0.995 
_refine.aniso_B[3][3]                            -1.990 
_refine.aniso_B[1][2]                            0.236 
_refine.aniso_B[1][3]                            0.000 
_refine.aniso_B[2][3]                            0.000 
_refine.solvent_model_details                    ? 
_refine.solvent_model_param_ksol                 0.397227 
_refine.solvent_model_param_bsol                 44.8489 
_refine.pdbx_solvent_vdw_probe_radii             ? 
_refine.pdbx_solvent_ion_probe_radii             ? 
_refine.pdbx_solvent_shrinkage_radii             ? 
_refine.pdbx_ls_cross_valid_method               THROUGHOUT 
_refine.details                                  ? 
_refine.pdbx_starting_model                      ? 
_refine.pdbx_method_to_determine_struct          OTHER 
_refine.pdbx_isotropic_thermal_model             ? 
_refine.pdbx_stereochemistry_target_values       ? 
_refine.pdbx_stereochem_target_val_spec_case     ? 
_refine.pdbx_R_Free_selection_details            RANDOM 
_refine.pdbx_overall_ESU_R                       ? 
_refine.pdbx_overall_ESU_R_Free                  ? 
_refine.overall_SU_ML                            ? 
_refine.pdbx_overall_phase_error                 ? 
_refine.overall_SU_B                             ? 
_refine.overall_SU_R_Cruickshank_DPI             ? 
_refine.pdbx_overall_SU_R_free_Cruickshank_DPI   ? 
_refine.pdbx_overall_SU_R_Blow_DPI               ? 
_refine.pdbx_overall_SU_R_free_Blow_DPI          ? 
# 
_refine_hist.pdbx_refine_id                   'X-RAY DIFFRACTION' 
_refine_hist.cycle_id                         LAST 
_refine_hist.pdbx_number_atoms_protein        1257 
_refine_hist.pdbx_number_atoms_nucleic_acid   0 
_refine_hist.pdbx_number_atoms_ligand         21 
_refine_hist.number_atoms_solvent             134 
_refine_hist.number_atoms_total               1412 
_refine_hist.d_res_high                       1.60 
_refine_hist.d_res_low                        30.0 
# 
loop_
_refine_ls_restr.type 
_refine_ls_restr.dev_ideal 
_refine_ls_restr.dev_ideal_target 
_refine_ls_restr.weight 
_refine_ls_restr.number 
_refine_ls_restr.pdbx_refine_id 
_refine_ls_restr.pdbx_restraint_function 
c_bond_d                0.00548 ? ? ? 'X-RAY DIFFRACTION' ? 
c_bond_d_na             ?       ? ? ? 'X-RAY DIFFRACTION' ? 
c_bond_d_prot           ?       ? ? ? 'X-RAY DIFFRACTION' ? 
c_angle_d               ?       ? ? ? 'X-RAY DIFFRACTION' ? 
c_angle_d_na            ?       ? ? ? 'X-RAY DIFFRACTION' ? 
c_angle_d_prot          ?       ? ? ? 'X-RAY DIFFRACTION' ? 
c_angle_deg             1.13873 ? ? ? 'X-RAY DIFFRACTION' ? 
c_angle_deg_na          ?       ? ? ? 'X-RAY DIFFRACTION' ? 
c_angle_deg_prot        ?       ? ? ? 'X-RAY DIFFRACTION' ? 
c_dihedral_angle_d      ?       ? ? ? 'X-RAY DIFFRACTION' ? 
c_dihedral_angle_d_na   ?       ? ? ? 'X-RAY DIFFRACTION' ? 
c_dihedral_angle_d_prot ?       ? ? ? 'X-RAY DIFFRACTION' ? 
c_improper_angle_d      ?       ? ? ? 'X-RAY DIFFRACTION' ? 
c_improper_angle_d_na   ?       ? ? ? 'X-RAY DIFFRACTION' ? 
c_improper_angle_d_prot ?       ? ? ? 'X-RAY DIFFRACTION' ? 
c_mcbond_it             ?       ? ? ? 'X-RAY DIFFRACTION' ? 
c_mcangle_it            ?       ? ? ? 'X-RAY DIFFRACTION' ? 
c_scbond_it             ?       ? ? ? 'X-RAY DIFFRACTION' ? 
c_scangle_it            ?       ? ? ? 'X-RAY DIFFRACTION' ? 
# 
loop_
_pdbx_xplor_file.pdbx_refine_id 
_pdbx_xplor_file.serial_no 
_pdbx_xplor_file.param_file 
_pdbx_xplor_file.topol_file 
'X-RAY DIFFRACTION' 1 PROTEIN_REP.PARAM ? 
'X-RAY DIFFRACTION' 2 MYR.PAR           ? 
'X-RAY DIFFRACTION' 3 WATER_REP.PARAM   ? 
'X-RAY DIFFRACTION' 4 GOL.PAR           ? 
# 
_struct.entry_id                  1WC9 
_struct.title                     'The crystal structure of truncated mouse bet3p' 
_struct.pdbx_model_details        ? 
_struct.pdbx_CASP_flag            ? 
_struct.pdbx_model_type_details   ? 
# 
_struct_keywords.entry_id        1WC9 
_struct_keywords.pdbx_keywords   'TRANSPORT PROTEIN' 
_struct_keywords.text            
'VESICLE TRANSPORT, TETHERING FACTOR, TRAPP, TRANSPORT PROTEIN, GOLGI STACK, ENDOPLASMIC RETICULUM' 
# 
loop_
_struct_asym.id 
_struct_asym.pdbx_blank_PDB_chainid_flag 
_struct_asym.pdbx_modified 
_struct_asym.entity_id 
_struct_asym.details 
A N N 1 ? 
B N N 2 ? 
C N N 3 ? 
D N N 4 ? 
# 
_struct_ref.id                         1 
_struct_ref.db_name                    UNP 
_struct_ref.db_code                    TPC3_MOUSE 
_struct_ref.entity_id                  1 
_struct_ref.pdbx_seq_one_letter_code   ? 
_struct_ref.pdbx_align_begin           ? 
_struct_ref.pdbx_db_accession          O55013 
_struct_ref.pdbx_db_isoform            ? 
# 
_struct_ref_seq.align_id                      1 
_struct_ref_seq.ref_id                        1 
_struct_ref_seq.pdbx_PDB_id_code              1WC9 
_struct_ref_seq.pdbx_strand_id                A 
_struct_ref_seq.seq_align_beg                 1 
_struct_ref_seq.pdbx_seq_align_beg_ins_code   ? 
_struct_ref_seq.seq_align_end                 165 
_struct_ref_seq.pdbx_seq_align_end_ins_code   ? 
_struct_ref_seq.pdbx_db_accession             O55013 
_struct_ref_seq.db_align_beg                  8 
_struct_ref_seq.pdbx_db_align_beg_ins_code    ? 
_struct_ref_seq.db_align_end                  172 
_struct_ref_seq.pdbx_db_align_end_ins_code    ? 
_struct_ref_seq.pdbx_auth_seq_align_beg       8 
_struct_ref_seq.pdbx_auth_seq_align_end       172 
# 
_pdbx_struct_assembly.id                   1 
_pdbx_struct_assembly.details              author_and_software_defined_assembly 
_pdbx_struct_assembly.method_details       PQS 
_pdbx_struct_assembly.oligomeric_details   dimeric 
_pdbx_struct_assembly.oligomeric_count     2 
# 
_pdbx_struct_assembly_gen.assembly_id       1 
_pdbx_struct_assembly_gen.oper_expression   1,2 
_pdbx_struct_assembly_gen.asym_id_list      A,B,C,D 
# 
loop_
_pdbx_struct_oper_list.id 
_pdbx_struct_oper_list.type 
_pdbx_struct_oper_list.name 
_pdbx_struct_oper_list.symmetry_operation 
_pdbx_struct_oper_list.matrix[1][1] 
_pdbx_struct_oper_list.matrix[1][2] 
_pdbx_struct_oper_list.matrix[1][3] 
_pdbx_struct_oper_list.vector[1] 
_pdbx_struct_oper_list.matrix[2][1] 
_pdbx_struct_oper_list.matrix[2][2] 
_pdbx_struct_oper_list.matrix[2][3] 
_pdbx_struct_oper_list.vector[2] 
_pdbx_struct_oper_list.matrix[3][1] 
_pdbx_struct_oper_list.matrix[3][2] 
_pdbx_struct_oper_list.matrix[3][3] 
_pdbx_struct_oper_list.vector[3] 
1 'identity operation'         1_555 x,y,z    1.0000000000  0.0000000000  0.0000000000 0.0000000000  0.0000000000  1.0000000000  0.0000000000  0.0000000000  0.0000000000 0.0000000000  1.0000000000 0.0000000000  
2 'crystal symmetry operation' 4_556 y,x,-z+1 -0.4274211812 -0.4554492104 0.7809463174 21.1324118668 -0.4554492104 -0.6377197751 -0.6211920035 15.4434611122 0.7809463174 -0.6211920035 0.0651409563 -6.4873335633 
# 
_struct_biol.id   1 
# 
loop_
_struct_conf.conf_type_id 
_struct_conf.id 
_struct_conf.pdbx_PDB_helix_id 
_struct_conf.beg_label_comp_id 
_struct_conf.beg_label_asym_id 
_struct_conf.beg_label_seq_id 
_struct_conf.pdbx_beg_PDB_ins_code 
_struct_conf.end_label_comp_id 
_struct_conf.end_label_asym_id 
_struct_conf.end_label_seq_id 
_struct_conf.pdbx_end_PDB_ins_code 
_struct_conf.beg_auth_comp_id 
_struct_conf.beg_auth_asym_id 
_struct_conf.beg_auth_seq_id 
_struct_conf.end_auth_comp_id 
_struct_conf.end_auth_asym_id 
_struct_conf.end_auth_seq_id 
_struct_conf.pdbx_PDB_helix_class 
_struct_conf.details 
_struct_conf.pdbx_PDB_helix_length 
HELX_P HELX_P1 1 SER A 9   ? GLU A 28  ? SER A 16  GLU A 35  1 ? 20 
HELX_P HELX_P2 2 ASN A 29  ? ARG A 55  ? ASN A 36  ARG A 62  1 ? 27 
HELX_P HELX_P3 3 ASP A 63  ? VAL A 74  ? ASP A 70  VAL A 81  1 ? 12 
HELX_P HELX_P4 4 VAL A 74  ? GLY A 81  ? VAL A 81  GLY A 88  1 ? 8  
HELX_P HELX_P5 5 ASN A 103 ? ASP A 107 ? ASN A 110 ASP A 114 5 ? 5  
HELX_P HELX_P6 6 ASN A 122 ? MET A 134 ? ASN A 129 MET A 141 1 ? 13 
HELX_P HELX_P7 7 ASP A 146 ? GLY A 150 ? ASP A 153 GLY A 157 5 ? 5  
# 
_struct_conf_type.id          HELX_P 
_struct_conf_type.criteria    ? 
_struct_conf_type.reference   ? 
# 
_struct_conn.id                            covale1 
_struct_conn.conn_type_id                  covale 
_struct_conn.pdbx_leaving_atom_flag        one 
_struct_conn.pdbx_PDB_id                   ? 
_struct_conn.ptnr1_label_asym_id           A 
_struct_conn.ptnr1_label_comp_id           CYS 
_struct_conn.ptnr1_label_seq_id            61 
_struct_conn.ptnr1_label_atom_id           SG 
_struct_conn.pdbx_ptnr1_label_alt_id       ? 
_struct_conn.pdbx_ptnr1_PDB_ins_code       ? 
_struct_conn.pdbx_ptnr1_standard_comp_id   ? 
_struct_conn.ptnr1_symmetry                1_555 
_struct_conn.ptnr2_label_asym_id           B 
_struct_conn.ptnr2_label_comp_id           MYR 
_struct_conn.ptnr2_label_seq_id            . 
_struct_conn.ptnr2_label_atom_id           C1 
_struct_conn.pdbx_ptnr2_label_alt_id       ? 
_struct_conn.pdbx_ptnr2_PDB_ins_code       ? 
_struct_conn.ptnr1_auth_asym_id            A 
_struct_conn.ptnr1_auth_comp_id            CYS 
_struct_conn.ptnr1_auth_seq_id             68 
_struct_conn.ptnr2_auth_asym_id            A 
_struct_conn.ptnr2_auth_comp_id            MYR 
_struct_conn.ptnr2_auth_seq_id             1172 
_struct_conn.ptnr2_symmetry                1_555 
_struct_conn.pdbx_ptnr3_label_atom_id      ? 
_struct_conn.pdbx_ptnr3_label_seq_id       ? 
_struct_conn.pdbx_ptnr3_label_comp_id      ? 
_struct_conn.pdbx_ptnr3_label_asym_id      ? 
_struct_conn.pdbx_ptnr3_label_alt_id       ? 
_struct_conn.pdbx_ptnr3_PDB_ins_code       ? 
_struct_conn.details                       ? 
_struct_conn.pdbx_dist_value               1.818 
_struct_conn.pdbx_value_order              ? 
_struct_conn.pdbx_role                     ? 
# 
_struct_conn_type.id          covale 
_struct_conn_type.criteria    ? 
_struct_conn_type.reference   ? 
# 
_pdbx_modification_feature.ordinal                            1 
_pdbx_modification_feature.label_comp_id                      MYR 
_pdbx_modification_feature.label_asym_id                      B 
_pdbx_modification_feature.label_seq_id                       . 
_pdbx_modification_feature.label_alt_id                       ? 
_pdbx_modification_feature.modified_residue_label_comp_id     CYS 
_pdbx_modification_feature.modified_residue_label_asym_id     A 
_pdbx_modification_feature.modified_residue_label_seq_id      61 
_pdbx_modification_feature.modified_residue_label_alt_id      ? 
_pdbx_modification_feature.auth_comp_id                       MYR 
_pdbx_modification_feature.auth_asym_id                       A 
_pdbx_modification_feature.auth_seq_id                        1172 
_pdbx_modification_feature.PDB_ins_code                       ? 
_pdbx_modification_feature.symmetry                           1_555 
_pdbx_modification_feature.modified_residue_auth_comp_id      CYS 
_pdbx_modification_feature.modified_residue_auth_asym_id      A 
_pdbx_modification_feature.modified_residue_auth_seq_id       68 
_pdbx_modification_feature.modified_residue_PDB_ins_code      ? 
_pdbx_modification_feature.modified_residue_symmetry          1_555 
_pdbx_modification_feature.comp_id_linking_atom               C1 
_pdbx_modification_feature.modified_residue_id_linking_atom   SG 
_pdbx_modification_feature.modified_residue_id                CYS 
_pdbx_modification_feature.ref_pcm_id                         7 
_pdbx_modification_feature.ref_comp_id                        MYR 
_pdbx_modification_feature.type                               Myristoylation 
_pdbx_modification_feature.category                           Lipid/lipid-like 
# 
_struct_sheet.id               AA 
_struct_sheet.type             ? 
_struct_sheet.number_strands   4 
_struct_sheet.details          ? 
# 
loop_
_struct_sheet_order.sheet_id 
_struct_sheet_order.range_id_1 
_struct_sheet_order.range_id_2 
_struct_sheet_order.offset 
_struct_sheet_order.sense 
AA 1 2 ? anti-parallel 
AA 2 3 ? anti-parallel 
AA 3 4 ? anti-parallel 
# 
loop_
_struct_sheet_range.sheet_id 
_struct_sheet_range.id 
_struct_sheet_range.beg_label_comp_id 
_struct_sheet_range.beg_label_asym_id 
_struct_sheet_range.beg_label_seq_id 
_struct_sheet_range.pdbx_beg_PDB_ins_code 
_struct_sheet_range.end_label_comp_id 
_struct_sheet_range.end_label_asym_id 
_struct_sheet_range.end_label_seq_id 
_struct_sheet_range.pdbx_end_PDB_ins_code 
_struct_sheet_range.beg_auth_comp_id 
_struct_sheet_range.beg_auth_asym_id 
_struct_sheet_range.beg_auth_seq_id 
_struct_sheet_range.end_auth_comp_id 
_struct_sheet_range.end_auth_asym_id 
_struct_sheet_range.end_auth_seq_id 
AA 1 SER A 85  ? THR A 87  ? SER A 92  THR A 94  
AA 2 GLU A 95  ? LEU A 100 ? GLU A 102 LEU A 107 
AA 3 THR A 154 ? ARG A 163 ? THR A 161 ARG A 170 
AA 4 MET A 137 ? GLN A 145 ? MET A 144 GLN A 152 
# 
loop_
_pdbx_struct_sheet_hbond.sheet_id 
_pdbx_struct_sheet_hbond.range_id_1 
_pdbx_struct_sheet_hbond.range_id_2 
_pdbx_struct_sheet_hbond.range_1_label_atom_id 
_pdbx_struct_sheet_hbond.range_1_label_comp_id 
_pdbx_struct_sheet_hbond.range_1_label_asym_id 
_pdbx_struct_sheet_hbond.range_1_label_seq_id 
_pdbx_struct_sheet_hbond.range_1_PDB_ins_code 
_pdbx_struct_sheet_hbond.range_1_auth_atom_id 
_pdbx_struct_sheet_hbond.range_1_auth_comp_id 
_pdbx_struct_sheet_hbond.range_1_auth_asym_id 
_pdbx_struct_sheet_hbond.range_1_auth_seq_id 
_pdbx_struct_sheet_hbond.range_2_label_atom_id 
_pdbx_struct_sheet_hbond.range_2_label_comp_id 
_pdbx_struct_sheet_hbond.range_2_label_asym_id 
_pdbx_struct_sheet_hbond.range_2_label_seq_id 
_pdbx_struct_sheet_hbond.range_2_PDB_ins_code 
_pdbx_struct_sheet_hbond.range_2_auth_atom_id 
_pdbx_struct_sheet_hbond.range_2_auth_comp_id 
_pdbx_struct_sheet_hbond.range_2_auth_asym_id 
_pdbx_struct_sheet_hbond.range_2_auth_seq_id 
AA 1 2 N THR A 87  ? N THR A 94  O SER A 97  ? O SER A 104 
AA 2 3 N LEU A 100 ? N LEU A 107 O THR A 154 ? O THR A 161 
AA 3 4 N ILE A 161 ? N ILE A 168 O ALA A 138 ? O ALA A 145 
# 
loop_
_struct_site.id 
_struct_site.pdbx_evidence_code 
_struct_site.pdbx_auth_asym_id 
_struct_site.pdbx_auth_comp_id 
_struct_site.pdbx_auth_seq_id 
_struct_site.pdbx_auth_ins_code 
_struct_site.pdbx_num_residues 
_struct_site.details 
AC1 Software A MYR 1172 ? 7 'BINDING SITE FOR RESIDUE MYR A 1172' 
AC2 Software A GOL 1173 ? 5 'BINDING SITE FOR RESIDUE GOL A 1173' 
# 
loop_
_struct_site_gen.id 
_struct_site_gen.site_id 
_struct_site_gen.pdbx_num_res 
_struct_site_gen.label_comp_id 
_struct_site_gen.label_asym_id 
_struct_site_gen.label_seq_id 
_struct_site_gen.pdbx_auth_ins_code 
_struct_site_gen.auth_comp_id 
_struct_site_gen.auth_asym_id 
_struct_site_gen.auth_seq_id 
_struct_site_gen.label_atom_id 
_struct_site_gen.label_alt_id 
_struct_site_gen.symmetry 
_struct_site_gen.details 
1  AC1 7 ILE A 49  ? ILE A 56   . ? 1_555 ? 
2  AC1 7 CYS A 61  ? CYS A 68   . ? 1_555 ? 
3  AC1 7 HIS A 62  ? HIS A 69   . ? 1_555 ? 
4  AC1 7 ASP A 63  ? ASP A 70   . ? 1_555 ? 
5  AC1 7 GLU A 66  ? GLU A 73   . ? 1_555 ? 
6  AC1 7 THR A 67  ? THR A 74   . ? 1_555 ? 
7  AC1 7 ALA A 131 ? ALA A 138  . ? 1_555 ? 
8  AC2 5 VAL A 20  ? VAL A 27   . ? 1_555 ? 
9  AC2 5 GLU A 110 ? GLU A 117  . ? 1_555 ? 
10 AC2 5 PRO A 112 ? PRO A 119  . ? 1_555 ? 
11 AC2 5 LEU A 118 ? LEU A 125  . ? 1_555 ? 
12 AC2 5 HOH D .   ? HOH A 2134 . ? 1_555 ? 
# 
_pdbx_entry_details.entry_id                   1WC9 
_pdbx_entry_details.compound_details           ? 
_pdbx_entry_details.source_details             ? 
_pdbx_entry_details.nonpolymer_details         ? 
_pdbx_entry_details.sequence_details           ? 
_pdbx_entry_details.has_ligand_of_interest     ? 
_pdbx_entry_details.has_protein_modification   Y 
# 
_pdbx_validate_rmsd_angle.id                         1 
_pdbx_validate_rmsd_angle.PDB_model_num              1 
_pdbx_validate_rmsd_angle.auth_atom_id_1             C 
_pdbx_validate_rmsd_angle.auth_asym_id_1             A 
_pdbx_validate_rmsd_angle.auth_comp_id_1             LEU 
_pdbx_validate_rmsd_angle.auth_seq_id_1              118 
_pdbx_validate_rmsd_angle.PDB_ins_code_1             ? 
_pdbx_validate_rmsd_angle.label_alt_id_1             ? 
_pdbx_validate_rmsd_angle.auth_atom_id_2             N 
_pdbx_validate_rmsd_angle.auth_asym_id_2             A 
_pdbx_validate_rmsd_angle.auth_comp_id_2             PRO 
_pdbx_validate_rmsd_angle.auth_seq_id_2              119 
_pdbx_validate_rmsd_angle.PDB_ins_code_2             ? 
_pdbx_validate_rmsd_angle.label_alt_id_2             ? 
_pdbx_validate_rmsd_angle.auth_atom_id_3             CA 
_pdbx_validate_rmsd_angle.auth_asym_id_3             A 
_pdbx_validate_rmsd_angle.auth_comp_id_3             PRO 
_pdbx_validate_rmsd_angle.auth_seq_id_3              119 
_pdbx_validate_rmsd_angle.PDB_ins_code_3             ? 
_pdbx_validate_rmsd_angle.label_alt_id_3             ? 
_pdbx_validate_rmsd_angle.angle_value                129.17 
_pdbx_validate_rmsd_angle.angle_target_value         119.30 
_pdbx_validate_rmsd_angle.angle_deviation            9.87 
_pdbx_validate_rmsd_angle.angle_standard_deviation   1.50 
_pdbx_validate_rmsd_angle.linker_flag                Y 
# 
loop_
_pdbx_validate_torsion.id 
_pdbx_validate_torsion.PDB_model_num 
_pdbx_validate_torsion.auth_comp_id 
_pdbx_validate_torsion.auth_asym_id 
_pdbx_validate_torsion.auth_seq_id 
_pdbx_validate_torsion.PDB_ins_code 
_pdbx_validate_torsion.label_alt_id 
_pdbx_validate_torsion.phi 
_pdbx_validate_torsion.psi 
1 1 ASN A 36  ? ? -162.56 110.29  
2 1 HIS A 69  ? ? -149.29 12.14   
3 1 LEU A 118 ? ? -53.90  103.68  
4 1 PRO A 119 ? ? -56.93  -164.99 
# 
loop_
_pdbx_unobs_or_zero_occ_residues.id 
_pdbx_unobs_or_zero_occ_residues.PDB_model_num 
_pdbx_unobs_or_zero_occ_residues.polymer_flag 
_pdbx_unobs_or_zero_occ_residues.occupancy_flag 
_pdbx_unobs_or_zero_occ_residues.auth_asym_id 
_pdbx_unobs_or_zero_occ_residues.auth_comp_id 
_pdbx_unobs_or_zero_occ_residues.auth_seq_id 
_pdbx_unobs_or_zero_occ_residues.PDB_ins_code 
_pdbx_unobs_or_zero_occ_residues.label_asym_id 
_pdbx_unobs_or_zero_occ_residues.label_comp_id 
_pdbx_unobs_or_zero_occ_residues.label_seq_id 
1 1 Y 1 A GLY 8  ? A GLY 1 
2 1 Y 1 A THR 9  ? A THR 2 
3 1 Y 1 A GLU 10 ? A GLU 3 
4 1 Y 1 A SER 11 ? A SER 4 
# 
loop_
_chem_comp_atom.comp_id 
_chem_comp_atom.atom_id 
_chem_comp_atom.type_symbol 
_chem_comp_atom.pdbx_aromatic_flag 
_chem_comp_atom.pdbx_stereo_config 
_chem_comp_atom.pdbx_ordinal 
ALA N    N N N 1   
ALA CA   C N S 2   
ALA C    C N N 3   
ALA O    O N N 4   
ALA CB   C N N 5   
ALA OXT  O N N 6   
ALA H    H N N 7   
ALA H2   H N N 8   
ALA HA   H N N 9   
ALA HB1  H N N 10  
ALA HB2  H N N 11  
ALA HB3  H N N 12  
ALA HXT  H N N 13  
ARG N    N N N 14  
ARG CA   C N S 15  
ARG C    C N N 16  
ARG O    O N N 17  
ARG CB   C N N 18  
ARG CG   C N N 19  
ARG CD   C N N 20  
ARG NE   N N N 21  
ARG CZ   C N N 22  
ARG NH1  N N N 23  
ARG NH2  N N N 24  
ARG OXT  O N N 25  
ARG H    H N N 26  
ARG H2   H N N 27  
ARG HA   H N N 28  
ARG HB2  H N N 29  
ARG HB3  H N N 30  
ARG HG2  H N N 31  
ARG HG3  H N N 32  
ARG HD2  H N N 33  
ARG HD3  H N N 34  
ARG HE   H N N 35  
ARG HH11 H N N 36  
ARG HH12 H N N 37  
ARG HH21 H N N 38  
ARG HH22 H N N 39  
ARG HXT  H N N 40  
ASN N    N N N 41  
ASN CA   C N S 42  
ASN C    C N N 43  
ASN O    O N N 44  
ASN CB   C N N 45  
ASN CG   C N N 46  
ASN OD1  O N N 47  
ASN ND2  N N N 48  
ASN OXT  O N N 49  
ASN H    H N N 50  
ASN H2   H N N 51  
ASN HA   H N N 52  
ASN HB2  H N N 53  
ASN HB3  H N N 54  
ASN HD21 H N N 55  
ASN HD22 H N N 56  
ASN HXT  H N N 57  
ASP N    N N N 58  
ASP CA   C N S 59  
ASP C    C N N 60  
ASP O    O N N 61  
ASP CB   C N N 62  
ASP CG   C N N 63  
ASP OD1  O N N 64  
ASP OD2  O N N 65  
ASP OXT  O N N 66  
ASP H    H N N 67  
ASP H2   H N N 68  
ASP HA   H N N 69  
ASP HB2  H N N 70  
ASP HB3  H N N 71  
ASP HD2  H N N 72  
ASP HXT  H N N 73  
CYS N    N N N 74  
CYS CA   C N R 75  
CYS C    C N N 76  
CYS O    O N N 77  
CYS CB   C N N 78  
CYS SG   S N N 79  
CYS OXT  O N N 80  
CYS H    H N N 81  
CYS H2   H N N 82  
CYS HA   H N N 83  
CYS HB2  H N N 84  
CYS HB3  H N N 85  
CYS HG   H N N 86  
CYS HXT  H N N 87  
GLN N    N N N 88  
GLN CA   C N S 89  
GLN C    C N N 90  
GLN O    O N N 91  
GLN CB   C N N 92  
GLN CG   C N N 93  
GLN CD   C N N 94  
GLN OE1  O N N 95  
GLN NE2  N N N 96  
GLN OXT  O N N 97  
GLN H    H N N 98  
GLN H2   H N N 99  
GLN HA   H N N 100 
GLN HB2  H N N 101 
GLN HB3  H N N 102 
GLN HG2  H N N 103 
GLN HG3  H N N 104 
GLN HE21 H N N 105 
GLN HE22 H N N 106 
GLN HXT  H N N 107 
GLU N    N N N 108 
GLU CA   C N S 109 
GLU C    C N N 110 
GLU O    O N N 111 
GLU CB   C N N 112 
GLU CG   C N N 113 
GLU CD   C N N 114 
GLU OE1  O N N 115 
GLU OE2  O N N 116 
GLU OXT  O N N 117 
GLU H    H N N 118 
GLU H2   H N N 119 
GLU HA   H N N 120 
GLU HB2  H N N 121 
GLU HB3  H N N 122 
GLU HG2  H N N 123 
GLU HG3  H N N 124 
GLU HE2  H N N 125 
GLU HXT  H N N 126 
GLY N    N N N 127 
GLY CA   C N N 128 
GLY C    C N N 129 
GLY O    O N N 130 
GLY OXT  O N N 131 
GLY H    H N N 132 
GLY H2   H N N 133 
GLY HA2  H N N 134 
GLY HA3  H N N 135 
GLY HXT  H N N 136 
GOL C1   C N N 137 
GOL O1   O N N 138 
GOL C2   C N N 139 
GOL O2   O N N 140 
GOL C3   C N N 141 
GOL O3   O N N 142 
GOL H11  H N N 143 
GOL H12  H N N 144 
GOL HO1  H N N 145 
GOL H2   H N N 146 
GOL HO2  H N N 147 
GOL H31  H N N 148 
GOL H32  H N N 149 
GOL HO3  H N N 150 
HIS N    N N N 151 
HIS CA   C N S 152 
HIS C    C N N 153 
HIS O    O N N 154 
HIS CB   C N N 155 
HIS CG   C Y N 156 
HIS ND1  N Y N 157 
HIS CD2  C Y N 158 
HIS CE1  C Y N 159 
HIS NE2  N Y N 160 
HIS OXT  O N N 161 
HIS H    H N N 162 
HIS H2   H N N 163 
HIS HA   H N N 164 
HIS HB2  H N N 165 
HIS HB3  H N N 166 
HIS HD1  H N N 167 
HIS HD2  H N N 168 
HIS HE1  H N N 169 
HIS HE2  H N N 170 
HIS HXT  H N N 171 
HOH O    O N N 172 
HOH H1   H N N 173 
HOH H2   H N N 174 
ILE N    N N N 175 
ILE CA   C N S 176 
ILE C    C N N 177 
ILE O    O N N 178 
ILE CB   C N S 179 
ILE CG1  C N N 180 
ILE CG2  C N N 181 
ILE CD1  C N N 182 
ILE OXT  O N N 183 
ILE H    H N N 184 
ILE H2   H N N 185 
ILE HA   H N N 186 
ILE HB   H N N 187 
ILE HG12 H N N 188 
ILE HG13 H N N 189 
ILE HG21 H N N 190 
ILE HG22 H N N 191 
ILE HG23 H N N 192 
ILE HD11 H N N 193 
ILE HD12 H N N 194 
ILE HD13 H N N 195 
ILE HXT  H N N 196 
LEU N    N N N 197 
LEU CA   C N S 198 
LEU C    C N N 199 
LEU O    O N N 200 
LEU CB   C N N 201 
LEU CG   C N N 202 
LEU CD1  C N N 203 
LEU CD2  C N N 204 
LEU OXT  O N N 205 
LEU H    H N N 206 
LEU H2   H N N 207 
LEU HA   H N N 208 
LEU HB2  H N N 209 
LEU HB3  H N N 210 
LEU HG   H N N 211 
LEU HD11 H N N 212 
LEU HD12 H N N 213 
LEU HD13 H N N 214 
LEU HD21 H N N 215 
LEU HD22 H N N 216 
LEU HD23 H N N 217 
LEU HXT  H N N 218 
LYS N    N N N 219 
LYS CA   C N S 220 
LYS C    C N N 221 
LYS O    O N N 222 
LYS CB   C N N 223 
LYS CG   C N N 224 
LYS CD   C N N 225 
LYS CE   C N N 226 
LYS NZ   N N N 227 
LYS OXT  O N N 228 
LYS H    H N N 229 
LYS H2   H N N 230 
LYS HA   H N N 231 
LYS HB2  H N N 232 
LYS HB3  H N N 233 
LYS HG2  H N N 234 
LYS HG3  H N N 235 
LYS HD2  H N N 236 
LYS HD3  H N N 237 
LYS HE2  H N N 238 
LYS HE3  H N N 239 
LYS HZ1  H N N 240 
LYS HZ2  H N N 241 
LYS HZ3  H N N 242 
LYS HXT  H N N 243 
MET N    N N N 244 
MET CA   C N S 245 
MET C    C N N 246 
MET O    O N N 247 
MET CB   C N N 248 
MET CG   C N N 249 
MET SD   S N N 250 
MET CE   C N N 251 
MET OXT  O N N 252 
MET H    H N N 253 
MET H2   H N N 254 
MET HA   H N N 255 
MET HB2  H N N 256 
MET HB3  H N N 257 
MET HG2  H N N 258 
MET HG3  H N N 259 
MET HE1  H N N 260 
MET HE2  H N N 261 
MET HE3  H N N 262 
MET HXT  H N N 263 
MYR C1   C N N 264 
MYR O1   O N N 265 
MYR O2   O N N 266 
MYR C2   C N N 267 
MYR C3   C N N 268 
MYR C4   C N N 269 
MYR C5   C N N 270 
MYR C6   C N N 271 
MYR C7   C N N 272 
MYR C8   C N N 273 
MYR C9   C N N 274 
MYR C10  C N N 275 
MYR C11  C N N 276 
MYR C12  C N N 277 
MYR C13  C N N 278 
MYR C14  C N N 279 
MYR HO2  H N N 280 
MYR H21  H N N 281 
MYR H22  H N N 282 
MYR H31  H N N 283 
MYR H32  H N N 284 
MYR H41  H N N 285 
MYR H42  H N N 286 
MYR H51  H N N 287 
MYR H52  H N N 288 
MYR H61  H N N 289 
MYR H62  H N N 290 
MYR H71  H N N 291 
MYR H72  H N N 292 
MYR H81  H N N 293 
MYR H82  H N N 294 
MYR H91  H N N 295 
MYR H92  H N N 296 
MYR H101 H N N 297 
MYR H102 H N N 298 
MYR H111 H N N 299 
MYR H112 H N N 300 
MYR H121 H N N 301 
MYR H122 H N N 302 
MYR H131 H N N 303 
MYR H132 H N N 304 
MYR H141 H N N 305 
MYR H142 H N N 306 
MYR H143 H N N 307 
PHE N    N N N 308 
PHE CA   C N S 309 
PHE C    C N N 310 
PHE O    O N N 311 
PHE CB   C N N 312 
PHE CG   C Y N 313 
PHE CD1  C Y N 314 
PHE CD2  C Y N 315 
PHE CE1  C Y N 316 
PHE CE2  C Y N 317 
PHE CZ   C Y N 318 
PHE OXT  O N N 319 
PHE H    H N N 320 
PHE H2   H N N 321 
PHE HA   H N N 322 
PHE HB2  H N N 323 
PHE HB3  H N N 324 
PHE HD1  H N N 325 
PHE HD2  H N N 326 
PHE HE1  H N N 327 
PHE HE2  H N N 328 
PHE HZ   H N N 329 
PHE HXT  H N N 330 
PRO N    N N N 331 
PRO CA   C N S 332 
PRO C    C N N 333 
PRO O    O N N 334 
PRO CB   C N N 335 
PRO CG   C N N 336 
PRO CD   C N N 337 
PRO OXT  O N N 338 
PRO H    H N N 339 
PRO HA   H N N 340 
PRO HB2  H N N 341 
PRO HB3  H N N 342 
PRO HG2  H N N 343 
PRO HG3  H N N 344 
PRO HD2  H N N 345 
PRO HD3  H N N 346 
PRO HXT  H N N 347 
SER N    N N N 348 
SER CA   C N S 349 
SER C    C N N 350 
SER O    O N N 351 
SER CB   C N N 352 
SER OG   O N N 353 
SER OXT  O N N 354 
SER H    H N N 355 
SER H2   H N N 356 
SER HA   H N N 357 
SER HB2  H N N 358 
SER HB3  H N N 359 
SER HG   H N N 360 
SER HXT  H N N 361 
THR N    N N N 362 
THR CA   C N S 363 
THR C    C N N 364 
THR O    O N N 365 
THR CB   C N R 366 
THR OG1  O N N 367 
THR CG2  C N N 368 
THR OXT  O N N 369 
THR H    H N N 370 
THR H2   H N N 371 
THR HA   H N N 372 
THR HB   H N N 373 
THR HG1  H N N 374 
THR HG21 H N N 375 
THR HG22 H N N 376 
THR HG23 H N N 377 
THR HXT  H N N 378 
TRP N    N N N 379 
TRP CA   C N S 380 
TRP C    C N N 381 
TRP O    O N N 382 
TRP CB   C N N 383 
TRP CG   C Y N 384 
TRP CD1  C Y N 385 
TRP CD2  C Y N 386 
TRP NE1  N Y N 387 
TRP CE2  C Y N 388 
TRP CE3  C Y N 389 
TRP CZ2  C Y N 390 
TRP CZ3  C Y N 391 
TRP CH2  C Y N 392 
TRP OXT  O N N 393 
TRP H    H N N 394 
TRP H2   H N N 395 
TRP HA   H N N 396 
TRP HB2  H N N 397 
TRP HB3  H N N 398 
TRP HD1  H N N 399 
TRP HE1  H N N 400 
TRP HE3  H N N 401 
TRP HZ2  H N N 402 
TRP HZ3  H N N 403 
TRP HH2  H N N 404 
TRP HXT  H N N 405 
TYR N    N N N 406 
TYR CA   C N S 407 
TYR C    C N N 408 
TYR O    O N N 409 
TYR CB   C N N 410 
TYR CG   C Y N 411 
TYR CD1  C Y N 412 
TYR CD2  C Y N 413 
TYR CE1  C Y N 414 
TYR CE2  C Y N 415 
TYR CZ   C Y N 416 
TYR OH   O N N 417 
TYR OXT  O N N 418 
TYR H    H N N 419 
TYR H2   H N N 420 
TYR HA   H N N 421 
TYR HB2  H N N 422 
TYR HB3  H N N 423 
TYR HD1  H N N 424 
TYR HD2  H N N 425 
TYR HE1  H N N 426 
TYR HE2  H N N 427 
TYR HH   H N N 428 
TYR HXT  H N N 429 
VAL N    N N N 430 
VAL CA   C N S 431 
VAL C    C N N 432 
VAL O    O N N 433 
VAL CB   C N N 434 
VAL CG1  C N N 435 
VAL CG2  C N N 436 
VAL OXT  O N N 437 
VAL H    H N N 438 
VAL H2   H N N 439 
VAL HA   H N N 440 
VAL HB   H N N 441 
VAL HG11 H N N 442 
VAL HG12 H N N 443 
VAL HG13 H N N 444 
VAL HG21 H N N 445 
VAL HG22 H N N 446 
VAL HG23 H N N 447 
VAL HXT  H N N 448 
# 
loop_
_chem_comp_bond.comp_id 
_chem_comp_bond.atom_id_1 
_chem_comp_bond.atom_id_2 
_chem_comp_bond.value_order 
_chem_comp_bond.pdbx_aromatic_flag 
_chem_comp_bond.pdbx_stereo_config 
_chem_comp_bond.pdbx_ordinal 
ALA N   CA   sing N N 1   
ALA N   H    sing N N 2   
ALA N   H2   sing N N 3   
ALA CA  C    sing N N 4   
ALA CA  CB   sing N N 5   
ALA CA  HA   sing N N 6   
ALA C   O    doub N N 7   
ALA C   OXT  sing N N 8   
ALA CB  HB1  sing N N 9   
ALA CB  HB2  sing N N 10  
ALA CB  HB3  sing N N 11  
ALA OXT HXT  sing N N 12  
ARG N   CA   sing N N 13  
ARG N   H    sing N N 14  
ARG N   H2   sing N N 15  
ARG CA  C    sing N N 16  
ARG CA  CB   sing N N 17  
ARG CA  HA   sing N N 18  
ARG C   O    doub N N 19  
ARG C   OXT  sing N N 20  
ARG CB  CG   sing N N 21  
ARG CB  HB2  sing N N 22  
ARG CB  HB3  sing N N 23  
ARG CG  CD   sing N N 24  
ARG CG  HG2  sing N N 25  
ARG CG  HG3  sing N N 26  
ARG CD  NE   sing N N 27  
ARG CD  HD2  sing N N 28  
ARG CD  HD3  sing N N 29  
ARG NE  CZ   sing N N 30  
ARG NE  HE   sing N N 31  
ARG CZ  NH1  sing N N 32  
ARG CZ  NH2  doub N N 33  
ARG NH1 HH11 sing N N 34  
ARG NH1 HH12 sing N N 35  
ARG NH2 HH21 sing N N 36  
ARG NH2 HH22 sing N N 37  
ARG OXT HXT  sing N N 38  
ASN N   CA   sing N N 39  
ASN N   H    sing N N 40  
ASN N   H2   sing N N 41  
ASN CA  C    sing N N 42  
ASN CA  CB   sing N N 43  
ASN CA  HA   sing N N 44  
ASN C   O    doub N N 45  
ASN C   OXT  sing N N 46  
ASN CB  CG   sing N N 47  
ASN CB  HB2  sing N N 48  
ASN CB  HB3  sing N N 49  
ASN CG  OD1  doub N N 50  
ASN CG  ND2  sing N N 51  
ASN ND2 HD21 sing N N 52  
ASN ND2 HD22 sing N N 53  
ASN OXT HXT  sing N N 54  
ASP N   CA   sing N N 55  
ASP N   H    sing N N 56  
ASP N   H2   sing N N 57  
ASP CA  C    sing N N 58  
ASP CA  CB   sing N N 59  
ASP CA  HA   sing N N 60  
ASP C   O    doub N N 61  
ASP C   OXT  sing N N 62  
ASP CB  CG   sing N N 63  
ASP CB  HB2  sing N N 64  
ASP CB  HB3  sing N N 65  
ASP CG  OD1  doub N N 66  
ASP CG  OD2  sing N N 67  
ASP OD2 HD2  sing N N 68  
ASP OXT HXT  sing N N 69  
CYS N   CA   sing N N 70  
CYS N   H    sing N N 71  
CYS N   H2   sing N N 72  
CYS CA  C    sing N N 73  
CYS CA  CB   sing N N 74  
CYS CA  HA   sing N N 75  
CYS C   O    doub N N 76  
CYS C   OXT  sing N N 77  
CYS CB  SG   sing N N 78  
CYS CB  HB2  sing N N 79  
CYS CB  HB3  sing N N 80  
CYS SG  HG   sing N N 81  
CYS OXT HXT  sing N N 82  
GLN N   CA   sing N N 83  
GLN N   H    sing N N 84  
GLN N   H2   sing N N 85  
GLN CA  C    sing N N 86  
GLN CA  CB   sing N N 87  
GLN CA  HA   sing N N 88  
GLN C   O    doub N N 89  
GLN C   OXT  sing N N 90  
GLN CB  CG   sing N N 91  
GLN CB  HB2  sing N N 92  
GLN CB  HB3  sing N N 93  
GLN CG  CD   sing N N 94  
GLN CG  HG2  sing N N 95  
GLN CG  HG3  sing N N 96  
GLN CD  OE1  doub N N 97  
GLN CD  NE2  sing N N 98  
GLN NE2 HE21 sing N N 99  
GLN NE2 HE22 sing N N 100 
GLN OXT HXT  sing N N 101 
GLU N   CA   sing N N 102 
GLU N   H    sing N N 103 
GLU N   H2   sing N N 104 
GLU CA  C    sing N N 105 
GLU CA  CB   sing N N 106 
GLU CA  HA   sing N N 107 
GLU C   O    doub N N 108 
GLU C   OXT  sing N N 109 
GLU CB  CG   sing N N 110 
GLU CB  HB2  sing N N 111 
GLU CB  HB3  sing N N 112 
GLU CG  CD   sing N N 113 
GLU CG  HG2  sing N N 114 
GLU CG  HG3  sing N N 115 
GLU CD  OE1  doub N N 116 
GLU CD  OE2  sing N N 117 
GLU OE2 HE2  sing N N 118 
GLU OXT HXT  sing N N 119 
GLY N   CA   sing N N 120 
GLY N   H    sing N N 121 
GLY N   H2   sing N N 122 
GLY CA  C    sing N N 123 
GLY CA  HA2  sing N N 124 
GLY CA  HA3  sing N N 125 
GLY C   O    doub N N 126 
GLY C   OXT  sing N N 127 
GLY OXT HXT  sing N N 128 
GOL C1  O1   sing N N 129 
GOL C1  C2   sing N N 130 
GOL C1  H11  sing N N 131 
GOL C1  H12  sing N N 132 
GOL O1  HO1  sing N N 133 
GOL C2  O2   sing N N 134 
GOL C2  C3   sing N N 135 
GOL C2  H2   sing N N 136 
GOL O2  HO2  sing N N 137 
GOL C3  O3   sing N N 138 
GOL C3  H31  sing N N 139 
GOL C3  H32  sing N N 140 
GOL O3  HO3  sing N N 141 
HIS N   CA   sing N N 142 
HIS N   H    sing N N 143 
HIS N   H2   sing N N 144 
HIS CA  C    sing N N 145 
HIS CA  CB   sing N N 146 
HIS CA  HA   sing N N 147 
HIS C   O    doub N N 148 
HIS C   OXT  sing N N 149 
HIS CB  CG   sing N N 150 
HIS CB  HB2  sing N N 151 
HIS CB  HB3  sing N N 152 
HIS CG  ND1  sing Y N 153 
HIS CG  CD2  doub Y N 154 
HIS ND1 CE1  doub Y N 155 
HIS ND1 HD1  sing N N 156 
HIS CD2 NE2  sing Y N 157 
HIS CD2 HD2  sing N N 158 
HIS CE1 NE2  sing Y N 159 
HIS CE1 HE1  sing N N 160 
HIS NE2 HE2  sing N N 161 
HIS OXT HXT  sing N N 162 
HOH O   H1   sing N N 163 
HOH O   H2   sing N N 164 
ILE N   CA   sing N N 165 
ILE N   H    sing N N 166 
ILE N   H2   sing N N 167 
ILE CA  C    sing N N 168 
ILE CA  CB   sing N N 169 
ILE CA  HA   sing N N 170 
ILE C   O    doub N N 171 
ILE C   OXT  sing N N 172 
ILE CB  CG1  sing N N 173 
ILE CB  CG2  sing N N 174 
ILE CB  HB   sing N N 175 
ILE CG1 CD1  sing N N 176 
ILE CG1 HG12 sing N N 177 
ILE CG1 HG13 sing N N 178 
ILE CG2 HG21 sing N N 179 
ILE CG2 HG22 sing N N 180 
ILE CG2 HG23 sing N N 181 
ILE CD1 HD11 sing N N 182 
ILE CD1 HD12 sing N N 183 
ILE CD1 HD13 sing N N 184 
ILE OXT HXT  sing N N 185 
LEU N   CA   sing N N 186 
LEU N   H    sing N N 187 
LEU N   H2   sing N N 188 
LEU CA  C    sing N N 189 
LEU CA  CB   sing N N 190 
LEU CA  HA   sing N N 191 
LEU C   O    doub N N 192 
LEU C   OXT  sing N N 193 
LEU CB  CG   sing N N 194 
LEU CB  HB2  sing N N 195 
LEU CB  HB3  sing N N 196 
LEU CG  CD1  sing N N 197 
LEU CG  CD2  sing N N 198 
LEU CG  HG   sing N N 199 
LEU CD1 HD11 sing N N 200 
LEU CD1 HD12 sing N N 201 
LEU CD1 HD13 sing N N 202 
LEU CD2 HD21 sing N N 203 
LEU CD2 HD22 sing N N 204 
LEU CD2 HD23 sing N N 205 
LEU OXT HXT  sing N N 206 
LYS N   CA   sing N N 207 
LYS N   H    sing N N 208 
LYS N   H2   sing N N 209 
LYS CA  C    sing N N 210 
LYS CA  CB   sing N N 211 
LYS CA  HA   sing N N 212 
LYS C   O    doub N N 213 
LYS C   OXT  sing N N 214 
LYS CB  CG   sing N N 215 
LYS CB  HB2  sing N N 216 
LYS CB  HB3  sing N N 217 
LYS CG  CD   sing N N 218 
LYS CG  HG2  sing N N 219 
LYS CG  HG3  sing N N 220 
LYS CD  CE   sing N N 221 
LYS CD  HD2  sing N N 222 
LYS CD  HD3  sing N N 223 
LYS CE  NZ   sing N N 224 
LYS CE  HE2  sing N N 225 
LYS CE  HE3  sing N N 226 
LYS NZ  HZ1  sing N N 227 
LYS NZ  HZ2  sing N N 228 
LYS NZ  HZ3  sing N N 229 
LYS OXT HXT  sing N N 230 
MET N   CA   sing N N 231 
MET N   H    sing N N 232 
MET N   H2   sing N N 233 
MET CA  C    sing N N 234 
MET CA  CB   sing N N 235 
MET CA  HA   sing N N 236 
MET C   O    doub N N 237 
MET C   OXT  sing N N 238 
MET CB  CG   sing N N 239 
MET CB  HB2  sing N N 240 
MET CB  HB3  sing N N 241 
MET CG  SD   sing N N 242 
MET CG  HG2  sing N N 243 
MET CG  HG3  sing N N 244 
MET SD  CE   sing N N 245 
MET CE  HE1  sing N N 246 
MET CE  HE2  sing N N 247 
MET CE  HE3  sing N N 248 
MET OXT HXT  sing N N 249 
MYR C1  O1   doub N N 250 
MYR C1  O2   sing N N 251 
MYR C1  C2   sing N N 252 
MYR O2  HO2  sing N N 253 
MYR C2  C3   sing N N 254 
MYR C2  H21  sing N N 255 
MYR C2  H22  sing N N 256 
MYR C3  C4   sing N N 257 
MYR C3  H31  sing N N 258 
MYR C3  H32  sing N N 259 
MYR C4  C5   sing N N 260 
MYR C4  H41  sing N N 261 
MYR C4  H42  sing N N 262 
MYR C5  C6   sing N N 263 
MYR C5  H51  sing N N 264 
MYR C5  H52  sing N N 265 
MYR C6  C7   sing N N 266 
MYR C6  H61  sing N N 267 
MYR C6  H62  sing N N 268 
MYR C7  C8   sing N N 269 
MYR C7  H71  sing N N 270 
MYR C7  H72  sing N N 271 
MYR C8  C9   sing N N 272 
MYR C8  H81  sing N N 273 
MYR C8  H82  sing N N 274 
MYR C9  C10  sing N N 275 
MYR C9  H91  sing N N 276 
MYR C9  H92  sing N N 277 
MYR C10 C11  sing N N 278 
MYR C10 H101 sing N N 279 
MYR C10 H102 sing N N 280 
MYR C11 C12  sing N N 281 
MYR C11 H111 sing N N 282 
MYR C11 H112 sing N N 283 
MYR C12 C13  sing N N 284 
MYR C12 H121 sing N N 285 
MYR C12 H122 sing N N 286 
MYR C13 C14  sing N N 287 
MYR C13 H131 sing N N 288 
MYR C13 H132 sing N N 289 
MYR C14 H141 sing N N 290 
MYR C14 H142 sing N N 291 
MYR C14 H143 sing N N 292 
PHE N   CA   sing N N 293 
PHE N   H    sing N N 294 
PHE N   H2   sing N N 295 
PHE CA  C    sing N N 296 
PHE CA  CB   sing N N 297 
PHE CA  HA   sing N N 298 
PHE C   O    doub N N 299 
PHE C   OXT  sing N N 300 
PHE CB  CG   sing N N 301 
PHE CB  HB2  sing N N 302 
PHE CB  HB3  sing N N 303 
PHE CG  CD1  doub Y N 304 
PHE CG  CD2  sing Y N 305 
PHE CD1 CE1  sing Y N 306 
PHE CD1 HD1  sing N N 307 
PHE CD2 CE2  doub Y N 308 
PHE CD2 HD2  sing N N 309 
PHE CE1 CZ   doub Y N 310 
PHE CE1 HE1  sing N N 311 
PHE CE2 CZ   sing Y N 312 
PHE CE2 HE2  sing N N 313 
PHE CZ  HZ   sing N N 314 
PHE OXT HXT  sing N N 315 
PRO N   CA   sing N N 316 
PRO N   CD   sing N N 317 
PRO N   H    sing N N 318 
PRO CA  C    sing N N 319 
PRO CA  CB   sing N N 320 
PRO CA  HA   sing N N 321 
PRO C   O    doub N N 322 
PRO C   OXT  sing N N 323 
PRO CB  CG   sing N N 324 
PRO CB  HB2  sing N N 325 
PRO CB  HB3  sing N N 326 
PRO CG  CD   sing N N 327 
PRO CG  HG2  sing N N 328 
PRO CG  HG3  sing N N 329 
PRO CD  HD2  sing N N 330 
PRO CD  HD3  sing N N 331 
PRO OXT HXT  sing N N 332 
SER N   CA   sing N N 333 
SER N   H    sing N N 334 
SER N   H2   sing N N 335 
SER CA  C    sing N N 336 
SER CA  CB   sing N N 337 
SER CA  HA   sing N N 338 
SER C   O    doub N N 339 
SER C   OXT  sing N N 340 
SER CB  OG   sing N N 341 
SER CB  HB2  sing N N 342 
SER CB  HB3  sing N N 343 
SER OG  HG   sing N N 344 
SER OXT HXT  sing N N 345 
THR N   CA   sing N N 346 
THR N   H    sing N N 347 
THR N   H2   sing N N 348 
THR CA  C    sing N N 349 
THR CA  CB   sing N N 350 
THR CA  HA   sing N N 351 
THR C   O    doub N N 352 
THR C   OXT  sing N N 353 
THR CB  OG1  sing N N 354 
THR CB  CG2  sing N N 355 
THR CB  HB   sing N N 356 
THR OG1 HG1  sing N N 357 
THR CG2 HG21 sing N N 358 
THR CG2 HG22 sing N N 359 
THR CG2 HG23 sing N N 360 
THR OXT HXT  sing N N 361 
TRP N   CA   sing N N 362 
TRP N   H    sing N N 363 
TRP N   H2   sing N N 364 
TRP CA  C    sing N N 365 
TRP CA  CB   sing N N 366 
TRP CA  HA   sing N N 367 
TRP C   O    doub N N 368 
TRP C   OXT  sing N N 369 
TRP CB  CG   sing N N 370 
TRP CB  HB2  sing N N 371 
TRP CB  HB3  sing N N 372 
TRP CG  CD1  doub Y N 373 
TRP CG  CD2  sing Y N 374 
TRP CD1 NE1  sing Y N 375 
TRP CD1 HD1  sing N N 376 
TRP CD2 CE2  doub Y N 377 
TRP CD2 CE3  sing Y N 378 
TRP NE1 CE2  sing Y N 379 
TRP NE1 HE1  sing N N 380 
TRP CE2 CZ2  sing Y N 381 
TRP CE3 CZ3  doub Y N 382 
TRP CE3 HE3  sing N N 383 
TRP CZ2 CH2  doub Y N 384 
TRP CZ2 HZ2  sing N N 385 
TRP CZ3 CH2  sing Y N 386 
TRP CZ3 HZ3  sing N N 387 
TRP CH2 HH2  sing N N 388 
TRP OXT HXT  sing N N 389 
TYR N   CA   sing N N 390 
TYR N   H    sing N N 391 
TYR N   H2   sing N N 392 
TYR CA  C    sing N N 393 
TYR CA  CB   sing N N 394 
TYR CA  HA   sing N N 395 
TYR C   O    doub N N 396 
TYR C   OXT  sing N N 397 
TYR CB  CG   sing N N 398 
TYR CB  HB2  sing N N 399 
TYR CB  HB3  sing N N 400 
TYR CG  CD1  doub Y N 401 
TYR CG  CD2  sing Y N 402 
TYR CD1 CE1  sing Y N 403 
TYR CD1 HD1  sing N N 404 
TYR CD2 CE2  doub Y N 405 
TYR CD2 HD2  sing N N 406 
TYR CE1 CZ   doub Y N 407 
TYR CE1 HE1  sing N N 408 
TYR CE2 CZ   sing Y N 409 
TYR CE2 HE2  sing N N 410 
TYR CZ  OH   sing N N 411 
TYR OH  HH   sing N N 412 
TYR OXT HXT  sing N N 413 
VAL N   CA   sing N N 414 
VAL N   H    sing N N 415 
VAL N   H2   sing N N 416 
VAL CA  C    sing N N 417 
VAL CA  CB   sing N N 418 
VAL CA  HA   sing N N 419 
VAL C   O    doub N N 420 
VAL C   OXT  sing N N 421 
VAL CB  CG1  sing N N 422 
VAL CB  CG2  sing N N 423 
VAL CB  HB   sing N N 424 
VAL CG1 HG11 sing N N 425 
VAL CG1 HG12 sing N N 426 
VAL CG1 HG13 sing N N 427 
VAL CG2 HG21 sing N N 428 
VAL CG2 HG22 sing N N 429 
VAL CG2 HG23 sing N N 430 
VAL OXT HXT  sing N N 431 
# 
_atom_sites.entry_id                    1WC9 
_atom_sites.fract_transf_matrix[1][1]   0.00076742 
_atom_sites.fract_transf_matrix[1][2]   -0.00668119 
_atom_sites.fract_transf_matrix[1][3]   0.01438862 
_atom_sites.fract_transf_matrix[2][1]   0.01395090 
_atom_sites.fract_transf_matrix[2][2]   -0.00502679 
_atom_sites.fract_transf_matrix[2][3]   0.00568699 
_atom_sites.fract_transf_matrix[3][1]   0.00278000 
_atom_sites.fract_transf_matrix[3][2]   0.01590055 
_atom_sites.fract_transf_matrix[3][3]   0.00723497 
_atom_sites.fract_transf_vector[1]      0.400415 
_atom_sites.fract_transf_vector[2]      0.220107 
_atom_sites.fract_transf_vector[3]      0.371311 
# 
loop_
_atom_type.symbol 
C 
N 
O 
S 
# 
loop_
_atom_site.group_PDB 
_atom_site.id 
_atom_site.type_symbol 
_atom_site.label_atom_id 
_atom_site.label_alt_id 
_atom_site.label_comp_id 
_atom_site.label_asym_id 
_atom_site.label_entity_id 
_atom_site.label_seq_id 
_atom_site.pdbx_PDB_ins_code 
_atom_site.Cartn_x 
_atom_site.Cartn_y 
_atom_site.Cartn_z 
_atom_site.occupancy 
_atom_site.B_iso_or_equiv 
_atom_site.pdbx_formal_charge 
_atom_site.auth_seq_id 
_atom_site.auth_comp_id 
_atom_site.auth_asym_id 
_atom_site.auth_atom_id 
_atom_site.pdbx_PDB_model_num 
ATOM   1    N N   . LYS A 1 5   ? 22.337  0.107   0.787   1.00 26.23 ? 12   LYS A N   1 
ATOM   2    C CA  . LYS A 1 5   ? 22.334  0.506   2.223   1.00 25.76 ? 12   LYS A CA  1 
ATOM   3    C C   . LYS A 1 5   ? 21.030  1.215   2.571   1.00 23.95 ? 12   LYS A C   1 
ATOM   4    O O   . LYS A 1 5   ? 20.462  1.931   1.745   1.00 23.39 ? 12   LYS A O   1 
ATOM   5    C CB  . LYS A 1 5   ? 23.518  1.414   2.514   1.00 28.05 ? 12   LYS A CB  1 
ATOM   6    N N   . LYS A 1 6   ? 20.562  1.012   3.799   1.00 22.28 ? 13   LYS A N   1 
ATOM   7    C CA  . LYS A 1 6   ? 19.320  1.617   4.264   1.00 19.73 ? 13   LYS A CA  1 
ATOM   8    C C   . LYS A 1 6   ? 19.333  3.142   4.288   1.00 18.58 ? 13   LYS A C   1 
ATOM   9    O O   . LYS A 1 6   ? 20.388  3.772   4.353   1.00 18.33 ? 13   LYS A O   1 
ATOM   10   C CB  . LYS A 1 6   ? 18.975  1.089   5.660   1.00 21.41 ? 13   LYS A CB  1 
ATOM   11   C CG  . LYS A 1 6   ? 18.819  -0.431  5.754   1.00 22.16 ? 13   LYS A CG  1 
ATOM   12   C CD  . LYS A 1 6   ? 17.563  -0.919  5.044   1.00 22.97 ? 13   LYS A CD  1 
ATOM   13   C CE  . LYS A 1 6   ? 17.338  -2.410  5.274   1.00 22.98 ? 13   LYS A CE  1 
ATOM   14   N NZ  . LYS A 1 6   ? 16.093  -2.912  4.611   1.00 21.21 ? 13   LYS A NZ  1 
ATOM   15   N N   . MET A 1 7   ? 18.146  3.733   4.245   1.00 15.32 ? 14   MET A N   1 
ATOM   16   C CA  . MET A 1 7   ? 18.020  5.180   4.251   1.00 14.55 ? 14   MET A CA  1 
ATOM   17   C C   . MET A 1 7   ? 16.769  5.670   4.942   1.00 13.07 ? 14   MET A C   1 
ATOM   18   O O   . MET A 1 7   ? 15.799  4.923   5.095   1.00 11.95 ? 14   MET A O   1 
ATOM   19   C CB  . MET A 1 7   ? 18.004  5.687   2.816   1.00 16.08 ? 14   MET A CB  1 
ATOM   20   C CG  . MET A 1 7   ? 16.974  4.954   1.986   1.00 16.52 ? 14   MET A CG  1 
ATOM   21   S SD  . MET A 1 7   ? 16.960  5.379   0.255   1.00 21.07 ? 14   MET A SD  1 
ATOM   22   C CE  . MET A 1 7   ? 15.265  5.567   0.040   1.00 11.41 ? 14   MET A CE  1 
ATOM   23   N N   . SER A 1 8   ? 16.799  6.924   5.371   1.00 11.89 ? 15   SER A N   1 
ATOM   24   C CA  . SER A 1 8   ? 15.632  7.516   5.994   1.00 12.00 ? 15   SER A CA  1 
ATOM   25   C C   . SER A 1 8   ? 14.545  7.727   4.953   1.00 12.16 ? 15   SER A C   1 
ATOM   26   O O   . SER A 1 8   ? 14.810  7.653   3.755   1.00 15.15 ? 15   SER A O   1 
ATOM   27   C CB  . SER A 1 8   ? 16.002  8.836   6.666   1.00 11.36 ? 15   SER A CB  1 
ATOM   28   O OG  . SER A 1 8   ? 16.878  8.608   7.757   1.00 19.51 ? 15   SER A OG  1 
ATOM   29   N N   . SER A 1 9   ? 13.329  8.000   5.395   1.00 12.31 ? 16   SER A N   1 
ATOM   30   C CA  . SER A 1 9   ? 12.219  8.150   4.465   1.00 11.96 ? 16   SER A CA  1 
ATOM   31   C C   . SER A 1 9   ? 11.930  9.545   3.910   1.00 12.68 ? 16   SER A C   1 
ATOM   32   O O   . SER A 1 9   ? 11.208  9.666   2.921   1.00 12.94 ? 16   SER A O   1 
ATOM   33   C CB  . SER A 1 9   ? 10.951  7.634   5.134   1.00 13.03 ? 16   SER A CB  1 
ATOM   34   O OG  . SER A 1 9   ? 10.646  8.431   6.264   1.00 15.34 ? 16   SER A OG  1 
ATOM   35   N N   . GLU A 1 10  ? 12.480  10.589  4.523   1.00 12.99 ? 17   GLU A N   1 
ATOM   36   C CA  . GLU A 1 10  ? 12.188  11.961  4.097   1.00 12.33 ? 17   GLU A CA  1 
ATOM   37   C C   . GLU A 1 10  ? 12.289  12.296  2.608   1.00 12.15 ? 17   GLU A C   1 
ATOM   38   O O   . GLU A 1 10  ? 11.379  12.919  2.057   1.00 11.09 ? 17   GLU A O   1 
ATOM   39   C CB  . GLU A 1 10  ? 13.023  12.961  4.902   1.00 14.79 ? 17   GLU A CB  1 
ATOM   40   C CG  . GLU A 1 10  ? 12.654  13.049  6.382   1.00 15.58 ? 17   GLU A CG  1 
ATOM   41   C CD  . GLU A 1 10  ? 13.009  11.794  7.157   1.00 17.18 ? 17   GLU A CD  1 
ATOM   42   O OE1 . GLU A 1 10  ? 13.969  11.103  6.760   1.00 17.43 ? 17   GLU A OE1 1 
ATOM   43   O OE2 . GLU A 1 10  ? 12.341  11.511  8.176   1.00 19.42 ? 17   GLU A OE2 1 
ATOM   44   N N   . LEU A 1 11  ? 13.381  11.919  1.947   1.00 10.32 ? 18   LEU A N   1 
ATOM   45   C CA  . LEU A 1 11  ? 13.485  12.230  0.526   1.00 11.28 ? 18   LEU A CA  1 
ATOM   46   C C   . LEU A 1 11  ? 12.460  11.459  -0.290  1.00 11.76 ? 18   LEU A C   1 
ATOM   47   O O   . LEU A 1 11  ? 11.879  11.982  -1.246  1.00 12.55 ? 18   LEU A O   1 
ATOM   48   C CB  . LEU A 1 11  ? 14.905  11.957  0.010   1.00 9.68  ? 18   LEU A CB  1 
ATOM   49   C CG  . LEU A 1 11  ? 15.153  12.284  -1.471  1.00 9.79  ? 18   LEU A CG  1 
ATOM   50   C CD1 . LEU A 1 11  ? 14.708  13.710  -1.786  1.00 11.37 ? 18   LEU A CD1 1 
ATOM   51   C CD2 . LEU A 1 11  ? 16.628  12.099  -1.786  1.00 11.13 ? 18   LEU A CD2 1 
ATOM   52   N N   . PHE A 1 12  ? 12.235  10.207  0.100   1.00 12.31 ? 19   PHE A N   1 
ATOM   53   C CA  . PHE A 1 12  ? 11.237  9.376   -0.555  1.00 13.21 ? 19   PHE A CA  1 
ATOM   54   C C   . PHE A 1 12  ? 9.841   9.977   -0.398  1.00 13.14 ? 19   PHE A C   1 
ATOM   55   O O   . PHE A 1 12  ? 9.109   10.141  -1.375  1.00 13.85 ? 19   PHE A O   1 
ATOM   56   C CB  . PHE A 1 12  ? 11.289  7.952   0.026   1.00 14.93 ? 19   PHE A CB  1 
ATOM   57   C CG  . PHE A 1 12  ? 10.134  7.073   -0.376  1.00 15.96 ? 19   PHE A CG  1 
ATOM   58   C CD1 . PHE A 1 12  ? 9.691   7.032   -1.693  1.00 18.35 ? 19   PHE A CD1 1 
ATOM   59   C CD2 . PHE A 1 12  ? 9.503   6.265   0.563   1.00 19.82 ? 19   PHE A CD2 1 
ATOM   60   C CE1 . PHE A 1 12  ? 8.637   6.197   -2.070  1.00 19.59 ? 19   PHE A CE1 1 
ATOM   61   C CE2 . PHE A 1 12  ? 8.451   5.426   0.195   1.00 21.69 ? 19   PHE A CE2 1 
ATOM   62   C CZ  . PHE A 1 12  ? 8.018   5.394   -1.122  1.00 19.73 ? 19   PHE A CZ  1 
ATOM   63   N N   . THR A 1 13  ? 9.486   10.342  0.829   1.00 12.23 ? 20   THR A N   1 
ATOM   64   C CA  . THR A 1 13  ? 8.177   10.935  1.070   1.00 12.89 ? 20   THR A CA  1 
ATOM   65   C C   . THR A 1 13  ? 7.956   12.239  0.305   1.00 11.07 ? 20   THR A C   1 
ATOM   66   O O   . THR A 1 13  ? 6.882   12.457  -0.264  1.00 9.71  ? 20   THR A O   1 
ATOM   67   C CB  . THR A 1 13  ? 7.949   11.177  2.564   1.00 15.85 ? 20   THR A CB  1 
ATOM   68   O OG1 . THR A 1 13  ? 8.926   12.097  3.054   1.00 20.75 ? 20   THR A OG1 1 
ATOM   69   C CG2 . THR A 1 13  ? 8.058   9.871   3.329   1.00 16.20 ? 20   THR A CG2 1 
ATOM   70   N N   . LEU A 1 14  ? 8.968   13.107  0.283   1.00 9.59  ? 21   LEU A N   1 
ATOM   71   C CA  . LEU A 1 14  ? 8.846   14.361  -0.463  1.00 8.64  ? 21   LEU A CA  1 
ATOM   72   C C   . LEU A 1 14  ? 8.773   14.129  -1.968  1.00 8.64  ? 21   LEU A C   1 
ATOM   73   O O   . LEU A 1 14  ? 8.106   14.870  -2.694  1.00 8.35  ? 21   LEU A O   1 
ATOM   74   C CB  . LEU A 1 14  ? 10.004  15.310  -0.126  1.00 8.77  ? 21   LEU A CB  1 
ATOM   75   C CG  . LEU A 1 14  ? 9.960   15.833  1.314   1.00 10.19 ? 21   LEU A CG  1 
ATOM   76   C CD1 . LEU A 1 14  ? 11.235  16.602  1.640   1.00 9.94  ? 21   LEU A CD1 1 
ATOM   77   C CD2 . LEU A 1 14  ? 8.730   16.711  1.492   1.00 12.39 ? 21   LEU A CD2 1 
ATOM   78   N N   . THR A 1 15  ? 9.468   13.098  -2.440  1.00 8.90  ? 22   THR A N   1 
ATOM   79   C CA  . THR A 1 15  ? 9.412   12.767  -3.857  1.00 9.44  ? 22   THR A CA  1 
ATOM   80   C C   . THR A 1 15  ? 8.024   12.262  -4.216  1.00 9.26  ? 22   THR A C   1 
ATOM   81   O O   . THR A 1 15  ? 7.468   12.615  -5.259  1.00 9.30  ? 22   THR A O   1 
ATOM   82   C CB  . THR A 1 15  ? 10.467  11.705  -4.226  1.00 10.58 ? 22   THR A CB  1 
ATOM   83   O OG1 . THR A 1 15  ? 11.778  12.243  -3.998  1.00 10.81 ? 22   THR A OG1 1 
ATOM   84   C CG2 . THR A 1 15  ? 10.340  11.315  -5.694  1.00 11.13 ? 22   THR A CG2 1 
ATOM   85   N N   . TYR A 1 16  ? 7.461   11.432  -3.342  1.00 9.51  ? 23   TYR A N   1 
ATOM   86   C CA  . TYR A 1 16  ? 6.105   10.953  -3.566  1.00 8.92  ? 23   TYR A CA  1 
ATOM   87   C C   . TYR A 1 16  ? 5.142   12.138  -3.585  1.00 8.88  ? 23   TYR A C   1 
ATOM   88   O O   . TYR A 1 16  ? 4.164   12.160  -4.334  1.00 8.54  ? 23   TYR A O   1 
ATOM   89   C CB  . TYR A 1 16  ? 5.695   9.970   -2.464  1.00 9.42  ? 23   TYR A CB  1 
ATOM   90   C CG  . TYR A 1 16  ? 4.304   9.407   -2.654  1.00 7.67  ? 23   TYR A CG  1 
ATOM   91   C CD1 . TYR A 1 16  ? 4.019   8.550   -3.715  1.00 8.21  ? 23   TYR A CD1 1 
ATOM   92   C CD2 . TYR A 1 16  ? 3.268   9.750   -1.787  1.00 7.96  ? 23   TYR A CD2 1 
ATOM   93   C CE1 . TYR A 1 16  ? 2.733   8.047   -3.910  1.00 8.48  ? 23   TYR A CE1 1 
ATOM   94   C CE2 . TYR A 1 16  ? 1.978   9.251   -1.972  1.00 7.15  ? 23   TYR A CE2 1 
ATOM   95   C CZ  . TYR A 1 16  ? 1.718   8.402   -3.034  1.00 8.15  ? 23   TYR A CZ  1 
ATOM   96   O OH  . TYR A 1 16  ? 0.448   7.903   -3.221  1.00 8.29  ? 23   TYR A OH  1 
ATOM   97   N N   . GLY A 1 17  ? 5.446   13.132  -2.752  1.00 9.32  ? 24   GLY A N   1 
ATOM   98   C CA  . GLY A 1 17  ? 4.641   14.340  -2.686  1.00 9.13  ? 24   GLY A CA  1 
ATOM   99   C C   . GLY A 1 17  ? 4.676   15.072  -4.014  1.00 9.74  ? 24   GLY A C   1 
ATOM   100  O O   . GLY A 1 17  ? 3.653   15.572  -4.484  1.00 9.73  ? 24   GLY A O   1 
ATOM   101  N N   . ALA A 1 18  ? 5.859   15.152  -4.621  1.00 10.02 ? 25   ALA A N   1 
ATOM   102  C CA  . ALA A 1 18  ? 5.980   15.803  -5.920  1.00 10.05 ? 25   ALA A CA  1 
ATOM   103  C C   . ALA A 1 18  ? 5.141   15.091  -6.973  1.00 8.92  ? 25   ALA A C   1 
ATOM   104  O O   . ALA A 1 18  ? 4.567   15.721  -7.866  1.00 9.61  ? 25   ALA A O   1 
ATOM   105  C CB  . ALA A 1 18  ? 7.446   15.849  -6.358  1.00 9.89  ? 25   ALA A CB  1 
ATOM   106  N N   . LEU A 1 19  ? 5.085   13.766  -6.862  1.00 8.80  ? 26   LEU A N   1 
ATOM   107  C CA  . LEU A 1 19  ? 4.290   12.959  -7.776  1.00 7.37  ? 26   LEU A CA  1 
ATOM   108  C C   . LEU A 1 19  ? 2.810   13.273  -7.635  1.00 8.85  ? 26   LEU A C   1 
ATOM   109  O O   . LEU A 1 19  ? 2.125   13.512  -8.625  1.00 9.10  ? 26   LEU A O   1 
ATOM   110  C CB  . LEU A 1 19  ? 4.532   11.466  -7.521  1.00 9.53  ? 26   LEU A CB  1 
ATOM   111  C CG  . LEU A 1 19  ? 3.644   10.491  -8.306  1.00 8.93  ? 26   LEU A CG  1 
ATOM   112  C CD1 . LEU A 1 19  ? 3.795   10.734  -9.799  1.00 10.28 ? 26   LEU A CD1 1 
ATOM   113  C CD2 . LEU A 1 19  ? 4.029   9.055   -7.958  1.00 11.54 ? 26   LEU A CD2 1 
ATOM   114  N N   . VAL A 1 20  ? 2.317   13.268  -6.398  1.00 8.67  ? 27   VAL A N   1 
ATOM   115  C CA  . VAL A 1 20  ? 0.917   13.593  -6.158  1.00 7.90  ? 27   VAL A CA  1 
ATOM   116  C C   . VAL A 1 20  ? 0.586   14.998  -6.652  1.00 8.75  ? 27   VAL A C   1 
ATOM   117  O O   . VAL A 1 20  ? -0.440  15.219  -7.295  1.00 9.24  ? 27   VAL A O   1 
ATOM   118  C CB  . VAL A 1 20  ? 0.559   13.467  -4.649  1.00 7.58  ? 27   VAL A CB  1 
ATOM   119  C CG1 . VAL A 1 20  ? -0.907  13.831  -4.416  1.00 7.11  ? 27   VAL A CG1 1 
ATOM   120  C CG2 . VAL A 1 20  ? 0.807   12.046  -4.179  1.00 8.90  ? 27   VAL A CG2 1 
ATOM   121  N N   . THR A 1 21  ? 1.472   15.946  -6.363  1.00 9.33  ? 28   THR A N   1 
ATOM   122  C CA  . THR A 1 21  ? 1.267   17.314  -6.814  1.00 9.30  ? 28   THR A CA  1 
ATOM   123  C C   . THR A 1 21  ? 1.157   17.405  -8.336  1.00 9.87  ? 28   THR A C   1 
ATOM   124  O O   . THR A 1 21  ? 0.279   18.095  -8.870  1.00 10.42 ? 28   THR A O   1 
ATOM   125  C CB  . THR A 1 21  ? 2.408   18.225  -6.313  1.00 10.23 ? 28   THR A CB  1 
ATOM   126  O OG1 . THR A 1 21  ? 2.348   18.305  -4.883  1.00 11.95 ? 28   THR A OG1 1 
ATOM   127  C CG2 . THR A 1 21  ? 2.280   19.629  -6.891  1.00 11.62 ? 28   THR A CG2 1 
ATOM   128  N N   . GLN A 1 22  ? 2.043   16.701  -9.032  1.00 8.63  ? 29   GLN A N   1 
ATOM   129  C CA  . GLN A 1 22  ? 2.015   16.689  -10.489 1.00 8.97  ? 29   GLN A CA  1 
ATOM   130  C C   . GLN A 1 22  ? 0.716   16.097  -11.024 1.00 8.80  ? 29   GLN A C   1 
ATOM   131  O O   . GLN A 1 22  ? 0.136   16.619  -11.972 1.00 9.51  ? 29   GLN A O   1 
ATOM   132  C CB  . GLN A 1 22  ? 3.212   15.903  -11.042 1.00 9.89  ? 29   GLN A CB  1 
ATOM   133  C CG  . GLN A 1 22  ? 3.304   15.871  -12.572 1.00 10.57 ? 29   GLN A CG  1 
ATOM   134  C CD  . GLN A 1 22  ? 3.514   17.245  -13.185 1.00 12.64 ? 29   GLN A CD  1 
ATOM   135  O OE1 . GLN A 1 22  ? 4.207   18.091  -12.618 1.00 13.74 ? 29   GLN A OE1 1 
ATOM   136  N NE2 . GLN A 1 22  ? 2.934   17.467  -14.358 1.00 11.46 ? 29   GLN A NE2 1 
ATOM   137  N N   . LEU A 1 23  ? 0.253   15.011  -10.411 1.00 8.57  ? 30   LEU A N   1 
ATOM   138  C CA  . LEU A 1 23  ? -0.998  14.403  -10.849 1.00 7.45  ? 30   LEU A CA  1 
ATOM   139  C C   . LEU A 1 23  ? -2.189  15.324  -10.631 1.00 9.86  ? 30   LEU A C   1 
ATOM   140  O O   . LEU A 1 23  ? -3.117  15.355  -11.441 1.00 9.86  ? 30   LEU A O   1 
ATOM   141  C CB  . LEU A 1 23  ? -1.229  13.061  -10.143 1.00 8.68  ? 30   LEU A CB  1 
ATOM   142  C CG  . LEU A 1 23  ? -0.278  11.940  -10.572 1.00 8.19  ? 30   LEU A CG  1 
ATOM   143  C CD1 . LEU A 1 23  ? -0.552  10.696  -9.734  1.00 8.67  ? 30   LEU A CD1 1 
ATOM   144  C CD2 . LEU A 1 23  ? -0.458  11.634  -12.067 1.00 11.94 ? 30   LEU A CD2 1 
ATOM   145  N N   . CYS A 1 24  ? -2.167  16.072  -9.532  1.00 9.69  ? 31   CYS A N   1 
ATOM   146  C CA  . CYS A 1 24  ? -3.250  17.013  -9.271  1.00 10.20 ? 31   CYS A CA  1 
ATOM   147  C C   . CYS A 1 24  ? -3.292  18.093  -10.344 1.00 11.92 ? 31   CYS A C   1 
ATOM   148  O O   . CYS A 1 24  ? -4.359  18.560  -10.747 1.00 14.12 ? 31   CYS A O   1 
ATOM   149  C CB  . CYS A 1 24  ? -3.097  17.633  -7.878  1.00 8.92  ? 31   CYS A CB  1 
ATOM   150  S SG  . CYS A 1 24  ? -3.493  16.479  -6.534  1.00 11.79 ? 31   CYS A SG  1 
ATOM   151  N N   . LYS A 1 25  ? -2.110  18.467  -10.818 1.00 12.07 ? 32   LYS A N   1 
ATOM   152  C CA  . LYS A 1 25  ? -1.995  19.455  -11.879 1.00 13.24 ? 32   LYS A CA  1 
ATOM   153  C C   . LYS A 1 25  ? -2.456  18.881  -13.216 1.00 13.88 ? 32   LYS A C   1 
ATOM   154  O O   . LYS A 1 25  ? -3.140  19.550  -13.998 1.00 14.90 ? 32   LYS A O   1 
ATOM   155  C CB  . LYS A 1 25  ? -0.541  19.931  -11.982 1.00 14.85 ? 32   LYS A CB  1 
ATOM   156  C CG  . LYS A 1 25  ? -0.271  20.914  -13.109 1.00 17.46 ? 32   LYS A CG  1 
ATOM   157  C CD  . LYS A 1 25  ? 1.203   21.293  -13.157 1.00 20.08 ? 32   LYS A CD  1 
ATOM   158  C CE  . LYS A 1 25  ? 1.498   22.230  -14.320 1.00 22.41 ? 32   LYS A CE  1 
ATOM   159  N NZ  . LYS A 1 25  ? 2.937   22.606  -14.384 1.00 24.66 ? 32   LYS A NZ  1 
ATOM   160  N N   . ASP A 1 26  ? -2.093  17.623  -13.459 1.00 13.21 ? 33   ASP A N   1 
ATOM   161  C CA  . ASP A 1 26  ? -2.455  16.935  -14.694 1.00 13.76 ? 33   ASP A CA  1 
ATOM   162  C C   . ASP A 1 26  ? -3.938  16.624  -14.855 1.00 15.77 ? 33   ASP A C   1 
ATOM   163  O O   . ASP A 1 26  ? -4.451  16.617  -15.976 1.00 17.51 ? 33   ASP A O   1 
ATOM   164  C CB  . ASP A 1 26  ? -1.688  15.613  -14.830 1.00 12.68 ? 33   ASP A CB  1 
ATOM   165  C CG  . ASP A 1 26  ? -0.202  15.807  -15.044 1.00 11.58 ? 33   ASP A CG  1 
ATOM   166  O OD1 . ASP A 1 26  ? 0.202   16.901  -15.490 1.00 14.18 ? 33   ASP A OD1 1 
ATOM   167  O OD2 . ASP A 1 26  ? 0.559   14.853  -14.778 1.00 13.18 ? 33   ASP A OD2 1 
ATOM   168  N N   . TYR A 1 27  ? -4.623  16.360  -13.745 1.00 16.13 ? 34   TYR A N   1 
ATOM   169  C CA  . TYR A 1 27  ? -6.039  16.002  -13.804 1.00 17.21 ? 34   TYR A CA  1 
ATOM   170  C C   . TYR A 1 27  ? -7.039  16.957  -13.153 1.00 18.09 ? 34   TYR A C   1 
ATOM   171  O O   . TYR A 1 27  ? -8.212  16.978  -13.541 1.00 18.87 ? 34   TYR A O   1 
ATOM   172  C CB  . TYR A 1 27  ? -6.244  14.602  -13.212 1.00 17.97 ? 34   TYR A CB  1 
ATOM   173  C CG  . TYR A 1 27  ? -5.539  13.505  -13.972 1.00 18.47 ? 34   TYR A CG  1 
ATOM   174  C CD1 . TYR A 1 27  ? -4.236  13.129  -13.648 1.00 20.54 ? 34   TYR A CD1 1 
ATOM   175  C CD2 . TYR A 1 27  ? -6.170  12.852  -15.031 1.00 18.99 ? 34   TYR A CD2 1 
ATOM   176  C CE1 . TYR A 1 27  ? -3.579  12.127  -14.358 1.00 21.46 ? 34   TYR A CE1 1 
ATOM   177  C CE2 . TYR A 1 27  ? -5.523  11.851  -15.748 1.00 20.37 ? 34   TYR A CE2 1 
ATOM   178  C CZ  . TYR A 1 27  ? -4.231  11.493  -15.406 1.00 23.13 ? 34   TYR A CZ  1 
ATOM   179  O OH  . TYR A 1 27  ? -3.599  10.486  -16.100 1.00 26.81 ? 34   TYR A OH  1 
ATOM   180  N N   . GLU A 1 28  ? -6.599  17.737  -12.171 1.00 18.90 ? 35   GLU A N   1 
ATOM   181  C CA  . GLU A 1 28  ? -7.509  18.654  -11.486 1.00 21.51 ? 35   GLU A CA  1 
ATOM   182  C C   . GLU A 1 28  ? -8.807  17.966  -11.070 1.00 20.69 ? 35   GLU A C   1 
ATOM   183  O O   . GLU A 1 28  ? -9.907  18.498  -11.225 1.00 20.38 ? 35   GLU A O   1 
ATOM   184  C CB  . GLU A 1 28  ? -7.820  19.863  -12.373 1.00 25.10 ? 35   GLU A CB  1 
ATOM   185  C CG  . GLU A 1 28  ? -6.604  20.722  -12.696 1.00 30.02 ? 35   GLU A CG  1 
ATOM   186  C CD  . GLU A 1 28  ? -6.952  21.931  -13.545 1.00 32.94 ? 35   GLU A CD  1 
ATOM   187  O OE1 . GLU A 1 28  ? -7.789  22.747  -13.104 1.00 34.92 ? 35   GLU A OE1 1 
ATOM   188  O OE2 . GLU A 1 28  ? -6.386  22.067  -14.651 1.00 35.47 ? 35   GLU A OE2 1 
ATOM   189  N N   . ASN A 1 29  ? -8.651  16.758  -10.552 1.00 20.02 ? 36   ASN A N   1 
ATOM   190  C CA  . ASN A 1 29  ? -9.766  15.944  -10.102 1.00 17.48 ? 36   ASN A CA  1 
ATOM   191  C C   . ASN A 1 29  ? -9.267  14.839  -9.189  1.00 15.03 ? 36   ASN A C   1 
ATOM   192  O O   . ASN A 1 29  ? -8.590  13.923  -9.645  1.00 14.46 ? 36   ASN A O   1 
ATOM   193  C CB  . ASN A 1 29  ? -10.470 15.339  -11.309 1.00 21.24 ? 36   ASN A CB  1 
ATOM   194  C CG  . ASN A 1 29  ? -11.740 14.619  -10.934 1.00 21.79 ? 36   ASN A CG  1 
ATOM   195  O OD1 . ASN A 1 29  ? -12.781 15.244  -10.718 1.00 25.76 ? 36   ASN A OD1 1 
ATOM   196  N ND2 . ASN A 1 29  ? -11.662 13.298  -10.838 1.00 21.15 ? 36   ASN A ND2 1 
ATOM   197  N N   . ASP A 1 30  ? -9.587  14.933  -7.902  1.00 13.25 ? 37   ASP A N   1 
ATOM   198  C CA  . ASP A 1 30  ? -9.118  13.949  -6.932  1.00 12.73 ? 37   ASP A CA  1 
ATOM   199  C C   . ASP A 1 30  ? -9.336  12.492  -7.313  1.00 11.08 ? 37   ASP A C   1 
ATOM   200  O O   . ASP A 1 30  ? -8.441  11.662  -7.133  1.00 10.77 ? 37   ASP A O   1 
ATOM   201  C CB  . ASP A 1 30  ? -9.732  14.232  -5.563  1.00 13.82 ? 37   ASP A CB  1 
ATOM   202  C CG  . ASP A 1 30  ? -9.132  15.459  -4.904  1.00 17.37 ? 37   ASP A CG  1 
ATOM   203  O OD1 . ASP A 1 30  ? -9.675  15.903  -3.875  1.00 21.40 ? 37   ASP A OD1 1 
ATOM   204  O OD2 . ASP A 1 30  ? -8.116  15.974  -5.414  1.00 18.65 ? 37   ASP A OD2 1 
ATOM   205  N N   . GLU A 1 31  ? -10.513 12.170  -7.834  1.00 10.94 ? 38   GLU A N   1 
ATOM   206  C CA  . GLU A 1 31  ? -10.775 10.797  -8.234  1.00 10.00 ? 38   GLU A CA  1 
ATOM   207  C C   . GLU A 1 31  ? -9.811  10.304  -9.311  1.00 9.02  ? 38   GLU A C   1 
ATOM   208  O O   . GLU A 1 31  ? -9.376  9.152   -9.282  1.00 8.84  ? 38   GLU A O   1 
ATOM   209  C CB  . GLU A 1 31  ? -12.231 10.645  -8.691  1.00 9.90  ? 38   GLU A CB  1 
ATOM   210  C CG  . GLU A 1 31  ? -13.237 10.609  -7.540  1.00 14.52 ? 38   GLU A CG  1 
ATOM   211  C CD  . GLU A 1 31  ? -13.553 11.975  -6.953  1.00 15.65 ? 38   GLU A CD  1 
ATOM   212  O OE1 . GLU A 1 31  ? -14.319 12.023  -5.967  1.00 18.74 ? 38   GLU A OE1 1 
ATOM   213  O OE2 . GLU A 1 31  ? -13.057 13.002  -7.472  1.00 16.01 ? 38   GLU A OE2 1 
ATOM   214  N N   . ASP A 1 32  ? -9.483  11.173  -10.265 1.00 9.44  ? 39   ASP A N   1 
ATOM   215  C CA  . ASP A 1 32  ? -8.526  10.809  -11.303 1.00 9.22  ? 39   ASP A CA  1 
ATOM   216  C C   . ASP A 1 32  ? -7.162  10.536  -10.696 1.00 8.96  ? 39   ASP A C   1 
ATOM   217  O O   . ASP A 1 32  ? -6.490  9.576   -11.065 1.00 9.75  ? 39   ASP A O   1 
ATOM   218  C CB  . ASP A 1 32  ? -8.391  11.922  -12.348 1.00 10.26 ? 39   ASP A CB  1 
ATOM   219  C CG  . ASP A 1 32  ? -9.562  11.974  -13.299 1.00 15.32 ? 39   ASP A CG  1 
ATOM   220  O OD1 . ASP A 1 32  ? -9.886  10.928  -13.898 1.00 15.47 ? 39   ASP A OD1 1 
ATOM   221  O OD2 . ASP A 1 32  ? -10.149 13.065  -13.448 1.00 19.28 ? 39   ASP A OD2 1 
ATOM   222  N N   . VAL A 1 33  ? -6.759  11.393  -9.759  1.00 9.04  ? 40   VAL A N   1 
ATOM   223  C CA  . VAL A 1 33  ? -5.482  11.216  -9.084  1.00 7.73  ? 40   VAL A CA  1 
ATOM   224  C C   . VAL A 1 33  ? -5.439  9.887   -8.343  1.00 9.18  ? 40   VAL A C   1 
ATOM   225  O O   . VAL A 1 33  ? -4.455  9.152   -8.431  1.00 8.51  ? 40   VAL A O   1 
ATOM   226  C CB  . VAL A 1 33  ? -5.205  12.372  -8.091  1.00 7.40  ? 40   VAL A CB  1 
ATOM   227  C CG1 . VAL A 1 33  ? -3.875  12.137  -7.363  1.00 8.88  ? 40   VAL A CG1 1 
ATOM   228  C CG2 . VAL A 1 33  ? -5.157  13.695  -8.843  1.00 9.05  ? 40   VAL A CG2 1 
ATOM   229  N N   . ASN A 1 34  ? -6.516  9.576   -7.624  1.00 8.14  ? 41   ASN A N   1 
ATOM   230  C CA  . ASN A 1 34  ? -6.588  8.301   -6.916  1.00 8.60  ? 41   ASN A CA  1 
ATOM   231  C C   . ASN A 1 34  ? -6.382  7.128   -7.861  1.00 9.14  ? 41   ASN A C   1 
ATOM   232  O O   . ASN A 1 34  ? -5.636  6.194   -7.568  1.00 8.72  ? 41   ASN A O   1 
ATOM   233  C CB  . ASN A 1 34  ? -7.942  8.135   -6.223  1.00 9.21  ? 41   ASN A CB  1 
ATOM   234  C CG  . ASN A 1 34  ? -8.143  9.103   -5.083  1.00 9.44  ? 41   ASN A CG  1 
ATOM   235  O OD1 . ASN A 1 34  ? -7.191  9.697   -4.578  1.00 8.58  ? 41   ASN A OD1 1 
ATOM   236  N ND2 . ASN A 1 34  ? -9.394  9.252   -4.654  1.00 9.82  ? 41   ASN A ND2 1 
ATOM   237  N N   . LYS A 1 35  ? -7.056  7.189   -9.006  1.00 8.86  ? 42   LYS A N   1 
ATOM   238  C CA  . LYS A 1 35  ? -6.948  6.139   -10.008 1.00 8.16  ? 42   LYS A CA  1 
ATOM   239  C C   . LYS A 1 35  ? -5.541  5.993   -10.567 1.00 8.91  ? 42   LYS A C   1 
ATOM   240  O O   . LYS A 1 35  ? -5.022  4.882   -10.676 1.00 8.97  ? 42   LYS A O   1 
ATOM   241  C CB  . LYS A 1 35  ? -7.931  6.406   -11.152 1.00 10.65 ? 42   LYS A CB  1 
ATOM   242  C CG  . LYS A 1 35  ? -9.388  6.333   -10.743 1.00 11.01 ? 42   LYS A CG  1 
ATOM   243  C CD  . LYS A 1 35  ? -10.292 6.697   -11.911 1.00 11.32 ? 42   LYS A CD  1 
ATOM   244  C CE  . LYS A 1 35  ? -11.756 6.637   -11.519 1.00 14.59 ? 42   LYS A CE  1 
ATOM   245  N NZ  . LYS A 1 35  ? -12.614 7.059   -12.654 1.00 15.70 ? 42   LYS A NZ  1 
ATOM   246  N N   . GLN A 1 36  ? -4.923  7.117   -10.921 1.00 7.59  ? 43   GLN A N   1 
ATOM   247  C CA  . GLN A 1 36  ? -3.572  7.083   -11.457 1.00 7.13  ? 43   GLN A CA  1 
ATOM   248  C C   . GLN A 1 36  ? -2.555  6.576   -10.446 1.00 7.76  ? 43   GLN A C   1 
ATOM   249  O O   . GLN A 1 36  ? -1.659  5.811   -10.794 1.00 8.57  ? 43   GLN A O   1 
ATOM   250  C CB  . GLN A 1 36  ? -3.163  8.464   -11.971 1.00 10.04 ? 43   GLN A CB  1 
ATOM   251  C CG  . GLN A 1 36  ? -3.974  8.929   -13.170 1.00 14.27 ? 43   GLN A CG  1 
ATOM   252  C CD  . GLN A 1 36  ? -4.100  7.853   -14.231 1.00 18.86 ? 43   GLN A CD  1 
ATOM   253  O OE1 . GLN A 1 36  ? -3.112  7.221   -14.614 1.00 20.77 ? 43   GLN A OE1 1 
ATOM   254  N NE2 . GLN A 1 36  ? -5.320  7.639   -14.715 1.00 22.41 ? 43   GLN A NE2 1 
ATOM   255  N N   . LEU A 1 37  ? -2.697  6.997   -9.193  1.00 7.26  ? 44   LEU A N   1 
ATOM   256  C CA  . LEU A 1 37  ? -1.787  6.531   -8.153  1.00 7.58  ? 44   LEU A CA  1 
ATOM   257  C C   . LEU A 1 37  ? -1.843  5.020   -7.995  1.00 9.13  ? 44   LEU A C   1 
ATOM   258  O O   . LEU A 1 37  ? -0.812  4.356   -7.866  1.00 7.50  ? 44   LEU A O   1 
ATOM   259  C CB  . LEU A 1 37  ? -2.116  7.206   -6.822  1.00 7.69  ? 44   LEU A CB  1 
ATOM   260  C CG  . LEU A 1 37  ? -1.712  8.677   -6.704  1.00 7.62  ? 44   LEU A CG  1 
ATOM   261  C CD1 . LEU A 1 37  ? -2.259  9.234   -5.399  1.00 8.85  ? 44   LEU A CD1 1 
ATOM   262  C CD2 . LEU A 1 37  ? -0.188  8.815   -6.766  1.00 8.98  ? 44   LEU A CD2 1 
ATOM   263  N N   . ASP A 1 38  ? -3.059  4.481   -8.014  1.00 7.73  ? 45   ASP A N   1 
ATOM   264  C CA  . ASP A 1 38  ? -3.245  3.043   -7.905  1.00 8.26  ? 45   ASP A CA  1 
ATOM   265  C C   . ASP A 1 38  ? -2.661  2.312   -9.107  1.00 8.28  ? 45   ASP A C   1 
ATOM   266  O O   . ASP A 1 38  ? -2.021  1.275   -8.960  1.00 9.40  ? 45   ASP A O   1 
ATOM   267  C CB  . ASP A 1 38  ? -4.732  2.711   -7.733  1.00 10.01 ? 45   ASP A CB  1 
ATOM   268  C CG  . ASP A 1 38  ? -5.001  1.218   -7.747  1.00 10.62 ? 45   ASP A CG  1 
ATOM   269  O OD1 . ASP A 1 38  ? -5.377  0.694   -8.816  1.00 11.93 ? 45   ASP A OD1 1 
ATOM   270  O OD2 . ASP A 1 38  ? -4.827  0.570   -6.694  1.00 11.01 ? 45   ASP A OD2 1 
ATOM   271  N N   . ARG A 1 39  ? -2.863  2.869   -10.299 1.00 8.19  ? 46   ARG A N   1 
ATOM   272  C CA  . ARG A 1 39  ? -2.310  2.263   -11.506 1.00 8.82  ? 46   ARG A CA  1 
ATOM   273  C C   . ARG A 1 39  ? -0.788  2.213   -11.443 1.00 8.45  ? 46   ARG A C   1 
ATOM   274  O O   . ARG A 1 39  ? -0.173  1.182   -11.730 1.00 9.56  ? 46   ARG A O   1 
ATOM   275  C CB  . ARG A 1 39  ? -2.753  3.042   -12.747 1.00 11.45 ? 46   ARG A CB  1 
ATOM   276  C CG  . ARG A 1 39  ? -2.350  2.386   -14.060 1.00 16.43 ? 46   ARG A CG  1 
ATOM   277  C CD  . ARG A 1 39  ? -2.753  3.247   -15.247 1.00 19.35 ? 46   ARG A CD  1 
ATOM   278  N NE  . ARG A 1 39  ? -2.065  4.534   -15.234 1.00 24.28 ? 46   ARG A NE  1 
ATOM   279  C CZ  . ARG A 1 39  ? -0.748  4.680   -15.343 1.00 26.48 ? 46   ARG A CZ  1 
ATOM   280  N NH1 . ARG A 1 39  ? 0.034   3.617   -15.474 1.00 27.77 ? 46   ARG A NH1 1 
ATOM   281  N NH2 . ARG A 1 39  ? -0.209  5.891   -15.321 1.00 28.29 ? 46   ARG A NH2 1 
ATOM   282  N N   . MET A 1 40  ? -0.185  3.336   -11.063 1.00 8.32  ? 47   MET A N   1 
ATOM   283  C CA  . MET A 1 40  ? 1.263   3.394   -10.928 1.00 7.30  ? 47   MET A CA  1 
ATOM   284  C C   . MET A 1 40  ? 1.749   2.399   -9.890  1.00 8.62  ? 47   MET A C   1 
ATOM   285  O O   . MET A 1 40  ? 2.772   1.737   -10.073 1.00 7.98  ? 47   MET A O   1 
ATOM   286  C CB  . MET A 1 40  ? 1.706   4.801   -10.528 1.00 9.22  ? 47   MET A CB  1 
ATOM   287  C CG  . MET A 1 40  ? 1.477   5.841   -11.596 1.00 11.08 ? 47   MET A CG  1 
ATOM   288  S SD  . MET A 1 40  ? 1.844   7.469   -10.963 1.00 11.01 ? 47   MET A SD  1 
ATOM   289  C CE  . MET A 1 40  ? 1.749   8.425   -12.465 1.00 13.52 ? 47   MET A CE  1 
ATOM   290  N N   . GLY A 1 41  ? 0.997   2.300   -8.797  1.00 7.67  ? 48   GLY A N   1 
ATOM   291  C CA  . GLY A 1 41  ? 1.349   1.364   -7.744  1.00 7.98  ? 48   GLY A CA  1 
ATOM   292  C C   . GLY A 1 41  ? 1.332   -0.046  -8.296  1.00 8.29  ? 48   GLY A C   1 
ATOM   293  O O   . GLY A 1 41  ? 2.222   -0.847  -8.005  1.00 8.55  ? 48   GLY A O   1 
ATOM   294  N N   . TYR A 1 42  ? 0.311   -0.362  -9.090  1.00 8.04  ? 49   TYR A N   1 
ATOM   295  C CA  . TYR A 1 42  ? 0.219   -1.683  -9.690  1.00 8.60  ? 49   TYR A CA  1 
ATOM   296  C C   . TYR A 1 42  ? 1.461   -2.017  -10.506 1.00 9.45  ? 49   TYR A C   1 
ATOM   297  O O   . TYR A 1 42  ? 2.056   -3.076  -10.332 1.00 9.07  ? 49   TYR A O   1 
ATOM   298  C CB  . TYR A 1 42  ? -1.028  -1.782  -10.579 1.00 9.99  ? 49   TYR A CB  1 
ATOM   299  C CG  . TYR A 1 42  ? -1.136  -3.094  -11.324 1.00 9.86  ? 49   TYR A CG  1 
ATOM   300  C CD1 . TYR A 1 42  ? -1.736  -4.208  -10.742 1.00 12.61 ? 49   TYR A CD1 1 
ATOM   301  C CD2 . TYR A 1 42  ? -0.607  -3.223  -12.608 1.00 12.01 ? 49   TYR A CD2 1 
ATOM   302  C CE1 . TYR A 1 42  ? -1.805  -5.428  -11.428 1.00 13.67 ? 49   TYR A CE1 1 
ATOM   303  C CE2 . TYR A 1 42  ? -0.669  -4.425  -13.294 1.00 15.30 ? 49   TYR A CE2 1 
ATOM   304  C CZ  . TYR A 1 42  ? -1.266  -5.519  -12.704 1.00 13.34 ? 49   TYR A CZ  1 
ATOM   305  O OH  . TYR A 1 42  ? -1.325  -6.700  -13.408 1.00 18.76 ? 49   TYR A OH  1 
ATOM   306  N N   . ASN A 1 43  ? 1.850   -1.099  -11.391 1.00 9.28  ? 50   ASN A N   1 
ATOM   307  C CA  . ASN A 1 43  ? 3.041   -1.299  -12.208 1.00 10.58 ? 50   ASN A CA  1 
ATOM   308  C C   . ASN A 1 43  ? 4.299   -1.458  -11.365 1.00 10.98 ? 50   ASN A C   1 
ATOM   309  O O   . ASN A 1 43  ? 5.193   -2.240  -11.693 1.00 11.60 ? 50   ASN A O   1 
ATOM   310  C CB  . ASN A 1 43  ? 3.206   -0.142  -13.201 1.00 11.42 ? 50   ASN A CB  1 
ATOM   311  C CG  . ASN A 1 43  ? 2.093   -0.103  -14.234 1.00 15.07 ? 50   ASN A CG  1 
ATOM   312  O OD1 . ASN A 1 43  ? 1.547   -1.138  -14.606 1.00 19.33 ? 50   ASN A OD1 1 
ATOM   313  N ND2 . ASN A 1 43  ? 1.765   1.092   -14.713 1.00 18.25 ? 50   ASN A ND2 1 
ATOM   314  N N   . ILE A 1 44  ? 4.363   -0.708  -10.270 1.00 9.37  ? 51   ILE A N   1 
ATOM   315  C CA  . ILE A 1 44  ? 5.492   -0.799  -9.361  1.00 7.54  ? 51   ILE A CA  1 
ATOM   316  C C   . ILE A 1 44  ? 5.540   -2.160  -8.672  1.00 9.31  ? 51   ILE A C   1 
ATOM   317  O O   . ILE A 1 44  ? 6.604   -2.772  -8.554  1.00 9.94  ? 51   ILE A O   1 
ATOM   318  C CB  . ILE A 1 44  ? 5.424   0.321   -8.286  1.00 6.18  ? 51   ILE A CB  1 
ATOM   319  C CG1 . ILE A 1 44  ? 5.786   1.666   -8.924  1.00 5.82  ? 51   ILE A CG1 1 
ATOM   320  C CG2 . ILE A 1 44  ? 6.371   0.000   -7.115  1.00 7.92  ? 51   ILE A CG2 1 
ATOM   321  C CD1 . ILE A 1 44  ? 5.537   2.866   -8.021  1.00 7.85  ? 51   ILE A CD1 1 
ATOM   322  N N   . GLY A 1 45  ? 4.370   -2.632  -8.247  1.00 9.37  ? 52   GLY A N   1 
ATOM   323  C CA  . GLY A 1 45  ? 4.269   -3.911  -7.563  1.00 9.75  ? 52   GLY A CA  1 
ATOM   324  C C   . GLY A 1 45  ? 4.698   -5.082  -8.422  1.00 10.87 ? 52   GLY A C   1 
ATOM   325  O O   . GLY A 1 45  ? 5.364   -5.999  -7.943  1.00 10.52 ? 52   GLY A O   1 
ATOM   326  N N   . VAL A 1 46  ? 4.308   -5.056  -9.694  1.00 11.89 ? 53   VAL A N   1 
ATOM   327  C CA  . VAL A 1 46  ? 4.671   -6.120  -10.627 1.00 13.50 ? 53   VAL A CA  1 
ATOM   328  C C   . VAL A 1 46  ? 6.183   -6.267  -10.787 1.00 14.08 ? 53   VAL A C   1 
ATOM   329  O O   . VAL A 1 46  ? 6.689   -7.360  -11.063 1.00 14.43 ? 53   VAL A O   1 
ATOM   330  C CB  . VAL A 1 46  ? 4.010   -5.869  -12.005 1.00 14.50 ? 53   VAL A CB  1 
ATOM   331  C CG1 . VAL A 1 46  ? 4.611   -6.780  -13.065 1.00 16.67 ? 53   VAL A CG1 1 
ATOM   332  C CG2 . VAL A 1 46  ? 2.510   -6.111  -11.896 1.00 13.57 ? 53   VAL A CG2 1 
ATOM   333  N N   . ARG A 1 47  ? 6.894   -5.159  -10.602 1.00 13.24 ? 54   ARG A N   1 
ATOM   334  C CA  . ARG A 1 47  ? 8.350   -5.145  -10.691 1.00 16.09 ? 54   ARG A CA  1 
ATOM   335  C C   . ARG A 1 47  ? 9.006   -5.430  -9.342  1.00 15.57 ? 54   ARG A C   1 
ATOM   336  O O   . ARG A 1 47  ? 9.948   -6.220  -9.243  1.00 15.59 ? 54   ARG A O   1 
ATOM   337  C CB  . ARG A 1 47  ? 8.828   -3.784  -11.204 1.00 19.33 ? 54   ARG A CB  1 
ATOM   338  C CG  . ARG A 1 47  ? 8.275   -3.394  -12.569 1.00 25.25 ? 54   ARG A CG  1 
ATOM   339  C CD  . ARG A 1 47  ? 9.114   -3.968  -13.696 1.00 29.45 ? 54   ARG A CD  1 
ATOM   340  N NE  . ARG A 1 47  ? 10.424  -3.324  -13.776 1.00 33.80 ? 54   ARG A NE  1 
ATOM   341  C CZ  . ARG A 1 47  ? 10.612  -2.036  -14.052 1.00 35.07 ? 54   ARG A CZ  1 
ATOM   342  N NH1 . ARG A 1 47  ? 9.574   -1.242  -14.278 1.00 36.99 ? 54   ARG A NH1 1 
ATOM   343  N NH2 . ARG A 1 47  ? 11.840  -1.540  -14.103 1.00 36.24 ? 54   ARG A NH2 1 
ATOM   344  N N   . LEU A 1 48  ? 8.484   -4.783  -8.305  1.00 13.12 ? 55   LEU A N   1 
ATOM   345  C CA  . LEU A 1 48  ? 8.998   -4.927  -6.947  1.00 11.87 ? 55   LEU A CA  1 
ATOM   346  C C   . LEU A 1 48  ? 9.006   -6.361  -6.426  1.00 12.60 ? 55   LEU A C   1 
ATOM   347  O O   . LEU A 1 48  ? 9.906   -6.753  -5.682  1.00 12.26 ? 55   LEU A O   1 
ATOM   348  C CB  . LEU A 1 48  ? 8.194   -4.040  -5.993  1.00 11.61 ? 55   LEU A CB  1 
ATOM   349  C CG  . LEU A 1 48  ? 8.723   -3.936  -4.558  1.00 11.61 ? 55   LEU A CG  1 
ATOM   350  C CD1 . LEU A 1 48  ? 10.080  -3.236  -4.561  1.00 13.31 ? 55   LEU A CD1 1 
ATOM   351  C CD2 . LEU A 1 48  ? 7.727   -3.171  -3.700  1.00 12.49 ? 55   LEU A CD2 1 
ATOM   352  N N   . ILE A 1 49  ? 8.001   -7.141  -6.813  1.00 12.80 ? 56   ILE A N   1 
ATOM   353  C CA  . ILE A 1 49  ? 7.914   -8.530  -6.378  1.00 12.17 ? 56   ILE A CA  1 
ATOM   354  C C   . ILE A 1 49  ? 9.156   -9.348  -6.732  1.00 11.83 ? 56   ILE A C   1 
ATOM   355  O O   . ILE A 1 49  ? 9.570   -10.218 -5.964  1.00 12.33 ? 56   ILE A O   1 
ATOM   356  C CB  . ILE A 1 49  ? 6.655   -9.224  -6.972  1.00 13.37 ? 56   ILE A CB  1 
ATOM   357  C CG1 . ILE A 1 49  ? 6.532   -10.651 -6.431  1.00 13.70 ? 56   ILE A CG1 1 
ATOM   358  C CG2 . ILE A 1 49  ? 6.737   -9.255  -8.486  1.00 13.08 ? 56   ILE A CG2 1 
ATOM   359  C CD1 . ILE A 1 49  ? 6.302   -10.724 -4.939  1.00 12.31 ? 56   ILE A CD1 1 
ATOM   360  N N   . GLU A 1 50  ? 9.752   -9.074  -7.890  1.00 12.55 ? 57   GLU A N   1 
ATOM   361  C CA  . GLU A 1 50  ? 10.953  -9.804  -8.283  1.00 14.30 ? 57   GLU A CA  1 
ATOM   362  C C   . GLU A 1 50  ? 12.095  -9.557  -7.307  1.00 12.45 ? 57   GLU A C   1 
ATOM   363  O O   . GLU A 1 50  ? 12.832  -10.475 -6.943  1.00 13.32 ? 57   GLU A O   1 
ATOM   364  C CB  . GLU A 1 50  ? 11.386  -9.426  -9.707  1.00 19.48 ? 57   GLU A CB  1 
ATOM   365  C CG  . GLU A 1 50  ? 12.069  -8.080  -9.840  1.00 27.55 ? 57   GLU A CG  1 
ATOM   366  C CD  . GLU A 1 50  ? 12.597  -7.836  -11.243 1.00 31.14 ? 57   GLU A CD  1 
ATOM   367  O OE1 . GLU A 1 50  ? 13.291  -6.818  -11.450 1.00 35.04 ? 57   GLU A OE1 1 
ATOM   368  O OE2 . GLU A 1 50  ? 12.315  -8.662  -12.137 1.00 33.77 ? 57   GLU A OE2 1 
ATOM   369  N N   . ASP A 1 51  ? 12.232  -8.308  -6.881  1.00 11.65 ? 58   ASP A N   1 
ATOM   370  C CA  . ASP A 1 51  ? 13.258  -7.953  -5.914  1.00 11.52 ? 58   ASP A CA  1 
ATOM   371  C C   . ASP A 1 51  ? 12.998  -8.621  -4.577  1.00 11.01 ? 58   ASP A C   1 
ATOM   372  O O   . ASP A 1 51  ? 13.904  -9.172  -3.950  1.00 10.62 ? 58   ASP A O   1 
ATOM   373  C CB  . ASP A 1 51  ? 13.306  -6.433  -5.719  1.00 12.55 ? 58   ASP A CB  1 
ATOM   374  C CG  . ASP A 1 51  ? 14.365  -6.006  -4.714  1.00 13.44 ? 58   ASP A CG  1 
ATOM   375  O OD1 . ASP A 1 51  ? 14.004  -5.615  -3.584  1.00 12.56 ? 58   ASP A OD1 1 
ATOM   376  O OD2 . ASP A 1 51  ? 15.564  -6.072  -5.054  1.00 16.64 ? 58   ASP A OD2 1 
ATOM   377  N N   . PHE A 1 52  ? 11.741  -8.577  -4.145  1.00 9.98  ? 59   PHE A N   1 
ATOM   378  C CA  . PHE A 1 52  ? 11.377  -9.180  -2.875  1.00 9.50  ? 59   PHE A CA  1 
ATOM   379  C C   . PHE A 1 52  ? 11.614  -10.682 -2.816  1.00 11.18 ? 59   PHE A C   1 
ATOM   380  O O   . PHE A 1 52  ? 12.176  -11.191 -1.846  1.00 11.41 ? 59   PHE A O   1 
ATOM   381  C CB  . PHE A 1 52  ? 9.911   -8.904  -2.531  1.00 10.43 ? 59   PHE A CB  1 
ATOM   382  C CG  . PHE A 1 52  ? 9.532   -9.389  -1.166  1.00 10.98 ? 59   PHE A CG  1 
ATOM   383  C CD1 . PHE A 1 52  ? 9.920   -8.677  -0.035  1.00 12.21 ? 59   PHE A CD1 1 
ATOM   384  C CD2 . PHE A 1 52  ? 8.864   -10.599 -1.002  1.00 11.22 ? 59   PHE A CD2 1 
ATOM   385  C CE1 . PHE A 1 52  ? 9.659   -9.165  1.239   1.00 13.10 ? 59   PHE A CE1 1 
ATOM   386  C CE2 . PHE A 1 52  ? 8.598   -11.097 0.270   1.00 12.39 ? 59   PHE A CE2 1 
ATOM   387  C CZ  . PHE A 1 52  ? 8.997   -10.377 1.391   1.00 12.96 ? 59   PHE A CZ  1 
ATOM   388  N N   . LEU A 1 53  ? 11.166  -11.397 -3.843  1.00 10.54 ? 60   LEU A N   1 
ATOM   389  C CA  . LEU A 1 53  ? 11.358  -12.842 -3.874  1.00 10.76 ? 60   LEU A CA  1 
ATOM   390  C C   . LEU A 1 53  ? 12.832  -13.239 -3.864  1.00 12.95 ? 60   LEU A C   1 
ATOM   391  O O   . LEU A 1 53  ? 13.208  -14.245 -3.263  1.00 14.00 ? 60   LEU A O   1 
ATOM   392  C CB  . LEU A 1 53  ? 10.644  -13.444 -5.090  1.00 12.05 ? 60   LEU A CB  1 
ATOM   393  C CG  . LEU A 1 53  ? 9.113   -13.357 -5.063  1.00 10.75 ? 60   LEU A CG  1 
ATOM   394  C CD1 . LEU A 1 53  ? 8.543   -13.850 -6.386  1.00 13.45 ? 60   LEU A CD1 1 
ATOM   395  C CD2 . LEU A 1 53  ? 8.567   -14.183 -3.900  1.00 11.56 ? 60   LEU A CD2 1 
ATOM   396  N N   . ALA A 1 54  ? 13.664  -12.431 -4.513  1.00 12.31 ? 61   ALA A N   1 
ATOM   397  C CA  . ALA A 1 54  ? 15.099  -12.694 -4.561  1.00 14.21 ? 61   ALA A CA  1 
ATOM   398  C C   . ALA A 1 54  ? 15.786  -12.473 -3.220  1.00 15.53 ? 61   ALA A C   1 
ATOM   399  O O   . ALA A 1 54  ? 16.802  -13.105 -2.914  1.00 17.60 ? 61   ALA A O   1 
ATOM   400  C CB  . ALA A 1 54  ? 15.753  -11.811 -5.629  1.00 13.98 ? 61   ALA A CB  1 
ATOM   401  N N   . ARG A 1 55  ? 15.210  -11.581 -2.419  1.00 14.42 ? 62   ARG A N   1 
ATOM   402  C CA  . ARG A 1 55  ? 15.746  -11.230 -1.108  1.00 15.57 ? 62   ARG A CA  1 
ATOM   403  C C   . ARG A 1 55  ? 15.007  -11.849 0.066   1.00 16.23 ? 62   ARG A C   1 
ATOM   404  O O   . ARG A 1 55  ? 15.223  -11.464 1.217   1.00 19.52 ? 62   ARG A O   1 
ATOM   405  C CB  . ARG A 1 55  ? 15.738  -9.713  -0.940  1.00 16.30 ? 62   ARG A CB  1 
ATOM   406  C CG  . ARG A 1 55  ? 16.520  -8.973  -1.997  1.00 17.94 ? 62   ARG A CG  1 
ATOM   407  C CD  . ARG A 1 55  ? 16.189  -7.495  -1.971  1.00 17.60 ? 62   ARG A CD  1 
ATOM   408  N NE  . ARG A 1 55  ? 16.562  -6.856  -0.712  1.00 17.81 ? 62   ARG A NE  1 
ATOM   409  C CZ  . ARG A 1 55  ? 16.290  -5.588  -0.422  1.00 17.40 ? 62   ARG A CZ  1 
ATOM   410  N NH1 . ARG A 1 55  ? 15.642  -4.836  -1.302  1.00 14.58 ? 62   ARG A NH1 1 
ATOM   411  N NH2 . ARG A 1 55  ? 16.671  -5.068  0.738   1.00 15.73 ? 62   ARG A NH2 1 
ATOM   412  N N   . SER A 1 56  ? 14.117  -12.788 -0.219  1.00 14.82 ? 63   SER A N   1 
ATOM   413  C CA  . SER A 1 56  ? 13.367  -13.437 0.841   1.00 14.01 ? 63   SER A CA  1 
ATOM   414  C C   . SER A 1 56  ? 13.423  -14.951 0.770   1.00 14.96 ? 63   SER A C   1 
ATOM   415  O O   . SER A 1 56  ? 13.940  -15.518 -0.191  1.00 14.59 ? 63   SER A O   1 
ATOM   416  C CB  . SER A 1 56  ? 11.912  -12.964 0.827   1.00 14.35 ? 63   SER A CB  1 
ATOM   417  O OG  . SER A 1 56  ? 11.274  -13.314 -0.386  1.00 14.95 ? 63   SER A OG  1 
ATOM   418  N N   . ASN A 1 57  ? 12.886  -15.604 1.793   1.00 15.01 ? 64   ASN A N   1 
ATOM   419  C CA  . ASN A 1 57  ? 12.903  -17.058 1.853   1.00 15.76 ? 64   ASN A CA  1 
ATOM   420  C C   . ASN A 1 57  ? 11.542  -17.729 1.751   1.00 16.24 ? 64   ASN A C   1 
ATOM   421  O O   . ASN A 1 57  ? 11.369  -18.866 2.187   1.00 15.55 ? 64   ASN A O   1 
ATOM   422  C CB  . ASN A 1 57  ? 13.601  -17.494 3.139   1.00 16.53 ? 64   ASN A CB  1 
ATOM   423  C CG  . ASN A 1 57  ? 15.021  -16.989 3.220   1.00 18.16 ? 64   ASN A CG  1 
ATOM   424  O OD1 . ASN A 1 57  ? 15.830  -17.262 2.336   1.00 18.74 ? 64   ASN A OD1 1 
ATOM   425  N ND2 . ASN A 1 57  ? 15.334  -16.243 4.274   1.00 18.13 ? 64   ASN A ND2 1 
ATOM   426  N N   . VAL A 1 58  ? 10.577  -17.033 1.161   1.00 15.22 ? 65   VAL A N   1 
ATOM   427  C CA  . VAL A 1 58  ? 9.240   -17.592 1.023   1.00 17.01 ? 65   VAL A CA  1 
ATOM   428  C C   . VAL A 1 58  ? 9.097   -18.594 -0.117  1.00 19.17 ? 65   VAL A C   1 
ATOM   429  O O   . VAL A 1 58  ? 8.207   -19.443 -0.098  1.00 17.98 ? 65   VAL A O   1 
ATOM   430  C CB  . VAL A 1 58  ? 8.195   -16.478 0.836   1.00 16.01 ? 65   VAL A CB  1 
ATOM   431  C CG1 . VAL A 1 58  ? 8.271   -15.507 2.006   1.00 17.67 ? 65   VAL A CG1 1 
ATOM   432  C CG2 . VAL A 1 58  ? 8.424   -15.753 -0.482  1.00 17.76 ? 65   VAL A CG2 1 
ATOM   433  N N   . GLY A 1 59  ? 9.985   -18.494 -1.103  1.00 21.29 ? 66   GLY A N   1 
ATOM   434  C CA  . GLY A 1 59  ? 9.933   -19.396 -2.239  1.00 24.76 ? 66   GLY A CA  1 
ATOM   435  C C   . GLY A 1 59  ? 8.599   -19.303 -2.952  1.00 26.23 ? 66   GLY A C   1 
ATOM   436  O O   . GLY A 1 59  ? 7.986   -18.236 -2.993  1.00 27.41 ? 66   GLY A O   1 
ATOM   437  N N   . ARG A 1 60  ? 8.146   -20.418 -3.513  1.00 28.25 ? 67   ARG A N   1 
ATOM   438  C CA  . ARG A 1 60  ? 6.870   -20.446 -4.214  1.00 30.09 ? 67   ARG A CA  1 
ATOM   439  C C   . ARG A 1 60  ? 5.702   -20.870 -3.333  1.00 30.00 ? 67   ARG A C   1 
ATOM   440  O O   . ARG A 1 60  ? 5.481   -22.063 -3.123  1.00 32.09 ? 67   ARG A O   1 
ATOM   441  C CB  . ARG A 1 60  ? 6.941   -21.388 -5.421  1.00 33.18 ? 67   ARG A CB  1 
ATOM   442  C CG  . ARG A 1 60  ? 7.976   -21.020 -6.473  1.00 37.39 ? 67   ARG A CG  1 
ATOM   443  C CD  . ARG A 1 60  ? 7.870   -21.957 -7.669  1.00 40.75 ? 67   ARG A CD  1 
ATOM   444  N NE  . ARG A 1 60  ? 8.912   -21.723 -8.665  1.00 43.44 ? 67   ARG A NE  1 
ATOM   445  C CZ  . ARG A 1 60  ? 8.994   -22.370 -9.824  1.00 44.92 ? 67   ARG A CZ  1 
ATOM   446  N NH1 . ARG A 1 60  ? 8.093   -23.293 -10.134 1.00 45.25 ? 67   ARG A NH1 1 
ATOM   447  N NH2 . ARG A 1 60  ? 9.979   -22.101 -10.670 1.00 45.57 ? 67   ARG A NH2 1 
ATOM   448  N N   . CYS A 1 61  ? 4.964   -19.899 -2.804  1.00 28.61 ? 68   CYS A N   1 
ATOM   449  C CA  . CYS A 1 61  ? 3.813   -20.217 -1.971  1.00 26.73 ? 68   CYS A CA  1 
ATOM   450  C C   . CYS A 1 61  ? 2.543   -19.500 -2.417  1.00 27.78 ? 68   CYS A C   1 
ATOM   451  O O   . CYS A 1 61  ? 2.567   -18.724 -3.371  1.00 30.16 ? 68   CYS A O   1 
ATOM   452  C CB  . CYS A 1 61  ? 4.118   -19.883 -0.508  1.00 24.85 ? 68   CYS A CB  1 
ATOM   453  S SG  . CYS A 1 61  ? 5.009   -18.325 -0.217  1.00 19.47 ? 68   CYS A SG  1 
ATOM   454  N N   . HIS A 1 62  ? 1.422   -19.813 -1.774  1.00 27.55 ? 69   HIS A N   1 
ATOM   455  C CA  . HIS A 1 62  ? 0.141   -19.208 -2.134  1.00 27.93 ? 69   HIS A CA  1 
ATOM   456  C C   . HIS A 1 62  ? -0.812  -19.067 -0.957  1.00 26.15 ? 69   HIS A C   1 
ATOM   457  O O   . HIS A 1 62  ? -1.999  -18.803 -1.141  1.00 26.59 ? 69   HIS A O   1 
ATOM   458  C CB  . HIS A 1 62  ? -0.565  -20.044 -3.212  1.00 31.07 ? 69   HIS A CB  1 
ATOM   459  C CG  . HIS A 1 62  ? 0.365   -20.769 -4.134  1.00 34.05 ? 69   HIS A CG  1 
ATOM   460  N ND1 . HIS A 1 62  ? 1.151   -20.124 -5.064  1.00 36.25 ? 69   HIS A ND1 1 
ATOM   461  C CD2 . HIS A 1 62  ? 0.635   -22.091 -4.266  1.00 35.97 ? 69   HIS A CD2 1 
ATOM   462  C CE1 . HIS A 1 62  ? 1.866   -21.016 -5.729  1.00 36.80 ? 69   HIS A CE1 1 
ATOM   463  N NE2 . HIS A 1 62  ? 1.571   -22.217 -5.263  1.00 37.47 ? 69   HIS A NE2 1 
ATOM   464  N N   . ASP A 1 63  ? -0.294  -19.262 0.251   1.00 22.50 ? 70   ASP A N   1 
ATOM   465  C CA  . ASP A 1 63  ? -1.112  -19.166 1.453   1.00 19.54 ? 70   ASP A CA  1 
ATOM   466  C C   . ASP A 1 63  ? -1.419  -17.731 1.858   1.00 19.51 ? 70   ASP A C   1 
ATOM   467  O O   . ASP A 1 63  ? -0.505  -16.939 2.095   1.00 17.23 ? 70   ASP A O   1 
ATOM   468  C CB  . ASP A 1 63  ? -0.423  -19.889 2.612   1.00 20.50 ? 70   ASP A CB  1 
ATOM   469  C CG  . ASP A 1 63  ? -1.308  -19.994 3.836   1.00 19.95 ? 70   ASP A CG  1 
ATOM   470  O OD1 . ASP A 1 63  ? -2.322  -20.725 3.778   1.00 22.56 ? 70   ASP A OD1 1 
ATOM   471  O OD2 . ASP A 1 63  ? -1.000  -19.344 4.857   1.00 18.95 ? 70   ASP A OD2 1 
ATOM   472  N N   . PHE A 1 64  ? -2.704  -17.401 1.951   1.00 17.63 ? 71   PHE A N   1 
ATOM   473  C CA  . PHE A 1 64  ? -3.107  -16.044 2.306   1.00 17.49 ? 71   PHE A CA  1 
ATOM   474  C C   . PHE A 1 64  ? -2.639  -15.564 3.677   1.00 16.16 ? 71   PHE A C   1 
ATOM   475  O O   . PHE A 1 64  ? -2.171  -14.433 3.804   1.00 16.96 ? 71   PHE A O   1 
ATOM   476  C CB  . PHE A 1 64  ? -4.627  -15.891 2.189   1.00 18.95 ? 71   PHE A CB  1 
ATOM   477  C CG  . PHE A 1 64  ? -5.088  -14.460 2.096   1.00 18.04 ? 71   PHE A CG  1 
ATOM   478  C CD1 . PHE A 1 64  ? -4.526  -13.594 1.160   1.00 19.94 ? 71   PHE A CD1 1 
ATOM   479  C CD2 . PHE A 1 64  ? -6.093  -13.980 2.928   1.00 18.86 ? 71   PHE A CD2 1 
ATOM   480  C CE1 . PHE A 1 64  ? -4.963  -12.274 1.050   1.00 20.40 ? 71   PHE A CE1 1 
ATOM   481  C CE2 . PHE A 1 64  ? -6.538  -12.664 2.826   1.00 18.91 ? 71   PHE A CE2 1 
ATOM   482  C CZ  . PHE A 1 64  ? -5.970  -11.808 1.886   1.00 19.25 ? 71   PHE A CZ  1 
ATOM   483  N N   . ARG A 1 65  ? -2.758  -16.400 4.707   1.00 16.62 ? 72   ARG A N   1 
ATOM   484  C CA  . ARG A 1 65  ? -2.302  -15.974 6.025   1.00 16.26 ? 72   ARG A CA  1 
ATOM   485  C C   . ARG A 1 65  ? -0.792  -15.798 6.090   1.00 14.12 ? 72   ARG A C   1 
ATOM   486  O O   . ARG A 1 65  ? -0.294  -14.874 6.736   1.00 11.91 ? 72   ARG A O   1 
ATOM   487  C CB  . ARG A 1 65  ? -2.756  -16.939 7.123   1.00 20.17 ? 72   ARG A CB  1 
ATOM   488  C CG  . ARG A 1 65  ? -2.474  -16.379 8.504   1.00 24.77 ? 72   ARG A CG  1 
ATOM   489  C CD  . ARG A 1 65  ? -3.199  -17.111 9.613   1.00 30.43 ? 72   ARG A CD  1 
ATOM   490  N NE  . ARG A 1 65  ? -3.134  -16.339 10.852  1.00 33.98 ? 72   ARG A NE  1 
ATOM   491  C CZ  . ARG A 1 65  ? -3.665  -16.721 12.007  1.00 36.74 ? 72   ARG A CZ  1 
ATOM   492  N NH1 . ARG A 1 65  ? -4.308  -17.877 12.097  1.00 37.83 ? 72   ARG A NH1 1 
ATOM   493  N NH2 . ARG A 1 65  ? -3.555  -15.941 13.074  1.00 37.27 ? 72   ARG A NH2 1 
ATOM   494  N N   . GLU A 1 66  ? -0.060  -16.697 5.437   1.00 13.54 ? 73   GLU A N   1 
ATOM   495  C CA  . GLU A 1 66  ? 1.387   -16.563 5.394   1.00 12.36 ? 73   GLU A CA  1 
ATOM   496  C C   . GLU A 1 66  ? 1.750   -15.282 4.663   1.00 11.79 ? 73   GLU A C   1 
ATOM   497  O O   . GLU A 1 66  ? 2.660   -14.554 5.056   1.00 10.76 ? 73   GLU A O   1 
ATOM   498  C CB  . GLU A 1 66  ? 2.029   -17.750 4.671   1.00 12.00 ? 73   GLU A CB  1 
ATOM   499  C CG  . GLU A 1 66  ? 3.548   -17.674 4.628   1.00 10.33 ? 73   GLU A CG  1 
ATOM   500  C CD  . GLU A 1 66  ? 4.180   -18.750 3.763   1.00 12.42 ? 73   GLU A CD  1 
ATOM   501  O OE1 . GLU A 1 66  ? 3.499   -19.748 3.444   1.00 13.17 ? 73   GLU A OE1 1 
ATOM   502  O OE2 . GLU A 1 66  ? 5.369   -18.600 3.409   1.00 12.88 ? 73   GLU A OE2 1 
ATOM   503  N N   . THR A 1 67  ? 1.005   -15.015 3.593   1.00 11.89 ? 74   THR A N   1 
ATOM   504  C CA  . THR A 1 67  ? 1.210   -13.813 2.807   1.00 11.59 ? 74   THR A CA  1 
ATOM   505  C C   . THR A 1 67  ? 0.996   -12.558 3.649   1.00 10.80 ? 74   THR A C   1 
ATOM   506  O O   . THR A 1 67  ? 1.762   -11.600 3.554   1.00 10.84 ? 74   THR A O   1 
ATOM   507  C CB  . THR A 1 67  ? 0.276   -13.805 1.570   1.00 13.11 ? 74   THR A CB  1 
ATOM   508  O OG1 . THR A 1 67  ? 0.627   -14.897 0.707   1.00 16.54 ? 74   THR A OG1 1 
ATOM   509  C CG2 . THR A 1 67  ? 0.414   -12.504 0.799   1.00 14.66 ? 74   THR A CG2 1 
ATOM   510  N N   . ALA A 1 68  ? -0.038  -12.570 4.487   1.00 10.10 ? 75   ALA A N   1 
ATOM   511  C CA  . ALA A 1 68  ? -0.291  -11.437 5.363   1.00 9.91  ? 75   ALA A CA  1 
ATOM   512  C C   . ALA A 1 68  ? 0.900   -11.192 6.289   1.00 10.56 ? 75   ALA A C   1 
ATOM   513  O O   . ALA A 1 68  ? 1.379   -10.067 6.422   1.00 10.31 ? 75   ALA A O   1 
ATOM   514  C CB  . ALA A 1 68  ? -1.562  -11.683 6.188   1.00 12.24 ? 75   ALA A CB  1 
ATOM   515  N N   . ASP A 1 69  ? 1.390   -12.265 6.908   1.00 8.67  ? 76   ASP A N   1 
ATOM   516  C CA  . ASP A 1 69  ? 2.540   -12.167 7.800   1.00 10.35 ? 76   ASP A CA  1 
ATOM   517  C C   . ASP A 1 69  ? 3.780   -11.635 7.101   1.00 9.43  ? 76   ASP A C   1 
ATOM   518  O O   . ASP A 1 69  ? 4.497   -10.793 7.638   1.00 10.48 ? 76   ASP A O   1 
ATOM   519  C CB  . ASP A 1 69  ? 2.883   -13.531 8.408   1.00 10.89 ? 76   ASP A CB  1 
ATOM   520  C CG  . ASP A 1 69  ? 1.857   -14.007 9.408   1.00 14.17 ? 76   ASP A CG  1 
ATOM   521  O OD1 . ASP A 1 69  ? 1.362   -13.179 10.201  1.00 17.06 ? 76   ASP A OD1 1 
ATOM   522  O OD2 . ASP A 1 69  ? 1.564   -15.223 9.412   1.00 14.77 ? 76   ASP A OD2 1 
ATOM   523  N N   . VAL A 1 70  ? 4.037   -12.144 5.901   1.00 9.90  ? 77   VAL A N   1 
ATOM   524  C CA  . VAL A 1 70  ? 5.195   -11.703 5.144   1.00 9.40  ? 77   VAL A CA  1 
ATOM   525  C C   . VAL A 1 70  ? 5.080   -10.242 4.724   1.00 9.54  ? 77   VAL A C   1 
ATOM   526  O O   . VAL A 1 70  ? 6.040   -9.481  4.813   1.00 9.89  ? 77   VAL A O   1 
ATOM   527  C CB  . VAL A 1 70  ? 5.417   -12.593 3.900   1.00 9.87  ? 77   VAL A CB  1 
ATOM   528  C CG1 . VAL A 1 70  ? 6.572   -12.054 3.079   1.00 10.06 ? 77   VAL A CG1 1 
ATOM   529  C CG2 . VAL A 1 70  ? 5.712   -14.025 4.338   1.00 11.48 ? 77   VAL A CG2 1 
ATOM   530  N N   . ILE A 1 71  ? 3.894   -9.851  4.268   1.00 9.79  ? 78   ILE A N   1 
ATOM   531  C CA  . ILE A 1 71  ? 3.676   -8.463  3.875   1.00 9.28  ? 78   ILE A CA  1 
ATOM   532  C C   . ILE A 1 71  ? 3.922   -7.490  5.028   1.00 10.41 ? 78   ILE A C   1 
ATOM   533  O O   . ILE A 1 71  ? 4.687   -6.533  4.906   1.00 10.30 ? 78   ILE A O   1 
ATOM   534  C CB  . ILE A 1 71  ? 2.224   -8.247  3.367   1.00 9.02  ? 78   ILE A CB  1 
ATOM   535  C CG1 . ILE A 1 71  ? 2.030   -8.926  2.009   1.00 8.58  ? 78   ILE A CG1 1 
ATOM   536  C CG2 . ILE A 1 71  ? 1.923   -6.747  3.238   1.00 9.45  ? 78   ILE A CG2 1 
ATOM   537  C CD1 . ILE A 1 71  ? 0.585   -8.908  1.527   1.00 10.25 ? 78   ILE A CD1 1 
ATOM   538  N N   . ALA A 1 72  ? 3.281   -7.760  6.157   1.00 9.95  ? 79   ALA A N   1 
ATOM   539  C CA  . ALA A 1 72  ? 3.393   -6.895  7.318   1.00 10.59 ? 79   ALA A CA  1 
ATOM   540  C C   . ALA A 1 72  ? 4.739   -6.903  8.034   1.00 11.12 ? 79   ALA A C   1 
ATOM   541  O O   . ALA A 1 72  ? 5.294   -5.845  8.337   1.00 12.50 ? 79   ALA A O   1 
ATOM   542  C CB  . ALA A 1 72  ? 2.285   -7.230  8.313   1.00 12.10 ? 79   ALA A CB  1 
ATOM   543  N N   . LYS A 1 73  ? 5.266   -8.095  8.284   1.00 10.92 ? 80   LYS A N   1 
ATOM   544  C CA  . LYS A 1 73  ? 6.511   -8.244  9.031   1.00 10.29 ? 80   LYS A CA  1 
ATOM   545  C C   . LYS A 1 73  ? 7.818   -8.202  8.243   1.00 10.62 ? 80   LYS A C   1 
ATOM   546  O O   . LYS A 1 73  ? 8.882   -7.981  8.828   1.00 11.86 ? 80   LYS A O   1 
ATOM   547  C CB  . LYS A 1 73  ? 6.430   -9.528  9.861   1.00 9.86  ? 80   LYS A CB  1 
ATOM   548  C CG  . LYS A 1 73  ? 5.168   -9.577  10.727  1.00 10.96 ? 80   LYS A CG  1 
ATOM   549  C CD  . LYS A 1 73  ? 5.036   -10.872 11.512  1.00 12.64 ? 80   LYS A CD  1 
ATOM   550  C CE  . LYS A 1 73  ? 3.695   -10.914 12.234  1.00 15.10 ? 80   LYS A CE  1 
ATOM   551  N NZ  . LYS A 1 73  ? 3.512   -12.149 13.044  1.00 16.69 ? 80   LYS A NZ  1 
ATOM   552  N N   . VAL A 1 74  ? 7.751   -8.402  6.932   1.00 8.38  ? 81   VAL A N   1 
ATOM   553  C CA  . VAL A 1 74  ? 8.953   -8.377  6.106   1.00 8.36  ? 81   VAL A CA  1 
ATOM   554  C C   . VAL A 1 74  ? 8.958   -7.290  5.032   1.00 9.87  ? 81   VAL A C   1 
ATOM   555  O O   . VAL A 1 74  ? 9.840   -6.432  5.021   1.00 11.63 ? 81   VAL A O   1 
ATOM   556  C CB  . VAL A 1 74  ? 9.184   -9.740  5.410   1.00 10.35 ? 81   VAL A CB  1 
ATOM   557  C CG1 . VAL A 1 74  ? 10.545  -9.757  4.724   1.00 10.49 ? 81   VAL A CG1 1 
ATOM   558  C CG2 . VAL A 1 74  ? 9.096   -10.866 6.427   1.00 10.42 ? 81   VAL A CG2 1 
ATOM   559  N N   . ALA A 1 75  ? 7.965   -7.315  4.146   1.00 8.98  ? 82   ALA A N   1 
ATOM   560  C CA  . ALA A 1 75  ? 7.893   -6.342  3.053   1.00 7.72  ? 82   ALA A CA  1 
ATOM   561  C C   . ALA A 1 75  ? 7.732   -4.889  3.480   1.00 8.76  ? 82   ALA A C   1 
ATOM   562  O O   . ALA A 1 75  ? 8.437   -4.015  2.981   1.00 7.99  ? 82   ALA A O   1 
ATOM   563  C CB  . ALA A 1 75  ? 6.784   -6.728  2.089   1.00 7.51  ? 82   ALA A CB  1 
ATOM   564  N N   . PHE A 1 76  ? 6.796   -4.609  4.381   1.00 8.08  ? 83   PHE A N   1 
ATOM   565  C CA  . PHE A 1 76  ? 6.635   -3.232  4.826   1.00 8.84  ? 83   PHE A CA  1 
ATOM   566  C C   . PHE A 1 76  ? 7.872   -2.702  5.536   1.00 9.63  ? 83   PHE A C   1 
ATOM   567  O O   . PHE A 1 76  ? 8.251   -1.544  5.364   1.00 10.37 ? 83   PHE A O   1 
ATOM   568  C CB  . PHE A 1 76  ? 5.412   -3.079  5.739   1.00 8.75  ? 83   PHE A CB  1 
ATOM   569  C CG  . PHE A 1 76  ? 4.166   -2.634  5.022   1.00 7.51  ? 83   PHE A CG  1 
ATOM   570  C CD1 . PHE A 1 76  ? 3.358   -3.552  4.362   1.00 8.82  ? 83   PHE A CD1 1 
ATOM   571  C CD2 . PHE A 1 76  ? 3.798   -1.291  5.013   1.00 9.39  ? 83   PHE A CD2 1 
ATOM   572  C CE1 . PHE A 1 76  ? 2.196   -3.142  3.699   1.00 7.98  ? 83   PHE A CE1 1 
ATOM   573  C CE2 . PHE A 1 76  ? 2.640   -0.868  4.355   1.00 8.74  ? 83   PHE A CE2 1 
ATOM   574  C CZ  . PHE A 1 76  ? 1.839   -1.791  3.698   1.00 9.19  ? 83   PHE A CZ  1 
ATOM   575  N N   . LYS A 1 77  ? 8.509   -3.554  6.333   1.00 9.92  ? 84   LYS A N   1 
ATOM   576  C CA  . LYS A 1 77  ? 9.711   -3.138  7.037   1.00 13.23 ? 84   LYS A CA  1 
ATOM   577  C C   . LYS A 1 77  ? 10.851  -2.872  6.075   1.00 12.31 ? 84   LYS A C   1 
ATOM   578  O O   . LYS A 1 77  ? 11.554  -1.871  6.179   1.00 12.46 ? 84   LYS A O   1 
ATOM   579  C CB  . LYS A 1 77  ? 10.138  -4.208  8.046   1.00 16.00 ? 84   LYS A CB  1 
ATOM   580  C CG  . LYS A 1 77  ? 11.364  -3.829  8.864   1.00 19.78 ? 84   LYS A CG  1 
ATOM   581  C CD  . LYS A 1 77  ? 11.703  -4.906  9.881   1.00 23.69 ? 84   LYS A CD  1 
ATOM   582  C CE  . LYS A 1 77  ? 12.889  -4.493  10.738  1.00 26.86 ? 84   LYS A CE  1 
ATOM   583  N NZ  . LYS A 1 77  ? 13.214  -5.517  11.773  1.00 29.35 ? 84   LYS A NZ  1 
ATOM   584  N N   . MET A 1 78  ? 11.005  -3.781  5.119   1.00 11.14 ? 85   MET A N   1 
ATOM   585  C CA  . MET A 1 78  ? 12.052  -3.686  4.114   1.00 10.66 ? 85   MET A CA  1 
ATOM   586  C C   . MET A 1 78  ? 11.953  -2.473  3.201   1.00 10.69 ? 85   MET A C   1 
ATOM   587  O O   . MET A 1 78  ? 12.950  -1.808  2.936   1.00 11.34 ? 85   MET A O   1 
ATOM   588  C CB  . MET A 1 78  ? 12.048  -4.952  3.251   1.00 11.27 ? 85   MET A CB  1 
ATOM   589  C CG  . MET A 1 78  ? 13.073  -4.965  2.119   1.00 13.07 ? 85   MET A CG  1 
ATOM   590  S SD  . MET A 1 78  ? 12.939  -6.452  1.092   1.00 13.94 ? 85   MET A SD  1 
ATOM   591  C CE  . MET A 1 78  ? 13.649  -7.692  2.206   1.00 15.91 ? 85   MET A CE  1 
ATOM   592  N N   . TYR A 1 79  ? 10.744  -2.179  2.737   1.00 10.10 ? 86   TYR A N   1 
ATOM   593  C CA  . TYR A 1 79  ? 10.540  -1.084  1.794   1.00 9.60  ? 86   TYR A CA  1 
ATOM   594  C C   . TYR A 1 79  ? 10.016  0.241   2.343   1.00 10.59 ? 86   TYR A C   1 
ATOM   595  O O   . TYR A 1 79  ? 10.086  1.257   1.645   1.00 11.15 ? 86   TYR A O   1 
ATOM   596  C CB  . TYR A 1 79  ? 9.623   -1.563  0.667   1.00 11.20 ? 86   TYR A CB  1 
ATOM   597  C CG  . TYR A 1 79  ? 10.173  -2.747  -0.108  1.00 10.59 ? 86   TYR A CG  1 
ATOM   598  C CD1 . TYR A 1 79  ? 9.402   -3.893  -0.304  1.00 11.74 ? 86   TYR A CD1 1 
ATOM   599  C CD2 . TYR A 1 79  ? 11.454  -2.714  -0.660  1.00 9.86  ? 86   TYR A CD2 1 
ATOM   600  C CE1 . TYR A 1 79  ? 9.892   -4.980  -1.033  1.00 10.97 ? 86   TYR A CE1 1 
ATOM   601  C CE2 . TYR A 1 79  ? 11.954  -3.795  -1.394  1.00 9.93  ? 86   TYR A CE2 1 
ATOM   602  C CZ  . TYR A 1 79  ? 11.166  -4.922  -1.574  1.00 10.78 ? 86   TYR A CZ  1 
ATOM   603  O OH  . TYR A 1 79  ? 11.646  -5.990  -2.296  1.00 11.63 ? 86   TYR A OH  1 
ATOM   604  N N   . LEU A 1 80  ? 9.485   0.238   3.563   1.00 9.96  ? 87   LEU A N   1 
ATOM   605  C CA  . LEU A 1 80  ? 8.956   1.466   4.159   1.00 12.17 ? 87   LEU A CA  1 
ATOM   606  C C   . LEU A 1 80  ? 9.427   1.749   5.580   1.00 12.34 ? 87   LEU A C   1 
ATOM   607  O O   . LEU A 1 80  ? 9.094   2.787   6.155   1.00 13.63 ? 87   LEU A O   1 
ATOM   608  C CB  . LEU A 1 80  ? 7.426   1.461   4.113   1.00 13.00 ? 87   LEU A CB  1 
ATOM   609  C CG  . LEU A 1 80  ? 6.802   1.657   2.730   1.00 15.91 ? 87   LEU A CG  1 
ATOM   610  C CD1 . LEU A 1 80  ? 5.290   1.530   2.825   1.00 17.38 ? 87   LEU A CD1 1 
ATOM   611  C CD2 . LEU A 1 80  ? 7.189   3.026   2.184   1.00 17.28 ? 87   LEU A CD2 1 
ATOM   612  N N   . GLY A 1 81  ? 10.192  0.821   6.147   1.00 11.27 ? 88   GLY A N   1 
ATOM   613  C CA  . GLY A 1 81  ? 10.718  1.017   7.488   1.00 13.10 ? 88   GLY A CA  1 
ATOM   614  C C   . GLY A 1 81  ? 9.725   0.881   8.627   1.00 14.45 ? 88   GLY A C   1 
ATOM   615  O O   . GLY A 1 81  ? 10.029  1.251   9.761   1.00 14.79 ? 88   GLY A O   1 
ATOM   616  N N   . ILE A 1 82  ? 8.540   0.358   8.332   1.00 13.18 ? 89   ILE A N   1 
ATOM   617  C CA  . ILE A 1 82  ? 7.518   0.165   9.354   1.00 12.99 ? 89   ILE A CA  1 
ATOM   618  C C   . ILE A 1 82  ? 6.937   -1.238  9.363   1.00 13.05 ? 89   ILE A C   1 
ATOM   619  O O   . ILE A 1 82  ? 6.991   -1.956  8.361   1.00 11.40 ? 89   ILE A O   1 
ATOM   620  C CB  . ILE A 1 82  ? 6.338   1.155   9.178   1.00 15.11 ? 89   ILE A CB  1 
ATOM   621  C CG1 . ILE A 1 82  ? 5.713   0.973   7.793   1.00 15.52 ? 89   ILE A CG1 1 
ATOM   622  C CG2 . ILE A 1 82  ? 6.818   2.589   9.366   1.00 15.91 ? 89   ILE A CG2 1 
ATOM   623  C CD1 . ILE A 1 82  ? 4.416   1.720   7.596   1.00 15.56 ? 89   ILE A CD1 1 
ATOM   624  N N   . THR A 1 83  ? 6.395   -1.626  10.511  1.00 13.01 ? 90   THR A N   1 
ATOM   625  C CA  . THR A 1 83  ? 5.762   -2.925  10.667  1.00 12.14 ? 90   THR A CA  1 
ATOM   626  C C   . THR A 1 83  ? 4.321   -2.776  11.113  1.00 11.62 ? 90   THR A C   1 
ATOM   627  O O   . THR A 1 83  ? 4.039   -2.616  12.300  1.00 13.66 ? 90   THR A O   1 
ATOM   628  C CB  . THR A 1 83  ? 6.503   -3.807  11.696  1.00 13.11 ? 90   THR A CB  1 
ATOM   629  O OG1 . THR A 1 83  ? 7.844   -4.044  11.251  1.00 13.99 ? 90   THR A OG1 1 
ATOM   630  C CG2 . THR A 1 83  ? 5.788   -5.144  11.856  1.00 13.66 ? 90   THR A CG2 1 
ATOM   631  N N   . PRO A 1 84  ? 3.386   -2.786  10.157  1.00 10.99 ? 91   PRO A N   1 
ATOM   632  C CA  . PRO A 1 84  ? 1.979   -2.647  10.524  1.00 11.45 ? 91   PRO A CA  1 
ATOM   633  C C   . PRO A 1 84  ? 1.502   -3.907  11.220  1.00 10.59 ? 91   PRO A C   1 
ATOM   634  O O   . PRO A 1 84  ? 2.118   -4.962  11.098  1.00 10.75 ? 91   PRO A O   1 
ATOM   635  C CB  . PRO A 1 84  ? 1.292   -2.438  9.180   1.00 12.22 ? 91   PRO A CB  1 
ATOM   636  C CG  . PRO A 1 84  ? 2.136   -3.251  8.247   1.00 12.12 ? 91   PRO A CG  1 
ATOM   637  C CD  . PRO A 1 84  ? 3.546   -2.923  8.697   1.00 10.74 ? 91   PRO A CD  1 
ATOM   638  N N   . SER A 1 85  ? 0.423   -3.791  11.977  1.00 11.15 ? 92   SER A N   1 
ATOM   639  C CA  . SER A 1 85  ? -0.132  -4.957  12.630  1.00 11.78 ? 92   SER A CA  1 
ATOM   640  C C   . SER A 1 85  ? -1.191  -5.608  11.755  1.00 11.41 ? 92   SER A C   1 
ATOM   641  O O   . SER A 1 85  ? -1.785  -4.948  10.897  1.00 10.58 ? 92   SER A O   1 
ATOM   642  C CB  . SER A 1 85  ? -0.733  -4.580  13.988  1.00 14.29 ? 92   SER A CB  1 
ATOM   643  O OG  . SER A 1 85  ? -1.735  -3.586  13.849  1.00 17.78 ? 92   SER A OG  1 
ATOM   644  N N   . ILE A 1 86  ? -1.390  -6.906  11.939  1.00 11.70 ? 93   ILE A N   1 
ATOM   645  C CA  . ILE A 1 86  ? -2.400  -7.644  11.196  1.00 12.14 ? 93   ILE A CA  1 
ATOM   646  C C   . ILE A 1 86  ? -3.615  -7.862  12.079  1.00 12.96 ? 93   ILE A C   1 
ATOM   647  O O   . ILE A 1 86  ? -3.506  -8.485  13.139  1.00 14.79 ? 93   ILE A O   1 
ATOM   648  C CB  . ILE A 1 86  ? -1.857  -9.017  10.739  1.00 12.96 ? 93   ILE A CB  1 
ATOM   649  C CG1 . ILE A 1 86  ? -0.642  -8.822  9.830   1.00 14.16 ? 93   ILE A CG1 1 
ATOM   650  C CG2 . ILE A 1 86  ? -2.942  -9.790  10.005  1.00 13.67 ? 93   ILE A CG2 1 
ATOM   651  C CD1 . ILE A 1 86  ? 0.146   -10.096 9.584   1.00 13.56 ? 93   ILE A CD1 1 
ATOM   652  N N   . THR A 1 87  ? -4.768  -7.350  11.659  1.00 13.55 ? 94   THR A N   1 
ATOM   653  C CA  . THR A 1 87  ? -5.972  -7.475  12.468  1.00 14.54 ? 94   THR A CA  1 
ATOM   654  C C   . THR A 1 87  ? -7.246  -7.802  11.709  1.00 15.01 ? 94   THR A C   1 
ATOM   655  O O   . THR A 1 87  ? -7.264  -7.889  10.484  1.00 14.19 ? 94   THR A O   1 
ATOM   656  C CB  . THR A 1 87  ? -6.255  -6.173  13.228  1.00 15.70 ? 94   THR A CB  1 
ATOM   657  O OG1 . THR A 1 87  ? -6.696  -5.176  12.296  1.00 18.29 ? 94   THR A OG1 1 
ATOM   658  C CG2 . THR A 1 87  ? -5.007  -5.677  13.934  1.00 16.52 ? 94   THR A CG2 1 
ATOM   659  N N   . ASN A 1 88  ? -8.315  -7.960  12.481  1.00 15.90 ? 95   ASN A N   1 
ATOM   660  C CA  . ASN A 1 88  ? -9.650  -8.242  11.973  1.00 18.27 ? 95   ASN A CA  1 
ATOM   661  C C   . ASN A 1 88  ? -9.763  -9.276  10.861  1.00 17.39 ? 95   ASN A C   1 
ATOM   662  O O   . ASN A 1 88  ? -10.221 -8.968  9.760   1.00 17.20 ? 95   ASN A O   1 
ATOM   663  C CB  . ASN A 1 88  ? -10.316 -6.944  11.513  1.00 19.94 ? 95   ASN A CB  1 
ATOM   664  C CG  . ASN A 1 88  ? -11.789 -7.125  11.199  1.00 23.97 ? 95   ASN A CG  1 
ATOM   665  O OD1 . ASN A 1 88  ? -12.389 -6.316  10.494  1.00 25.74 ? 95   ASN A OD1 1 
ATOM   666  N ND2 . ASN A 1 88  ? -12.382 -8.189  11.734  1.00 23.50 ? 95   ASN A ND2 1 
ATOM   667  N N   . TRP A 1 89  ? -9.347  -10.504 11.142  1.00 16.76 ? 96   TRP A N   1 
ATOM   668  C CA  . TRP A 1 89  ? -9.476  -11.567 10.159  1.00 17.88 ? 96   TRP A CA  1 
ATOM   669  C C   . TRP A 1 89  ? -10.926 -11.984 9.964   1.00 19.30 ? 96   TRP A C   1 
ATOM   670  O O   . TRP A 1 89  ? -11.657 -12.162 10.939  1.00 20.97 ? 96   TRP A O   1 
ATOM   671  C CB  . TRP A 1 89  ? -8.687  -12.806 10.583  1.00 18.02 ? 96   TRP A CB  1 
ATOM   672  C CG  . TRP A 1 89  ? -7.237  -12.754 10.267  1.00 16.51 ? 96   TRP A CG  1 
ATOM   673  C CD1 . TRP A 1 89  ? -6.224  -12.409 11.113  1.00 15.44 ? 96   TRP A CD1 1 
ATOM   674  C CD2 . TRP A 1 89  ? -6.628  -13.051 9.006   1.00 14.88 ? 96   TRP A CD2 1 
ATOM   675  N NE1 . TRP A 1 89  ? -5.020  -12.477 10.457  1.00 15.83 ? 96   TRP A NE1 1 
ATOM   676  C CE2 . TRP A 1 89  ? -5.238  -12.870 9.164   1.00 14.50 ? 96   TRP A CE2 1 
ATOM   677  C CE3 . TRP A 1 89  ? -7.123  -13.458 7.760   1.00 12.73 ? 96   TRP A CE3 1 
ATOM   678  C CZ2 . TRP A 1 89  ? -4.333  -13.076 8.117   1.00 13.41 ? 96   TRP A CZ2 1 
ATOM   679  C CZ3 . TRP A 1 89  ? -6.226  -13.664 6.718   1.00 14.72 ? 96   TRP A CZ3 1 
ATOM   680  C CH2 . TRP A 1 89  ? -4.841  -13.475 6.906   1.00 14.31 ? 96   TRP A CH2 1 
ATOM   681  N N   . SER A 1 90  ? -11.350 -12.126 8.715   1.00 18.83 ? 97   SER A N   1 
ATOM   682  C CA  . SER A 1 90  ? -12.713 -12.562 8.448   1.00 20.12 ? 97   SER A CA  1 
ATOM   683  C C   . SER A 1 90  ? -12.896 -14.019 8.852   1.00 21.37 ? 97   SER A C   1 
ATOM   684  O O   . SER A 1 90  ? -11.921 -14.768 8.934   1.00 20.95 ? 97   SER A O   1 
ATOM   685  C CB  . SER A 1 90  ? -13.033 -12.410 6.964   1.00 18.95 ? 97   SER A CB  1 
ATOM   686  O OG  . SER A 1 90  ? -12.239 -13.294 6.195   1.00 17.04 ? 97   SER A OG  1 
ATOM   687  N N   . PRO A 1 91  ? -14.142 -14.443 9.116   1.00 22.71 ? 98   PRO A N   1 
ATOM   688  C CA  . PRO A 1 91  ? -14.390 -15.834 9.508   1.00 23.61 ? 98   PRO A CA  1 
ATOM   689  C C   . PRO A 1 91  ? -13.748 -16.827 8.540   1.00 22.83 ? 98   PRO A C   1 
ATOM   690  O O   . PRO A 1 91  ? -13.124 -17.804 8.957   1.00 25.07 ? 98   PRO A O   1 
ATOM   691  C CB  . PRO A 1 91  ? -15.913 -15.922 9.500   1.00 22.92 ? 98   PRO A CB  1 
ATOM   692  C CG  . PRO A 1 91  ? -16.320 -14.551 9.932   1.00 23.80 ? 98   PRO A CG  1 
ATOM   693  C CD  . PRO A 1 91  ? -15.394 -13.667 9.117   1.00 23.70 ? 98   PRO A CD  1 
ATOM   694  N N   . ALA A 1 92  ? -13.903 -16.562 7.246   1.00 22.61 ? 99   ALA A N   1 
ATOM   695  C CA  . ALA A 1 92  ? -13.350 -17.425 6.208   1.00 21.68 ? 99   ALA A CA  1 
ATOM   696  C C   . ALA A 1 92  ? -11.834 -17.352 6.077   1.00 21.48 ? 99   ALA A C   1 
ATOM   697  O O   . ALA A 1 92  ? -11.216 -18.213 5.453   1.00 21.88 ? 99   ALA A O   1 
ATOM   698  C CB  . ALA A 1 92  ? -13.996 -17.094 4.868   1.00 22.90 ? 99   ALA A CB  1 
ATOM   699  N N   . GLY A 1 93  ? -11.239 -16.321 6.665   1.00 20.16 ? 100  GLY A N   1 
ATOM   700  C CA  . GLY A 1 93  ? -9.797  -16.164 6.585   1.00 19.28 ? 100  GLY A CA  1 
ATOM   701  C C   . GLY A 1 93  ? -9.370  -15.644 5.226   1.00 18.56 ? 100  GLY A C   1 
ATOM   702  O O   . GLY A 1 93  ? -8.223  -15.827 4.812   1.00 18.34 ? 100  GLY A O   1 
ATOM   703  N N   . ASP A 1 94  ? -10.296 -14.991 4.529   1.00 16.60 ? 101  ASP A N   1 
ATOM   704  C CA  . ASP A 1 94  ? -10.016 -14.440 3.210   1.00 16.55 ? 101  ASP A CA  1 
ATOM   705  C C   . ASP A 1 94  ? -9.928  -12.921 3.203   1.00 15.64 ? 101  ASP A C   1 
ATOM   706  O O   . ASP A 1 94  ? -9.839  -12.294 2.150   1.00 14.35 ? 101  ASP A O   1 
ATOM   707  C CB  . ASP A 1 94  ? -11.076 -14.910 2.205   1.00 18.07 ? 101  ASP A CB  1 
ATOM   708  C CG  . ASP A 1 94  ? -12.456 -14.344 2.494   1.00 20.17 ? 101  ASP A CG  1 
ATOM   709  O OD1 . ASP A 1 94  ? -12.704 -13.906 3.635   1.00 19.85 ? 101  ASP A OD1 1 
ATOM   710  O OD2 . ASP A 1 94  ? -13.302 -14.349 1.574   1.00 23.31 ? 101  ASP A OD2 1 
ATOM   711  N N   . GLU A 1 95  ? -9.957  -12.344 4.399   1.00 14.93 ? 102  GLU A N   1 
ATOM   712  C CA  . GLU A 1 95  ? -9.869  -10.900 4.575   1.00 14.65 ? 102  GLU A CA  1 
ATOM   713  C C   . GLU A 1 95  ? -9.149  -10.517 5.854   1.00 13.14 ? 102  GLU A C   1 
ATOM   714  O O   . GLU A 1 95  ? -9.336  -11.145 6.891   1.00 13.20 ? 102  GLU A O   1 
ATOM   715  C CB  . GLU A 1 95  ? -11.264 -10.264 4.605   1.00 17.66 ? 102  GLU A CB  1 
ATOM   716  C CG  . GLU A 1 95  ? -12.117 -10.505 3.377   1.00 22.17 ? 102  GLU A CG  1 
ATOM   717  C CD  . GLU A 1 95  ? -13.424 -9.730  3.422   1.00 25.25 ? 102  GLU A CD  1 
ATOM   718  O OE1 . GLU A 1 95  ? -14.224 -9.854  2.472   1.00 27.59 ? 102  GLU A OE1 1 
ATOM   719  O OE2 . GLU A 1 95  ? -13.652 -8.996  4.408   1.00 27.30 ? 102  GLU A OE2 1 
ATOM   720  N N   . PHE A 1 96  ? -8.311  -9.492  5.771   1.00 11.56 ? 103  PHE A N   1 
ATOM   721  C CA  . PHE A 1 96  ? -7.594  -9.001  6.936   1.00 11.21 ? 103  PHE A CA  1 
ATOM   722  C C   . PHE A 1 96  ? -7.219  -7.548  6.769   1.00 10.57 ? 103  PHE A C   1 
ATOM   723  O O   . PHE A 1 96  ? -7.300  -7.007  5.668   1.00 11.15 ? 103  PHE A O   1 
ATOM   724  C CB  . PHE A 1 96  ? -6.334  -9.837  7.215   1.00 12.59 ? 103  PHE A CB  1 
ATOM   725  C CG  . PHE A 1 96  ? -5.204  -9.597  6.249   1.00 11.95 ? 103  PHE A CG  1 
ATOM   726  C CD1 . PHE A 1 96  ? -4.278  -8.577  6.472   1.00 10.92 ? 103  PHE A CD1 1 
ATOM   727  C CD2 . PHE A 1 96  ? -5.070  -10.383 5.112   1.00 12.18 ? 103  PHE A CD2 1 
ATOM   728  C CE1 . PHE A 1 96  ? -3.236  -8.348  5.573   1.00 12.04 ? 103  PHE A CE1 1 
ATOM   729  C CE2 . PHE A 1 96  ? -4.033  -10.161 4.209   1.00 11.61 ? 103  PHE A CE2 1 
ATOM   730  C CZ  . PHE A 1 96  ? -3.115  -9.140  4.442   1.00 10.79 ? 103  PHE A CZ  1 
ATOM   731  N N   . SER A 1 97  ? -6.826  -6.915  7.862   1.00 10.93 ? 104  SER A N   1 
ATOM   732  C CA  . SER A 1 97  ? -6.437  -5.524  7.805   1.00 10.54 ? 104  SER A CA  1 
ATOM   733  C C   . SER A 1 97  ? -5.012  -5.264  8.233   1.00 10.54 ? 104  SER A C   1 
ATOM   734  O O   . SER A 1 97  ? -4.467  -5.948  9.102   1.00 10.78 ? 104  SER A O   1 
ATOM   735  C CB  . SER A 1 97  ? -7.359  -4.665  8.679   1.00 12.65 ? 104  SER A CB  1 
ATOM   736  O OG  . SER A 1 97  ? -8.666  -4.582  8.146   1.00 13.93 ? 104  SER A OG  1 
ATOM   737  N N   . LEU A 1 98  ? -4.409  -4.285  7.578   1.00 9.47  ? 105  LEU A N   1 
ATOM   738  C CA  . LEU A 1 98  ? -3.084  -3.827  7.928   1.00 8.97  ? 105  LEU A CA  1 
ATOM   739  C C   . LEU A 1 98  ? -3.256  -2.512  8.667   1.00 9.79  ? 105  LEU A C   1 
ATOM   740  O O   . LEU A 1 98  ? -3.822  -1.564  8.125   1.00 9.86  ? 105  LEU A O   1 
ATOM   741  C CB  . LEU A 1 98  ? -2.228  -3.614  6.676   1.00 9.26  ? 105  LEU A CB  1 
ATOM   742  C CG  . LEU A 1 98  ? -1.822  -4.877  5.910   1.00 9.00  ? 105  LEU A CG  1 
ATOM   743  C CD1 . LEU A 1 98  ? -1.312  -4.498  4.527   1.00 9.94  ? 105  LEU A CD1 1 
ATOM   744  C CD2 . LEU A 1 98  ? -0.758  -5.633  6.693   1.00 11.47 ? 105  LEU A CD2 1 
ATOM   745  N N   . ILE A 1 99  ? -2.831  -2.475  9.922   1.00 9.80  ? 106  ILE A N   1 
ATOM   746  C CA  . ILE A 1 99  ? -2.959  -1.266  10.715  1.00 9.67  ? 106  ILE A CA  1 
ATOM   747  C C   . ILE A 1 99  ? -1.642  -0.537  10.871  1.00 10.59 ? 106  ILE A C   1 
ATOM   748  O O   . ILE A 1 99  ? -0.693  -1.065  11.447  1.00 10.04 ? 106  ILE A O   1 
ATOM   749  C CB  . ILE A 1 99  ? -3.519  -1.572  12.124  1.00 10.93 ? 106  ILE A CB  1 
ATOM   750  C CG1 . ILE A 1 99  ? -4.884  -2.258  12.014  1.00 13.98 ? 106  ILE A CG1 1 
ATOM   751  C CG2 . ILE A 1 99  ? -3.653  -0.277  12.926  1.00 12.46 ? 106  ILE A CG2 1 
ATOM   752  C CD1 . ILE A 1 99  ? -5.968  -1.401  11.391  1.00 13.15 ? 106  ILE A CD1 1 
ATOM   753  N N   . LEU A 1 100 ? -1.592  0.673   10.328  1.00 9.54  ? 107  LEU A N   1 
ATOM   754  C CA  . LEU A 1 100 ? -0.408  1.511   10.402  1.00 11.30 ? 107  LEU A CA  1 
ATOM   755  C C   . LEU A 1 100 ? -0.605  2.664   11.375  1.00 13.64 ? 107  LEU A C   1 
ATOM   756  O O   . LEU A 1 100 ? -1.481  3.495   11.173  1.00 14.75 ? 107  LEU A O   1 
ATOM   757  C CB  . LEU A 1 100 ? -0.076  2.081   9.016   1.00 13.40 ? 107  LEU A CB  1 
ATOM   758  C CG  . LEU A 1 100 ? 0.342   1.144   7.878   1.00 14.75 ? 107  LEU A CG  1 
ATOM   759  C CD1 . LEU A 1 100 ? -0.791  0.191   7.515   1.00 16.08 ? 107  LEU A CD1 1 
ATOM   760  C CD2 . LEU A 1 100 ? 0.720   1.985   6.669   1.00 17.04 ? 107  LEU A CD2 1 
ATOM   761  N N   . GLU A 1 101 ? 0.182   2.707   12.443  1.00 14.81 ? 108  GLU A N   1 
ATOM   762  C CA  . GLU A 1 101 ? 0.044   3.807   13.385  1.00 17.74 ? 108  GLU A CA  1 
ATOM   763  C C   . GLU A 1 101 ? 0.631   5.071   12.796  1.00 19.12 ? 108  GLU A C   1 
ATOM   764  O O   . GLU A 1 101 ? 0.135   6.178   13.009  1.00 19.14 ? 108  GLU A O   1 
ATOM   765  C CB  . GLU A 1 101 ? 0.726   3.465   14.708  1.00 21.48 ? 108  GLU A CB  1 
ATOM   766  C CG  . GLU A 1 101 ? 0.255   2.141   15.286  1.00 25.07 ? 108  GLU A CG  1 
ATOM   767  C CD  . GLU A 1 101 ? 0.662   1.951   16.728  1.00 28.53 ? 108  GLU A CD  1 
ATOM   768  O OE1 . GLU A 1 101 ? -0.082  2.405   17.623  1.00 28.99 ? 108  GLU A OE1 1 
ATOM   769  O OE2 . GLU A 1 101 ? 1.731   1.354   16.965  1.00 32.46 ? 108  GLU A OE2 1 
ATOM   770  N N   . ASN A 1 102 ? 1.696   4.862   12.030  1.00 20.50 ? 109  ASN A N   1 
ATOM   771  C CA  . ASN A 1 102 ? 2.402   5.920   11.337  1.00 22.13 ? 109  ASN A CA  1 
ATOM   772  C C   . ASN A 1 102 ? 2.669   5.557   9.884   1.00 21.04 ? 109  ASN A C   1 
ATOM   773  O O   . ASN A 1 102 ? 3.139   4.458   9.581   1.00 21.31 ? 109  ASN A O   1 
ATOM   774  C CB  . ASN A 1 102 ? 3.734   6.226   12.028  1.00 26.04 ? 109  ASN A CB  1 
ATOM   775  C CG  . ASN A 1 102 ? 3.552   6.806   13.414  1.00 29.42 ? 109  ASN A CG  1 
ATOM   776  O OD1 . ASN A 1 102 ? 3.060   6.136   14.322  1.00 33.22 ? 109  ASN A OD1 1 
ATOM   777  N ND2 . ASN A 1 102 ? 3.948   8.063   13.585  1.00 32.37 ? 109  ASN A ND2 1 
ATOM   778  N N   . ASN A 1 103 ? 2.329   6.470   8.987   1.00 20.47 ? 110  ASN A N   1 
ATOM   779  C CA  . ASN A 1 103 ? 2.561   6.271   7.567   1.00 20.01 ? 110  ASN A CA  1 
ATOM   780  C C   . ASN A 1 103 ? 3.566   7.281   7.044   1.00 19.85 ? 110  ASN A C   1 
ATOM   781  O O   . ASN A 1 103 ? 3.236   8.444   6.852   1.00 17.88 ? 110  ASN A O   1 
ATOM   782  C CB  . ASN A 1 103 ? 1.248   6.388   6.787   1.00 19.79 ? 110  ASN A CB  1 
ATOM   783  C CG  . ASN A 1 103 ? 1.468   6.416   5.285   1.00 20.67 ? 110  ASN A CG  1 
ATOM   784  O OD1 . ASN A 1 103 ? 2.440   5.856   4.782   1.00 20.04 ? 110  ASN A OD1 1 
ATOM   785  N ND2 . ASN A 1 103 ? 0.556   7.063   4.560   1.00 20.44 ? 110  ASN A ND2 1 
ATOM   786  N N   . PRO A 1 104 ? 4.816   6.845   6.822   1.00 19.53 ? 111  PRO A N   1 
ATOM   787  C CA  . PRO A 1 104 ? 5.877   7.725   6.327   1.00 19.80 ? 111  PRO A CA  1 
ATOM   788  C C   . PRO A 1 104 ? 5.465   8.609   5.160   1.00 20.41 ? 111  PRO A C   1 
ATOM   789  O O   . PRO A 1 104 ? 5.807   9.791   5.118   1.00 20.88 ? 111  PRO A O   1 
ATOM   790  C CB  . PRO A 1 104 ? 6.988   6.749   5.951   1.00 20.71 ? 111  PRO A CB  1 
ATOM   791  C CG  . PRO A 1 104 ? 6.802   5.643   6.939   1.00 21.30 ? 111  PRO A CG  1 
ATOM   792  C CD  . PRO A 1 104 ? 5.302   5.457   6.934   1.00 20.02 ? 111  PRO A CD  1 
ATOM   793  N N   . LEU A 1 105 ? 4.723   8.040   4.218   1.00 19.93 ? 112  LEU A N   1 
ATOM   794  C CA  . LEU A 1 105 ? 4.297   8.795   3.048   1.00 19.94 ? 112  LEU A CA  1 
ATOM   795  C C   . LEU A 1 105 ? 3.472   10.045  3.327   1.00 21.41 ? 112  LEU A C   1 
ATOM   796  O O   . LEU A 1 105 ? 3.386   10.927  2.472   1.00 20.26 ? 112  LEU A O   1 
ATOM   797  C CB  . LEU A 1 105 ? 3.530   7.891   2.085   1.00 19.88 ? 112  LEU A CB  1 
ATOM   798  C CG  . LEU A 1 105 ? 4.292   6.706   1.492   1.00 21.92 ? 112  LEU A CG  1 
ATOM   799  C CD1 . LEU A 1 105 ? 3.420   6.020   0.454   1.00 22.29 ? 112  LEU A CD1 1 
ATOM   800  C CD2 . LEU A 1 105 ? 5.593   7.185   0.859   1.00 20.57 ? 112  LEU A CD2 1 
ATOM   801  N N   . VAL A 1 106 ? 2.853   10.131  4.500   1.00 23.27 ? 113  VAL A N   1 
ATOM   802  C CA  . VAL A 1 106 ? 2.049   11.310  4.812   1.00 25.72 ? 113  VAL A CA  1 
ATOM   803  C C   . VAL A 1 106 ? 2.758   12.346  5.669   1.00 28.78 ? 113  VAL A C   1 
ATOM   804  O O   . VAL A 1 106 ? 2.146   13.319  6.118   1.00 28.55 ? 113  VAL A O   1 
ATOM   805  C CB  . VAL A 1 106 ? 0.703   10.938  5.487   1.00 26.30 ? 113  VAL A CB  1 
ATOM   806  C CG1 . VAL A 1 106 ? -0.124  10.074  4.545   1.00 26.82 ? 113  VAL A CG1 1 
ATOM   807  C CG2 . VAL A 1 106 ? 0.945   10.225  6.802   1.00 26.81 ? 113  VAL A CG2 1 
ATOM   808  N N   . ASP A 1 107 ? 4.048   12.126  5.908   1.00 31.93 ? 114  ASP A N   1 
ATOM   809  C CA  . ASP A 1 107 ? 4.828   13.084  6.673   1.00 35.16 ? 114  ASP A CA  1 
ATOM   810  C C   . ASP A 1 107 ? 4.934   14.403  5.922   1.00 36.73 ? 114  ASP A C   1 
ATOM   811  O O   . ASP A 1 107 ? 4.936   14.425  4.691   1.00 37.33 ? 114  ASP A O   1 
ATOM   812  C CB  . ASP A 1 107 ? 6.229   12.527  6.967   1.00 35.12 ? 114  ASP A CB  1 
ATOM   813  C CG  . ASP A 1 107 ? 6.220   11.434  8.032   1.00 36.18 ? 114  ASP A CG  1 
ATOM   814  O OD1 . ASP A 1 107 ? 7.260   10.759  8.196   1.00 35.77 ? 114  ASP A OD1 1 
ATOM   815  O OD2 . ASP A 1 107 ? 5.184   11.253  8.707   1.00 37.05 ? 114  ASP A OD2 1 
ATOM   816  N N   . PHE A 1 108 ? 5.019   15.496  6.666   1.00 39.57 ? 115  PHE A N   1 
ATOM   817  C CA  . PHE A 1 108 ? 5.100   16.827  6.083   1.00 41.39 ? 115  PHE A CA  1 
ATOM   818  C C   . PHE A 1 108 ? 3.883   17.194  5.245   1.00 41.93 ? 115  PHE A C   1 
ATOM   819  O O   . PHE A 1 108 ? 3.882   18.227  4.580   1.00 42.34 ? 115  PHE A O   1 
ATOM   820  C CB  . PHE A 1 108 ? 6.346   16.979  5.205   1.00 42.84 ? 115  PHE A CB  1 
ATOM   821  C CG  . PHE A 1 108 ? 7.561   16.292  5.743   1.00 44.77 ? 115  PHE A CG  1 
ATOM   822  C CD1 . PHE A 1 108 ? 7.850   14.986  5.369   1.00 46.09 ? 115  PHE A CD1 1 
ATOM   823  C CD2 . PHE A 1 108 ? 8.408   16.939  6.634   1.00 45.74 ? 115  PHE A CD2 1 
ATOM   824  C CE1 . PHE A 1 108 ? 8.960   14.325  5.878   1.00 46.76 ? 115  PHE A CE1 1 
ATOM   825  C CE2 . PHE A 1 108 ? 9.525   16.285  7.151   1.00 46.58 ? 115  PHE A CE2 1 
ATOM   826  C CZ  . PHE A 1 108 ? 9.801   14.975  6.768   1.00 46.88 ? 115  PHE A CZ  1 
ATOM   827  N N   . VAL A 1 109 ? 2.854   16.351  5.265   1.00 42.30 ? 116  VAL A N   1 
ATOM   828  C CA  . VAL A 1 109 ? 1.645   16.616  4.490   1.00 42.35 ? 116  VAL A CA  1 
ATOM   829  C C   . VAL A 1 109 ? 0.442   17.053  5.319   1.00 43.10 ? 116  VAL A C   1 
ATOM   830  O O   . VAL A 1 109 ? 0.217   16.559  6.424   1.00 43.36 ? 116  VAL A O   1 
ATOM   831  C CB  . VAL A 1 109 ? 1.205   15.373  3.672   1.00 42.07 ? 116  VAL A CB  1 
ATOM   832  C CG1 . VAL A 1 109 ? 0.057   15.744  2.737   1.00 41.74 ? 116  VAL A CG1 1 
ATOM   833  C CG2 . VAL A 1 109 ? 2.379   14.821  2.895   1.00 41.45 ? 116  VAL A CG2 1 
ATOM   834  N N   . GLU A 1 110 ? -0.328  17.984  4.760   1.00 43.90 ? 117  GLU A N   1 
ATOM   835  C CA  . GLU A 1 110 ? -1.549  18.507  5.379   1.00 44.80 ? 117  GLU A CA  1 
ATOM   836  C C   . GLU A 1 110 ? -2.692  18.590  4.357   1.00 45.16 ? 117  GLU A C   1 
ATOM   837  O O   . GLU A 1 110 ? -2.805  19.576  3.633   1.00 45.29 ? 117  GLU A O   1 
ATOM   838  C CB  . GLU A 1 110 ? -1.271  19.896  5.982   1.00 44.80 ? 117  GLU A CB  1 
ATOM   839  N N   . LEU A 1 111 ? -3.511  17.542  4.280   1.00 45.82 ? 118  LEU A N   1 
ATOM   840  C CA  . LEU A 1 111 ? -4.626  17.480  3.329   1.00 46.51 ? 118  LEU A CA  1 
ATOM   841  C C   . LEU A 1 111 ? -5.586  18.678  3.405   1.00 46.93 ? 118  LEU A C   1 
ATOM   842  O O   . LEU A 1 111 ? -6.404  18.763  4.310   1.00 46.51 ? 118  LEU A O   1 
ATOM   843  C CB  . LEU A 1 111 ? -5.400  16.176  3.530   1.00 46.46 ? 118  LEU A CB  1 
ATOM   844  C CG  . LEU A 1 111 ? -6.053  15.648  2.252   1.00 46.47 ? 118  LEU A CG  1 
ATOM   845  C CD1 . LEU A 1 111 ? -4.978  15.376  1.211   1.00 46.67 ? 118  LEU A CD1 1 
ATOM   846  C CD2 . LEU A 1 111 ? -6.828  14.390  2.564   1.00 45.83 ? 118  LEU A CD2 1 
ATOM   847  N N   . PRO A 1 112 ? -5.488  19.611  2.441   1.00 47.15 ? 119  PRO A N   1 
ATOM   848  C CA  . PRO A 1 112 ? -6.258  20.857  2.269   1.00 47.60 ? 119  PRO A CA  1 
ATOM   849  C C   . PRO A 1 112 ? -7.782  20.877  2.167   1.00 47.58 ? 119  PRO A C   1 
ATOM   850  O O   . PRO A 1 112 ? -8.464  19.910  2.489   1.00 48.31 ? 119  PRO A O   1 
ATOM   851  C CB  . PRO A 1 112 ? -5.630  21.478  1.024   1.00 47.58 ? 119  PRO A CB  1 
ATOM   852  C CG  . PRO A 1 112 ? -4.249  20.888  0.994   1.00 47.75 ? 119  PRO A CG  1 
ATOM   853  C CD  . PRO A 1 112 ? -4.519  19.465  1.342   1.00 47.52 ? 119  PRO A CD  1 
ATOM   854  N N   . ASP A 1 113 ? -8.284  22.025  1.705   1.00 47.28 ? 120  ASP A N   1 
ATOM   855  C CA  . ASP A 1 113 ? -9.709  22.288  1.532   1.00 46.29 ? 120  ASP A CA  1 
ATOM   856  C C   . ASP A 1 113 ? -10.309 21.633  0.299   1.00 45.57 ? 120  ASP A C   1 
ATOM   857  O O   . ASP A 1 113 ? -9.808  21.822  -0.812  1.00 46.05 ? 120  ASP A O   1 
ATOM   858  C CB  . ASP A 1 113 ? -9.950  23.808  1.479   1.00 46.27 ? 120  ASP A CB  1 
ATOM   859  N N   . ASN A 1 114 ? -11.367 20.853  0.493   1.00 44.40 ? 121  ASN A N   1 
ATOM   860  C CA  . ASN A 1 114 ? -12.024 20.201  -0.626  1.00 43.08 ? 121  ASN A CA  1 
ATOM   861  C C   . ASN A 1 114 ? -11.271 19.009  -1.222  1.00 41.63 ? 121  ASN A C   1 
ATOM   862  O O   . ASN A 1 114 ? -11.738 18.401  -2.187  1.00 43.10 ? 121  ASN A O   1 
ATOM   863  C CB  . ASN A 1 114 ? -12.308 21.231  -1.707  1.00 43.41 ? 121  ASN A CB  1 
ATOM   864  N N   . HIS A 1 115 ? -10.107 18.679  -0.668  1.00 38.82 ? 122  HIS A N   1 
ATOM   865  C CA  . HIS A 1 115 ? -9.340  17.529  -1.153  1.00 34.96 ? 122  HIS A CA  1 
ATOM   866  C C   . HIS A 1 115 ? -9.663  16.242  -0.393  1.00 32.21 ? 122  HIS A C   1 
ATOM   867  O O   . HIS A 1 115 ? -8.914  15.267  -0.441  1.00 29.69 ? 122  HIS A O   1 
ATOM   868  C CB  . HIS A 1 115 ? -7.831  17.805  -1.068  1.00 36.44 ? 122  HIS A CB  1 
ATOM   869  C CG  . HIS A 1 115 ? -7.241  18.365  -2.326  1.00 37.46 ? 122  HIS A CG  1 
ATOM   870  N ND1 . HIS A 1 115 ? -7.308  17.713  -3.538  1.00 38.24 ? 122  HIS A ND1 1 
ATOM   871  C CD2 . HIS A 1 115 ? -6.547  19.508  -2.555  1.00 38.39 ? 122  HIS A CD2 1 
ATOM   872  C CE1 . HIS A 1 115 ? -6.682  18.426  -4.459  1.00 37.97 ? 122  HIS A CE1 1 
ATOM   873  N NE2 . HIS A 1 115 ? -6.211  19.521  -3.885  1.00 39.11 ? 122  HIS A NE2 1 
ATOM   874  N N   . SER A 1 116 ? -10.798 16.255  0.298   1.00 29.19 ? 123  SER A N   1 
ATOM   875  C CA  . SER A 1 116 ? -11.250 15.123  1.097   1.00 28.17 ? 123  SER A CA  1 
ATOM   876  C C   . SER A 1 116 ? -11.381 13.791  0.364   1.00 24.66 ? 123  SER A C   1 
ATOM   877  O O   . SER A 1 116 ? -11.164 12.738  0.959   1.00 25.62 ? 123  SER A O   1 
ATOM   878  C CB  . SER A 1 116 ? -12.580 15.467  1.772   1.00 29.10 ? 123  SER A CB  1 
ATOM   879  O OG  . SER A 1 116 ? -13.560 15.810  0.811   1.00 32.83 ? 123  SER A OG  1 
ATOM   880  N N   . ALA A 1 117 ? -11.742 13.826  -0.916  1.00 21.27 ? 124  ALA A N   1 
ATOM   881  C CA  . ALA A 1 117 ? -11.885 12.590  -1.685  1.00 18.36 ? 124  ALA A CA  1 
ATOM   882  C C   . ALA A 1 117 ? -10.552 11.970  -2.079  1.00 16.48 ? 124  ALA A C   1 
ATOM   883  O O   . ALA A 1 117 ? -10.481 10.812  -2.495  1.00 15.58 ? 124  ALA A O   1 
ATOM   884  C CB  . ALA A 1 117 ? -12.727 12.844  -2.932  1.00 19.80 ? 124  ALA A CB  1 
ATOM   885  N N   . LEU A 1 118 ? -9.487  12.749  -1.944  1.00 14.82 ? 125  LEU A N   1 
ATOM   886  C CA  . LEU A 1 118 ? -8.172  12.253  -2.295  1.00 13.54 ? 125  LEU A CA  1 
ATOM   887  C C   . LEU A 1 118 ? -7.642  11.204  -1.328  1.00 12.12 ? 125  LEU A C   1 
ATOM   888  O O   . LEU A 1 118 ? -7.690  11.389  -0.115  1.00 13.20 ? 125  LEU A O   1 
ATOM   889  C CB  . LEU A 1 118 ? -7.174  13.409  -2.366  1.00 13.89 ? 125  LEU A CB  1 
ATOM   890  C CG  . LEU A 1 118 ? -5.751  13.072  -2.823  1.00 14.56 ? 125  LEU A CG  1 
ATOM   891  C CD1 . LEU A 1 118 ? -5.755  12.750  -4.312  1.00 13.51 ? 125  LEU A CD1 1 
ATOM   892  C CD2 . LEU A 1 118 ? -4.835  14.256  -2.551  1.00 14.01 ? 125  LEU A CD2 1 
ATOM   893  N N   . ILE A 1 119 ? -7.178  10.090  -1.880  1.00 9.54  ? 126  ILE A N   1 
ATOM   894  C CA  . ILE A 1 119 ? -6.566  9.028   -1.095  1.00 9.28  ? 126  ILE A CA  1 
ATOM   895  C C   . ILE A 1 119 ? -5.071  9.159   -1.333  1.00 8.89  ? 126  ILE A C   1 
ATOM   896  O O   . ILE A 1 119 ? -4.499  8.525   -2.217  1.00 8.28  ? 126  ILE A O   1 
ATOM   897  C CB  . ILE A 1 119 ? -7.077  7.647   -1.551  1.00 8.94  ? 126  ILE A CB  1 
ATOM   898  C CG1 . ILE A 1 119 ? -8.609  7.622   -1.489  1.00 11.00 ? 126  ILE A CG1 1 
ATOM   899  C CG2 . ILE A 1 119 ? -6.517  6.550   -0.646  1.00 10.12 ? 126  ILE A CG2 1 
ATOM   900  C CD1 . ILE A 1 119 ? -9.231  6.430   -2.188  1.00 12.92 ? 126  ILE A CD1 1 
ATOM   901  N N   . TYR A 1 120 ? -4.468  10.052  -0.559  1.00 8.77  ? 127  TYR A N   1 
ATOM   902  C CA  . TYR A 1 120 ? -3.062  10.405  -0.701  1.00 9.34  ? 127  TYR A CA  1 
ATOM   903  C C   . TYR A 1 120 ? -2.069  9.285   -0.954  1.00 8.50  ? 127  TYR A C   1 
ATOM   904  O O   . TYR A 1 120 ? -1.252  9.384   -1.874  1.00 9.65  ? 127  TYR A O   1 
ATOM   905  C CB  . TYR A 1 120 ? -2.602  11.219  0.503   1.00 10.53 ? 127  TYR A CB  1 
ATOM   906  C CG  . TYR A 1 120 ? -1.305  11.950  0.250   1.00 10.70 ? 127  TYR A CG  1 
ATOM   907  C CD1 . TYR A 1 120 ? -1.286  13.167  -0.433  1.00 10.95 ? 127  TYR A CD1 1 
ATOM   908  C CD2 . TYR A 1 120 ? -0.097  11.410  0.669   1.00 10.94 ? 127  TYR A CD2 1 
ATOM   909  C CE1 . TYR A 1 120 ? -0.086  13.828  -0.689  1.00 9.98  ? 127  TYR A CE1 1 
ATOM   910  C CE2 . TYR A 1 120 ? 1.109   12.059  0.418   1.00 11.15 ? 127  TYR A CE2 1 
ATOM   911  C CZ  . TYR A 1 120 ? 1.107   13.266  -0.259  1.00 10.09 ? 127  TYR A CZ  1 
ATOM   912  O OH  . TYR A 1 120 ? 2.301   13.911  -0.492  1.00 12.52 ? 127  TYR A OH  1 
ATOM   913  N N   . SER A 1 121 ? -2.131  8.225   -0.154  1.00 8.91  ? 128  SER A N   1 
ATOM   914  C CA  . SER A 1 121 ? -1.196  7.115   -0.307  1.00 8.93  ? 128  SER A CA  1 
ATOM   915  C C   . SER A 1 121 ? -1.723  5.940   -1.119  1.00 8.93  ? 128  SER A C   1 
ATOM   916  O O   . SER A 1 121 ? -1.218  4.824   -0.986  1.00 7.98  ? 128  SER A O   1 
ATOM   917  C CB  . SER A 1 121 ? -0.759  6.616   1.079   1.00 11.65 ? 128  SER A CB  1 
ATOM   918  O OG  . SER A 1 121 ? -0.277  7.687   1.877   1.00 14.58 ? 128  SER A OG  1 
ATOM   919  N N   . ASN A 1 122 ? -2.712  6.196   -1.977  1.00 8.82  ? 129  ASN A N   1 
ATOM   920  C CA  . ASN A 1 122 ? -3.323  5.142   -2.787  1.00 8.83  ? 129  ASN A CA  1 
ATOM   921  C C   . ASN A 1 122 ? -2.334  4.289   -3.578  1.00 8.26  ? 129  ASN A C   1 
ATOM   922  O O   . ASN A 1 122 ? -2.639  3.154   -3.945  1.00 8.45  ? 129  ASN A O   1 
ATOM   923  C CB  . ASN A 1 122 ? -4.366  5.739   -3.738  1.00 9.20  ? 129  ASN A CB  1 
ATOM   924  C CG  . ASN A 1 122 ? -5.541  4.807   -3.973  1.00 10.40 ? 129  ASN A CG  1 
ATOM   925  O OD1 . ASN A 1 122 ? -6.207  4.871   -5.009  1.00 14.63 ? 129  ASN A OD1 1 
ATOM   926  N ND2 . ASN A 1 122 ? -5.812  3.946   -3.004  1.00 7.35  ? 129  ASN A ND2 1 
ATOM   927  N N   . LEU A 1 123 ? -1.157  4.836   -3.854  1.00 7.05  ? 130  LEU A N   1 
ATOM   928  C CA  . LEU A 1 123 ? -0.135  4.078   -4.567  1.00 8.10  ? 130  LEU A CA  1 
ATOM   929  C C   . LEU A 1 123 ? 0.104   2.713   -3.923  1.00 8.57  ? 130  LEU A C   1 
ATOM   930  O O   . LEU A 1 123 ? 0.275   1.704   -4.613  1.00 7.53  ? 130  LEU A O   1 
ATOM   931  C CB  . LEU A 1 123 ? 1.183   4.859   -4.580  1.00 9.24  ? 130  LEU A CB  1 
ATOM   932  C CG  . LEU A 1 123 ? 2.329   4.237   -5.383  1.00 9.76  ? 130  LEU A CG  1 
ATOM   933  C CD1 . LEU A 1 123 ? 2.531   5.027   -6.663  1.00 10.42 ? 130  LEU A CD1 1 
ATOM   934  C CD2 . LEU A 1 123 ? 3.607   4.256   -4.560  1.00 10.69 ? 130  LEU A CD2 1 
ATOM   935  N N   . LEU A 1 124 ? 0.103   2.687   -2.590  1.00 8.75  ? 131  LEU A N   1 
ATOM   936  C CA  . LEU A 1 124 ? 0.340   1.441   -1.859  1.00 8.42  ? 131  LEU A CA  1 
ATOM   937  C C   . LEU A 1 124 ? -0.640  0.316   -2.170  1.00 9.08  ? 131  LEU A C   1 
ATOM   938  O O   . LEU A 1 124 ? -0.263  -0.854  -2.174  1.00 10.80 ? 131  LEU A O   1 
ATOM   939  C CB  . LEU A 1 124 ? 0.365   1.700   -0.349  1.00 9.68  ? 131  LEU A CB  1 
ATOM   940  C CG  . LEU A 1 124 ? 1.468   2.635   0.147   1.00 9.45  ? 131  LEU A CG  1 
ATOM   941  C CD1 . LEU A 1 124 ? 1.403   2.735   1.667   1.00 11.49 ? 131  LEU A CD1 1 
ATOM   942  C CD2 . LEU A 1 124 ? 2.830   2.111   -0.296  1.00 11.31 ? 131  LEU A CD2 1 
ATOM   943  N N   . CYS A 1 125 ? -1.901  0.663   -2.416  1.00 9.22  ? 132  CYS A N   1 
ATOM   944  C CA  . CYS A 1 125 ? -2.886  -0.353  -2.757  1.00 9.93  ? 132  CYS A CA  1 
ATOM   945  C C   . CYS A 1 125 ? -2.527  -1.052  -4.060  1.00 7.75  ? 132  CYS A C   1 
ATOM   946  O O   . CYS A 1 125 ? -2.640  -2.269  -4.181  1.00 9.10  ? 132  CYS A O   1 
ATOM   947  C CB  . CYS A 1 125 ? -4.280  0.265   -2.874  1.00 10.46 ? 132  CYS A CB  1 
ATOM   948  S SG  . CYS A 1 125 ? -4.966  0.820   -1.304  1.00 14.93 ? 132  CYS A SG  1 
ATOM   949  N N   . GLY A 1 126 ? -2.089  -0.256  -5.033  1.00 7.95  ? 133  GLY A N   1 
ATOM   950  C CA  . GLY A 1 126 ? -1.689  -0.800  -6.317  1.00 8.32  ? 133  GLY A CA  1 
ATOM   951  C C   . GLY A 1 126 ? -0.465  -1.676  -6.152  1.00 8.19  ? 133  GLY A C   1 
ATOM   952  O O   . GLY A 1 126 ? -0.385  -2.760  -6.736  1.00 7.90  ? 133  GLY A O   1 
ATOM   953  N N   . VAL A 1 127 ? 0.502   -1.217  -5.362  1.00 6.63  ? 134  VAL A N   1 
ATOM   954  C CA  . VAL A 1 127 ? 1.699   -2.026  -5.143  1.00 7.37  ? 134  VAL A CA  1 
ATOM   955  C C   . VAL A 1 127 ? 1.350   -3.409  -4.605  1.00 7.95  ? 134  VAL A C   1 
ATOM   956  O O   . VAL A 1 127 ? 1.824   -4.428  -5.109  1.00 7.19  ? 134  VAL A O   1 
ATOM   957  C CB  . VAL A 1 127 ? 2.684   -1.341  -4.161  1.00 8.36  ? 134  VAL A CB  1 
ATOM   958  C CG1 . VAL A 1 127 ? 3.869   -2.259  -3.886  1.00 8.98  ? 134  VAL A CG1 1 
ATOM   959  C CG2 . VAL A 1 127 ? 3.167   -0.030  -4.749  1.00 9.00  ? 134  VAL A CG2 1 
ATOM   960  N N   . LEU A 1 128 ? 0.510   -3.443  -3.577  1.00 7.57  ? 135  LEU A N   1 
ATOM   961  C CA  . LEU A 1 128 ? 0.092   -4.712  -2.995  1.00 8.22  ? 135  LEU A CA  1 
ATOM   962  C C   . LEU A 1 128 ? -0.613  -5.623  -3.994  1.00 8.90  ? 135  LEU A C   1 
ATOM   963  O O   . LEU A 1 128 ? -0.312  -6.812  -4.088  1.00 10.88 ? 135  LEU A O   1 
ATOM   964  C CB  . LEU A 1 128 ? -0.815  -4.455  -1.788  1.00 6.97  ? 135  LEU A CB  1 
ATOM   965  C CG  . LEU A 1 128 ? -0.100  -3.838  -0.581  1.00 7.99  ? 135  LEU A CG  1 
ATOM   966  C CD1 . LEU A 1 128 ? -1.111  -3.245  0.382   1.00 9.31  ? 135  LEU A CD1 1 
ATOM   967  C CD2 . LEU A 1 128 ? 0.749   -4.904  0.102   1.00 9.60  ? 135  LEU A CD2 1 
ATOM   968  N N   . ARG A 1 129 ? -1.546  -5.057  -4.752  1.00 7.87  ? 136  ARG A N   1 
ATOM   969  C CA  . ARG A 1 129 ? -2.277  -5.844  -5.737  1.00 8.88  ? 136  ARG A CA  1 
ATOM   970  C C   . ARG A 1 129 ? -1.395  -6.365  -6.868  1.00 9.02  ? 136  ARG A C   1 
ATOM   971  O O   . ARG A 1 129 ? -1.496  -7.531  -7.255  1.00 9.69  ? 136  ARG A O   1 
ATOM   972  C CB  . ARG A 1 129 ? -3.437  -5.025  -6.313  1.00 8.52  ? 136  ARG A CB  1 
ATOM   973  C CG  . ARG A 1 129 ? -4.360  -5.836  -7.223  1.00 8.70  ? 136  ARG A CG  1 
ATOM   974  C CD  . ARG A 1 129 ? -5.544  -5.019  -7.738  1.00 9.17  ? 136  ARG A CD  1 
ATOM   975  N NE  . ARG A 1 129 ? -5.149  -3.985  -8.694  1.00 10.13 ? 136  ARG A NE  1 
ATOM   976  C CZ  . ARG A 1 129 ? -4.989  -2.698  -8.400  1.00 10.39 ? 136  ARG A CZ  1 
ATOM   977  N NH1 . ARG A 1 129 ? -5.192  -2.260  -7.164  1.00 11.78 ? 136  ARG A NH1 1 
ATOM   978  N NH2 . ARG A 1 129 ? -4.614  -1.849  -9.349  1.00 9.42  ? 136  ARG A NH2 1 
ATOM   979  N N   . GLY A 1 130 ? -0.527  -5.498  -7.384  1.00 8.78  ? 137  GLY A N   1 
ATOM   980  C CA  . GLY A 1 130 ? 0.366   -5.882  -8.463  1.00 8.73  ? 137  GLY A CA  1 
ATOM   981  C C   . GLY A 1 130 ? 1.352   -6.949  -8.034  1.00 10.40 ? 137  GLY A C   1 
ATOM   982  O O   . GLY A 1 130 ? 1.583   -7.921  -8.757  1.00 12.13 ? 137  GLY A O   1 
ATOM   983  N N   . ALA A 1 131 ? 1.943   -6.773  -6.858  1.00 9.58  ? 138  ALA A N   1 
ATOM   984  C CA  . ALA A 1 131 ? 2.894   -7.750  -6.348  1.00 10.93 ? 138  ALA A CA  1 
ATOM   985  C C   . ALA A 1 131 ? 2.273   -9.124  -6.159  1.00 12.10 ? 138  ALA A C   1 
ATOM   986  O O   . ALA A 1 131 ? 2.836   -10.140 -6.570  1.00 13.24 ? 138  ALA A O   1 
ATOM   987  C CB  . ALA A 1 131 ? 3.486   -7.258  -5.032  1.00 11.24 ? 138  ALA A CB  1 
ATOM   988  N N   . LEU A 1 132 ? 1.099   -9.150  -5.540  1.00 11.26 ? 139  LEU A N   1 
ATOM   989  C CA  . LEU A 1 132 ? 0.419   -10.409 -5.304  1.00 11.49 ? 139  LEU A CA  1 
ATOM   990  C C   . LEU A 1 132 ? -0.067  -11.097 -6.565  1.00 11.69 ? 139  LEU A C   1 
ATOM   991  O O   . LEU A 1 132 ? -0.123  -12.325 -6.616  1.00 11.70 ? 139  LEU A O   1 
ATOM   992  C CB  . LEU A 1 132 ? -0.733  -10.215 -4.316  1.00 11.88 ? 139  LEU A CB  1 
ATOM   993  C CG  . LEU A 1 132 ? -0.232  -9.917  -2.896  1.00 14.23 ? 139  LEU A CG  1 
ATOM   994  C CD1 . LEU A 1 132 ? -1.402  -9.866  -1.933  1.00 16.54 ? 139  LEU A CD1 1 
ATOM   995  C CD2 . LEU A 1 132 ? 0.755   -10.994 -2.465  1.00 17.43 ? 139  LEU A CD2 1 
ATOM   996  N N   . GLU A 1 133 ? -0.416  -10.324 -7.588  1.00 11.70 ? 140  GLU A N   1 
ATOM   997  C CA  . GLU A 1 133 ? -0.845  -10.944 -8.832  1.00 13.70 ? 140  GLU A CA  1 
ATOM   998  C C   . GLU A 1 133 ? 0.261   -11.797 -9.427  1.00 14.61 ? 140  GLU A C   1 
ATOM   999  O O   . GLU A 1 133 ? 0.012   -12.852 -10.008 1.00 14.93 ? 140  GLU A O   1 
ATOM   1000 C CB  . GLU A 1 133 ? -1.249  -9.897  -9.869  1.00 14.82 ? 140  GLU A CB  1 
ATOM   1001 C CG  . GLU A 1 133 ? -1.774  -10.531 -11.153 1.00 20.27 ? 140  GLU A CG  1 
ATOM   1002 C CD  . GLU A 1 133 ? -1.836  -9.566  -12.314 1.00 24.26 ? 140  GLU A CD  1 
ATOM   1003 O OE1 . GLU A 1 133 ? -2.314  -8.434  -12.116 1.00 24.87 ? 140  GLU A OE1 1 
ATOM   1004 O OE2 . GLU A 1 133 ? -1.418  -9.948  -13.430 1.00 25.98 ? 140  GLU A OE2 1 
ATOM   1005 N N   . MET A 1 134 ? 1.496   -11.325 -9.275  1.00 15.07 ? 141  MET A N   1 
ATOM   1006 C CA  . MET A 1 134 ? 2.648   -12.041 -9.799  1.00 17.67 ? 141  MET A CA  1 
ATOM   1007 C C   . MET A 1 134 ? 2.922   -13.371 -9.110  1.00 18.76 ? 141  MET A C   1 
ATOM   1008 O O   . MET A 1 134 ? 3.647   -14.212 -9.642  1.00 20.26 ? 141  MET A O   1 
ATOM   1009 C CB  . MET A 1 134 ? 3.887   -11.146 -9.760  1.00 16.89 ? 141  MET A CB  1 
ATOM   1010 C CG  . MET A 1 134 ? 3.782   -9.937  -10.678 1.00 19.13 ? 141  MET A CG  1 
ATOM   1011 S SD  . MET A 1 134 ? 3.349   -10.390 -12.379 1.00 23.52 ? 141  MET A SD  1 
ATOM   1012 C CE  . MET A 1 134 ? 4.945   -10.827 -13.021 1.00 25.22 ? 141  MET A CE  1 
ATOM   1013 N N   . VAL A 1 135 ? 2.358   -13.556 -7.919  1.00 19.01 ? 142  VAL A N   1 
ATOM   1014 C CA  . VAL A 1 135 ? 2.510   -14.822 -7.214  1.00 19.63 ? 142  VAL A CA  1 
ATOM   1015 C C   . VAL A 1 135 ? 1.215   -15.623 -7.233  1.00 20.46 ? 142  VAL A C   1 
ATOM   1016 O O   . VAL A 1 135 ? 0.928   -16.421 -6.338  1.00 21.63 ? 142  VAL A O   1 
ATOM   1017 C CB  . VAL A 1 135 ? 3.000   -14.629 -5.752  1.00 20.41 ? 142  VAL A CB  1 
ATOM   1018 C CG1 . VAL A 1 135 ? 4.439   -14.131 -5.758  1.00 22.10 ? 142  VAL A CG1 1 
ATOM   1019 C CG2 . VAL A 1 135 ? 2.106   -13.657 -5.011  1.00 20.54 ? 142  VAL A CG2 1 
ATOM   1020 N N   . GLN A 1 136 ? 0.440   -15.374 -8.286  1.00 20.30 ? 143  GLN A N   1 
ATOM   1021 C CA  . GLN A 1 136 ? -0.830  -16.042 -8.547  1.00 21.79 ? 143  GLN A CA  1 
ATOM   1022 C C   . GLN A 1 136 ? -1.944  -15.782 -7.546  1.00 20.16 ? 143  GLN A C   1 
ATOM   1023 O O   . GLN A 1 136 ? -2.804  -16.633 -7.325  1.00 20.67 ? 143  GLN A O   1 
ATOM   1024 C CB  . GLN A 1 136 ? -0.594  -17.547 -8.687  1.00 22.79 ? 143  GLN A CB  1 
ATOM   1025 C CG  . GLN A 1 136 ? 0.671   -17.884 -9.463  1.00 28.60 ? 143  GLN A CG  1 
ATOM   1026 C CD  . GLN A 1 136 ? 0.744   -17.181 -10.806 1.00 31.13 ? 143  GLN A CD  1 
ATOM   1027 O OE1 . GLN A 1 136 ? 1.818   -17.054 -11.395 1.00 34.39 ? 143  GLN A OE1 1 
ATOM   1028 N NE2 . GLN A 1 136 ? -0.401  -16.730 -11.303 1.00 33.41 ? 143  GLN A NE2 1 
ATOM   1029 N N   . MET A 1 137 ? -1.943  -14.594 -6.956  1.00 19.03 ? 144  MET A N   1 
ATOM   1030 C CA  . MET A 1 137 ? -2.971  -14.243 -5.993  1.00 17.86 ? 144  MET A CA  1 
ATOM   1031 C C   . MET A 1 137 ? -3.730  -12.971 -6.343  1.00 16.65 ? 144  MET A C   1 
ATOM   1032 O O   . MET A 1 137 ? -3.176  -11.875 -6.290  1.00 15.61 ? 144  MET A O   1 
ATOM   1033 C CB  . MET A 1 137 ? -2.360  -14.105 -4.594  1.00 21.36 ? 144  MET A CB  1 
ATOM   1034 C CG  . MET A 1 137 ? -1.738  -15.388 -4.059  1.00 23.28 ? 144  MET A CG  1 
ATOM   1035 S SD  . MET A 1 137 ? -0.953  -15.167 -2.444  1.00 29.10 ? 144  MET A SD  1 
ATOM   1036 C CE  . MET A 1 137 ? -2.343  -15.418 -1.373  1.00 27.30 ? 144  MET A CE  1 
ATOM   1037 N N   . ALA A 1 138 ? -4.993  -13.126 -6.727  1.00 16.31 ? 145  ALA A N   1 
ATOM   1038 C CA  . ALA A 1 138 ? -5.831  -11.981 -7.044  1.00 16.57 ? 145  ALA A CA  1 
ATOM   1039 C C   . ALA A 1 138 ? -6.436  -11.405 -5.776  1.00 16.10 ? 145  ALA A C   1 
ATOM   1040 O O   . ALA A 1 138 ? -7.176  -12.087 -5.068  1.00 17.02 ? 145  ALA A O   1 
ATOM   1041 C CB  . ALA A 1 138 ? -6.936  -12.390 -8.008  1.00 16.72 ? 145  ALA A CB  1 
ATOM   1042 N N   . VAL A 1 139 ? -6.101  -10.160 -5.469  1.00 15.91 ? 146  VAL A N   1 
ATOM   1043 C CA  . VAL A 1 139 ? -6.617  -9.536  -4.266  1.00 13.98 ? 146  VAL A CA  1 
ATOM   1044 C C   . VAL A 1 139 ? -7.125  -8.124  -4.463  1.00 13.91 ? 146  VAL A C   1 
ATOM   1045 O O   . VAL A 1 139 ? -6.898  -7.493  -5.500  1.00 13.67 ? 146  VAL A O   1 
ATOM   1046 C CB  . VAL A 1 139 ? -5.535  -9.464  -3.156  1.00 14.21 ? 146  VAL A CB  1 
ATOM   1047 C CG1 . VAL A 1 139 ? -4.873  -10.819 -2.979  1.00 15.53 ? 146  VAL A CG1 1 
ATOM   1048 C CG2 . VAL A 1 139 ? -4.498  -8.388  -3.503  1.00 14.42 ? 146  VAL A CG2 1 
ATOM   1049 N N   . GLU A 1 140 ? -7.839  -7.653  -3.453  1.00 12.62 ? 147  GLU A N   1 
ATOM   1050 C CA  . GLU A 1 140 ? -8.336  -6.295  -3.423  1.00 13.35 ? 147  GLU A CA  1 
ATOM   1051 C C   . GLU A 1 140 ? -7.741  -5.570  -2.228  1.00 12.91 ? 147  GLU A C   1 
ATOM   1052 O O   . GLU A 1 140 ? -7.857  -6.035  -1.095  1.00 13.74 ? 147  GLU A O   1 
ATOM   1053 C CB  . GLU A 1 140 ? -9.863  -6.257  -3.313  1.00 15.07 ? 147  GLU A CB  1 
ATOM   1054 C CG  . GLU A 1 140 ? -10.404 -4.834  -3.230  1.00 20.29 ? 147  GLU A CG  1 
ATOM   1055 C CD  . GLU A 1 140 ? -11.900 -4.767  -2.979  1.00 23.86 ? 147  GLU A CD  1 
ATOM   1056 O OE1 . GLU A 1 140 ? -12.442 -3.643  -2.958  1.00 27.52 ? 147  GLU A OE1 1 
ATOM   1057 O OE2 . GLU A 1 140 ? -12.533 -5.829  -2.804  1.00 27.92 ? 147  GLU A OE2 1 
ATOM   1058 N N   . ALA A 1 141 ? -7.060  -4.466  -2.490  1.00 11.65 ? 148  ALA A N   1 
ATOM   1059 C CA  . ALA A 1 141 ? -6.474  -3.665  -1.430  1.00 10.71 ? 148  ALA A CA  1 
ATOM   1060 C C   . ALA A 1 141 ? -7.060  -2.270  -1.453  1.00 10.45 ? 148  ALA A C   1 
ATOM   1061 O O   . ALA A 1 141 ? -7.112  -1.632  -2.508  1.00 12.27 ? 148  ALA A O   1 
ATOM   1062 C CB  . ALA A 1 141 ? -4.953  -3.598  -1.595  1.00 10.19 ? 148  ALA A CB  1 
ATOM   1063 N N   . LYS A 1 142 ? -7.530  -1.802  -0.304  1.00 10.74 ? 149  LYS A N   1 
ATOM   1064 C CA  . LYS A 1 142 ? -8.111  -0.474  -0.240  1.00 10.85 ? 149  LYS A CA  1 
ATOM   1065 C C   . LYS A 1 142 ? -7.952  0.201   1.108   1.00 9.92  ? 149  LYS A C   1 
ATOM   1066 O O   . LYS A 1 142 ? -7.876  -0.463  2.142   1.00 11.38 ? 149  LYS A O   1 
ATOM   1067 C CB  . LYS A 1 142 ? -9.604  -0.535  -0.587  1.00 13.34 ? 149  LYS A CB  1 
ATOM   1068 C CG  . LYS A 1 142 ? -10.444 -1.307  0.414   1.00 16.63 ? 149  LYS A CG  1 
ATOM   1069 C CD  . LYS A 1 142 ? -11.926 -1.231  0.071   1.00 20.43 ? 149  LYS A CD  1 
ATOM   1070 C CE  . LYS A 1 142 ? -12.759 -1.991  1.086   1.00 22.51 ? 149  LYS A CE  1 
ATOM   1071 N NZ  . LYS A 1 142 ? -14.215 -1.928  0.774   1.00 25.07 ? 149  LYS A NZ  1 
ATOM   1072 N N   . PHE A 1 143 ? -7.869  1.524   1.094   1.00 9.53  ? 150  PHE A N   1 
ATOM   1073 C CA  . PHE A 1 143 ? -7.788  2.259   2.343   1.00 10.84 ? 150  PHE A CA  1 
ATOM   1074 C C   . PHE A 1 143 ? -9.164  2.403   2.967   1.00 10.95 ? 150  PHE A C   1 
ATOM   1075 O O   . PHE A 1 143 ? -10.119 2.779   2.282   1.00 12.56 ? 150  PHE A O   1 
ATOM   1076 C CB  . PHE A 1 143 ? -7.210  3.664   2.133   1.00 10.87 ? 150  PHE A CB  1 
ATOM   1077 C CG  . PHE A 1 143 ? -5.717  3.699   2.029   1.00 10.27 ? 150  PHE A CG  1 
ATOM   1078 C CD1 . PHE A 1 143 ? -5.083  3.524   0.805   1.00 10.79 ? 150  PHE A CD1 1 
ATOM   1079 C CD2 . PHE A 1 143 ? -4.939  3.891   3.165   1.00 11.02 ? 150  PHE A CD2 1 
ATOM   1080 C CE1 . PHE A 1 143 ? -3.699  3.536   0.716   1.00 9.20  ? 150  PHE A CE1 1 
ATOM   1081 C CE2 . PHE A 1 143 ? -3.550  3.904   3.085   1.00 10.53 ? 150  PHE A CE2 1 
ATOM   1082 C CZ  . PHE A 1 143 ? -2.928  3.727   1.856   1.00 11.60 ? 150  PHE A CZ  1 
ATOM   1083 N N   . VAL A 1 144 ? -9.278  2.070   4.248   1.00 10.90 ? 151  VAL A N   1 
ATOM   1084 C CA  . VAL A 1 144 ? -10.545 2.218   4.955   1.00 11.43 ? 151  VAL A CA  1 
ATOM   1085 C C   . VAL A 1 144 ? -10.443 3.239   6.083   1.00 11.56 ? 151  VAL A C   1 
ATOM   1086 O O   . VAL A 1 144 ? -11.447 3.713   6.615   1.00 11.77 ? 151  VAL A O   1 
ATOM   1087 C CB  . VAL A 1 144 ? -11.058 0.860   5.489   1.00 12.79 ? 151  VAL A CB  1 
ATOM   1088 C CG1 . VAL A 1 144 ? -11.481 -0.018  4.321   1.00 14.67 ? 151  VAL A CG1 1 
ATOM   1089 C CG2 . VAL A 1 144 ? -9.990  0.177   6.299   1.00 15.47 ? 151  VAL A CG2 1 
ATOM   1090 N N   . GLN A 1 145 ? -9.198  3.562   6.428   1.00 9.88  ? 152  GLN A N   1 
ATOM   1091 C CA  . GLN A 1 145 ? -8.853  4.568   7.426   1.00 8.88  ? 152  GLN A CA  1 
ATOM   1092 C C   . GLN A 1 145 ? -7.573  5.283   7.019   1.00 9.52  ? 152  GLN A C   1 
ATOM   1093 O O   . GLN A 1 145 ? -6.693  4.681   6.397   1.00 9.69  ? 152  GLN A O   1 
ATOM   1094 C CB  . GLN A 1 145 ? -8.674  3.953   8.821   1.00 10.52 ? 152  GLN A CB  1 
ATOM   1095 C CG  . GLN A 1 145 ? -9.969  3.540   9.505   1.00 10.42 ? 152  GLN A CG  1 
ATOM   1096 C CD  . GLN A 1 145 ? -9.771  3.259   10.982  1.00 10.76 ? 152  GLN A CD  1 
ATOM   1097 O OE1 . GLN A 1 145 ? -9.507  2.126   11.392  1.00 12.55 ? 152  GLN A OE1 1 
ATOM   1098 N NE2 . GLN A 1 145 ? -9.872  4.303   11.789  1.00 11.36 ? 152  GLN A NE2 1 
ATOM   1099 N N   . ASP A 1 146 ? -7.472  6.561   7.361   1.00 9.58  ? 153  ASP A N   1 
ATOM   1100 C CA  . ASP A 1 146 ? -6.314  7.371   7.001   1.00 9.23  ? 153  ASP A CA  1 
ATOM   1101 C C   . ASP A 1 146 ? -6.059  8.470   8.022   1.00 11.07 ? 153  ASP A C   1 
ATOM   1102 O O   . ASP A 1 146 ? -6.935  9.305   8.260   1.00 10.77 ? 153  ASP A O   1 
ATOM   1103 C CB  . ASP A 1 146 ? -6.561  7.985   5.615   1.00 10.11 ? 153  ASP A CB  1 
ATOM   1104 C CG  . ASP A 1 146 ? -5.341  8.685   5.034   1.00 10.42 ? 153  ASP A CG  1 
ATOM   1105 O OD1 . ASP A 1 146 ? -4.350  8.915   5.756   1.00 12.80 ? 153  ASP A OD1 1 
ATOM   1106 O OD2 . ASP A 1 146 ? -5.390  9.018   3.831   1.00 15.03 ? 153  ASP A OD2 1 
ATOM   1107 N N   . THR A 1 147 ? -4.884  8.469   8.642   1.00 10.36 ? 154  THR A N   1 
ATOM   1108 C CA  . THR A 1 147 ? -4.588  9.500   9.627   1.00 12.45 ? 154  THR A CA  1 
ATOM   1109 C C   . THR A 1 147 ? -4.690  10.912  9.057   1.00 13.37 ? 154  THR A C   1 
ATOM   1110 O O   . THR A 1 147 ? -4.968  11.861  9.788   1.00 14.00 ? 154  THR A O   1 
ATOM   1111 C CB  . THR A 1 147 ? -3.197  9.294   10.274  1.00 13.79 ? 154  THR A CB  1 
ATOM   1112 O OG1 . THR A 1 147 ? -2.187  9.266   9.262   1.00 15.33 ? 154  THR A OG1 1 
ATOM   1113 C CG2 . THR A 1 147 ? -3.163  7.983   11.051  1.00 14.05 ? 154  THR A CG2 1 
ATOM   1114 N N   . LEU A 1 148 ? -4.476  11.048  7.750   1.00 14.77 ? 155  LEU A N   1 
ATOM   1115 C CA  . LEU A 1 148 ? -4.597  12.358  7.113   1.00 16.28 ? 155  LEU A CA  1 
ATOM   1116 C C   . LEU A 1 148 ? -6.021  12.882  7.147   1.00 16.78 ? 155  LEU A C   1 
ATOM   1117 O O   . LEU A 1 148 ? -6.255  14.085  7.033   1.00 19.12 ? 155  LEU A O   1 
ATOM   1118 C CB  . LEU A 1 148 ? -4.146  12.311  5.650   1.00 18.03 ? 155  LEU A CB  1 
ATOM   1119 C CG  . LEU A 1 148 ? -2.671  12.454  5.288   1.00 20.22 ? 155  LEU A CG  1 
ATOM   1120 C CD1 . LEU A 1 148 ? -2.553  12.506  3.765   1.00 17.92 ? 155  LEU A CD1 1 
ATOM   1121 C CD2 . LEU A 1 148 ? -2.096  13.731  5.904   1.00 20.22 ? 155  LEU A CD2 1 
ATOM   1122 N N   . LYS A 1 149 ? -6.973  11.967  7.291   1.00 15.77 ? 156  LYS A N   1 
ATOM   1123 C CA  . LYS A 1 149 ? -8.378  12.333  7.334   1.00 16.75 ? 156  LYS A CA  1 
ATOM   1124 C C   . LYS A 1 149 ? -8.967  12.377  8.738   1.00 15.44 ? 156  LYS A C   1 
ATOM   1125 O O   . LYS A 1 149 ? -10.181 12.402  8.913   1.00 16.83 ? 156  LYS A O   1 
ATOM   1126 C CB  . LYS A 1 149 ? -9.186  11.387  6.445   1.00 18.16 ? 156  LYS A CB  1 
ATOM   1127 C CG  . LYS A 1 149 ? -8.772  11.470  4.981   1.00 18.95 ? 156  LYS A CG  1 
ATOM   1128 C CD  . LYS A 1 149 ? -9.617  10.597  4.073   1.00 21.84 ? 156  LYS A CD  1 
ATOM   1129 C CE  . LYS A 1 149 ? -9.223  10.823  2.617   1.00 21.10 ? 156  LYS A CE  1 
ATOM   1130 N NZ  . LYS A 1 149 ? -9.975  9.957   1.673   1.00 22.87 ? 156  LYS A NZ  1 
ATOM   1131 N N   . GLY A 1 150 ? -8.087  12.380  9.734   1.00 15.34 ? 157  GLY A N   1 
ATOM   1132 C CA  . GLY A 1 150 ? -8.540  12.448  11.111  1.00 14.95 ? 157  GLY A CA  1 
ATOM   1133 C C   . GLY A 1 150 ? -8.722  11.122  11.820  1.00 15.27 ? 157  GLY A C   1 
ATOM   1134 O O   . GLY A 1 150 ? -9.068  11.103  13.001  1.00 14.22 ? 157  GLY A O   1 
ATOM   1135 N N   . ASP A 1 151 ? -8.510  10.013  11.119  1.00 12.49 ? 158  ASP A N   1 
ATOM   1136 C CA  . ASP A 1 151 ? -8.654  8.708   11.751  1.00 12.00 ? 158  ASP A CA  1 
ATOM   1137 C C   . ASP A 1 151 ? -7.521  8.416   12.742  1.00 11.54 ? 158  ASP A C   1 
ATOM   1138 O O   . ASP A 1 151 ? -6.439  8.997   12.642  1.00 12.25 ? 158  ASP A O   1 
ATOM   1139 C CB  . ASP A 1 151 ? -8.748  7.607   10.685  1.00 12.76 ? 158  ASP A CB  1 
ATOM   1140 C CG  . ASP A 1 151 ? -9.927  7.807   9.739   1.00 12.82 ? 158  ASP A CG  1 
ATOM   1141 O OD1 . ASP A 1 151 ? -11.010 8.228   10.206  1.00 12.72 ? 158  ASP A OD1 1 
ATOM   1142 O OD2 . ASP A 1 151 ? -9.786  7.537   8.526   1.00 13.98 ? 158  ASP A OD2 1 
ATOM   1143 N N   . GLY A 1 152 ? -7.778  7.531   13.702  1.00 11.99 ? 159  GLY A N   1 
ATOM   1144 C CA  . GLY A 1 152 ? -6.779  7.210   14.712  1.00 11.73 ? 159  GLY A CA  1 
ATOM   1145 C C   . GLY A 1 152 ? -5.590  6.435   14.190  1.00 11.20 ? 159  GLY A C   1 
ATOM   1146 O O   . GLY A 1 152 ? -4.514  6.433   14.790  1.00 12.61 ? 159  GLY A O   1 
ATOM   1147 N N   . VAL A 1 153 ? -5.809  5.758   13.073  1.00 10.36 ? 160  VAL A N   1 
ATOM   1148 C CA  . VAL A 1 153 ? -4.784  4.970   12.410  1.00 9.58  ? 160  VAL A CA  1 
ATOM   1149 C C   . VAL A 1 153 ? -5.020  4.938   10.916  1.00 8.56  ? 160  VAL A C   1 
ATOM   1150 O O   . VAL A 1 153 ? -6.038  5.425   10.426  1.00 9.71  ? 160  VAL A O   1 
ATOM   1151 C CB  . VAL A 1 153 ? -4.804  3.486   12.867  1.00 9.06  ? 160  VAL A CB  1 
ATOM   1152 C CG1 . VAL A 1 153 ? -4.577  3.379   14.363  1.00 10.34 ? 160  VAL A CG1 1 
ATOM   1153 C CG2 . VAL A 1 153 ? -6.141  2.842   12.485  1.00 10.78 ? 160  VAL A CG2 1 
ATOM   1154 N N   . THR A 1 154 ? -4.054  4.401   10.188  1.00 7.28  ? 161  THR A N   1 
ATOM   1155 C CA  . THR A 1 154 ? -4.235  4.211   8.768   1.00 9.66  ? 161  THR A CA  1 
ATOM   1156 C C   . THR A 1 154 ? -4.513  2.733   8.571   1.00 9.40  ? 161  THR A C   1 
ATOM   1157 O O   . THR A 1 154 ? -3.805  1.892   9.125   1.00 9.75  ? 161  THR A O   1 
ATOM   1158 C CB  . THR A 1 154 ? -2.989  4.649   7.970   1.00 9.05  ? 161  THR A CB  1 
ATOM   1159 O OG1 . THR A 1 154 ? -2.845  6.071   8.072   1.00 10.44 ? 161  THR A OG1 1 
ATOM   1160 C CG2 . THR A 1 154 ? -3.132  4.277   6.494   1.00 11.38 ? 161  THR A CG2 1 
ATOM   1161 N N   . GLU A 1 155 ? -5.566  2.409   7.837   1.00 7.81  ? 162  GLU A N   1 
ATOM   1162 C CA  . GLU A 1 155 ? -5.919  1.013   7.651   1.00 7.99  ? 162  GLU A CA  1 
ATOM   1163 C C   . GLU A 1 155 ? -6.100  0.596   6.214   1.00 8.52  ? 162  GLU A C   1 
ATOM   1164 O O   . GLU A 1 155 ? -6.854  1.220   5.465   1.00 8.88  ? 162  GLU A O   1 
ATOM   1165 C CB  . GLU A 1 155 ? -7.206  0.683   8.427   1.00 8.46  ? 162  GLU A CB  1 
ATOM   1166 C CG  . GLU A 1 155 ? -7.649  -0.783  8.314   1.00 8.84  ? 162  GLU A CG  1 
ATOM   1167 C CD  . GLU A 1 155 ? -8.926  -1.088  9.094   1.00 9.68  ? 162  GLU A CD  1 
ATOM   1168 O OE1 . GLU A 1 155 ? -9.421  -2.235  9.005   1.00 10.78 ? 162  GLU A OE1 1 
ATOM   1169 O OE2 . GLU A 1 155 ? -9.438  -0.187  9.796   1.00 10.46 ? 162  GLU A OE2 1 
ATOM   1170 N N   . ILE A 1 156 ? -5.379  -0.450  5.833   1.00 8.30  ? 163  ILE A N   1 
ATOM   1171 C CA  . ILE A 1 156 ? -5.506  -1.013  4.501   1.00 8.32  ? 163  ILE A CA  1 
ATOM   1172 C C   . ILE A 1 156 ? -6.182  -2.367  4.597   1.00 8.03  ? 163  ILE A C   1 
ATOM   1173 O O   . ILE A 1 156 ? -5.647  -3.287  5.218   1.00 9.81  ? 163  ILE A O   1 
ATOM   1174 C CB  . ILE A 1 156 ? -4.132  -1.188  3.811   1.00 9.30  ? 163  ILE A CB  1 
ATOM   1175 C CG1 . ILE A 1 156 ? -3.456  0.177   3.647   1.00 10.42 ? 163  ILE A CG1 1 
ATOM   1176 C CG2 . ILE A 1 156 ? -4.316  -1.863  2.450   1.00 11.56 ? 163  ILE A CG2 1 
ATOM   1177 C CD1 . ILE A 1 156 ? -2.046  0.104   3.090   1.00 11.76 ? 163  ILE A CD1 1 
ATOM   1178 N N   . ARG A 1 157 ? -7.381  -2.465  4.033   1.00 9.10  ? 164  ARG A N   1 
ATOM   1179 C CA  . ARG A 1 157 ? -8.139  -3.707  4.047   1.00 9.87  ? 164  ARG A CA  1 
ATOM   1180 C C   . ARG A 1 157 ? -7.772  -4.588  2.864   1.00 11.02 ? 164  ARG A C   1 
ATOM   1181 O O   . ARG A 1 157 ? -7.808  -4.135  1.716   1.00 10.38 ? 164  ARG A O   1 
ATOM   1182 C CB  . ARG A 1 157 ? -9.642  -3.398  4.032   1.00 11.99 ? 164  ARG A CB  1 
ATOM   1183 C CG  . ARG A 1 157 ? -10.554 -4.604  4.242   1.00 14.17 ? 164  ARG A CG  1 
ATOM   1184 C CD  . ARG A 1 157 ? -10.437 -5.147  5.656   1.00 15.41 ? 164  ARG A CD  1 
ATOM   1185 N NE  . ARG A 1 157 ? -11.376 -6.236  5.913   1.00 15.48 ? 164  ARG A NE  1 
ATOM   1186 C CZ  . ARG A 1 157 ? -11.336 -7.006  6.993   1.00 13.79 ? 164  ARG A CZ  1 
ATOM   1187 N NH1 . ARG A 1 157 ? -10.402 -6.804  7.914   1.00 14.02 ? 164  ARG A NH1 1 
ATOM   1188 N NH2 . ARG A 1 157 ? -12.219 -7.984  7.150   1.00 17.36 ? 164  ARG A NH2 1 
ATOM   1189 N N   . MET A 1 158 ? -7.402  -5.832  3.154   1.00 9.51  ? 165  MET A N   1 
ATOM   1190 C CA  . MET A 1 158 ? -6.999  -6.791  2.136   1.00 11.67 ? 165  MET A CA  1 
ATOM   1191 C C   . MET A 1 158 ? -7.982  -7.935  1.981   1.00 11.80 ? 165  MET A C   1 
ATOM   1192 O O   . MET A 1 158 ? -8.337  -8.583  2.963   1.00 13.80 ? 165  MET A O   1 
ATOM   1193 C CB  . MET A 1 158 ? -5.633  -7.383  2.489   1.00 12.54 ? 165  MET A CB  1 
ATOM   1194 C CG  . MET A 1 158 ? -4.524  -6.369  2.664   1.00 16.27 ? 165  MET A CG  1 
ATOM   1195 S SD  . MET A 1 158 ? -4.010  -5.678  1.096   1.00 16.62 ? 165  MET A SD  1 
ATOM   1196 C CE  . MET A 1 158 ? -3.146  -7.077  0.385   1.00 18.00 ? 165  MET A CE  1 
ATOM   1197 N N   . ARG A 1 159 ? -8.409  -8.186  0.750   1.00 12.25 ? 166  ARG A N   1 
ATOM   1198 C CA  . ARG A 1 159 ? -9.342  -9.270  0.481   1.00 13.28 ? 166  ARG A CA  1 
ATOM   1199 C C   . ARG A 1 159 ? -8.863  -10.229 -0.599  1.00 13.39 ? 166  ARG A C   1 
ATOM   1200 O O   . ARG A 1 159 ? -8.498  -9.813  -1.699  1.00 13.20 ? 166  ARG A O   1 
ATOM   1201 C CB  . ARG A 1 159 ? -10.706 -8.706  0.075   1.00 15.43 ? 166  ARG A CB  1 
ATOM   1202 C CG  . ARG A 1 159 ? -11.791 -9.768  -0.065  1.00 20.30 ? 166  ARG A CG  1 
ATOM   1203 C CD  . ARG A 1 159 ? -13.048 -9.197  -0.703  1.00 25.73 ? 166  ARG A CD  1 
ATOM   1204 N NE  . ARG A 1 159 ? -12.812 -8.810  -2.091  1.00 30.80 ? 166  ARG A NE  1 
ATOM   1205 C CZ  . ARG A 1 159 ? -13.746 -8.334  -2.908  1.00 33.23 ? 166  ARG A CZ  1 
ATOM   1206 N NH1 . ARG A 1 159 ? -14.993 -8.180  -2.480  1.00 35.82 ? 166  ARG A NH1 1 
ATOM   1207 N NH2 . ARG A 1 159 ? -13.433 -8.009  -4.153  1.00 34.36 ? 166  ARG A NH2 1 
ATOM   1208 N N   . PHE A 1 160 ? -8.845  -11.516 -0.270  1.00 14.51 ? 167  PHE A N   1 
ATOM   1209 C CA  . PHE A 1 160 ? -8.451  -12.543 -1.220  1.00 16.70 ? 167  PHE A CA  1 
ATOM   1210 C C   . PHE A 1 160 ? -9.610  -12.894 -2.142  1.00 17.69 ? 167  PHE A C   1 
ATOM   1211 O O   . PHE A 1 160 ? -10.647 -13.374 -1.684  1.00 19.83 ? 167  PHE A O   1 
ATOM   1212 C CB  . PHE A 1 160 ? -7.994  -13.800 -0.477  1.00 19.07 ? 167  PHE A CB  1 
ATOM   1213 C CG  . PHE A 1 160 ? -7.633  -14.942 -1.385  1.00 21.57 ? 167  PHE A CG  1 
ATOM   1214 C CD1 . PHE A 1 160 ? -6.420  -14.954 -2.063  1.00 22.17 ? 167  PHE A CD1 1 
ATOM   1215 C CD2 . PHE A 1 160 ? -8.523  -15.993 -1.584  1.00 24.95 ? 167  PHE A CD2 1 
ATOM   1216 C CE1 . PHE A 1 160 ? -6.095  -15.996 -2.929  1.00 23.64 ? 167  PHE A CE1 1 
ATOM   1217 C CE2 . PHE A 1 160 ? -8.210  -17.041 -2.448  1.00 25.32 ? 167  PHE A CE2 1 
ATOM   1218 C CZ  . PHE A 1 160 ? -6.993  -17.042 -3.122  1.00 24.83 ? 167  PHE A CZ  1 
ATOM   1219 N N   . ILE A 1 161 ? -9.446  -12.636 -3.433  1.00 18.59 ? 168  ILE A N   1 
ATOM   1220 C CA  . ILE A 1 161 ? -10.497 -12.923 -4.397  1.00 21.32 ? 168  ILE A CA  1 
ATOM   1221 C C   . ILE A 1 161 ? -10.449 -14.342 -4.949  1.00 23.36 ? 168  ILE A C   1 
ATOM   1222 O O   . ILE A 1 161 ? -11.447 -15.062 -4.924  1.00 24.37 ? 168  ILE A O   1 
ATOM   1223 C CB  . ILE A 1 161 ? -10.441 -11.938 -5.583  1.00 20.79 ? 168  ILE A CB  1 
ATOM   1224 C CG1 . ILE A 1 161 ? -10.517 -10.499 -5.068  1.00 19.24 ? 168  ILE A CG1 1 
ATOM   1225 C CG2 . ILE A 1 161 ? -11.593 -12.211 -6.544  1.00 21.08 ? 168  ILE A CG2 1 
ATOM   1226 C CD1 . ILE A 1 161 ? -10.370 -9.448  -6.150  1.00 20.47 ? 168  ILE A CD1 1 
ATOM   1227 N N   . ARG A 1 162 ? -9.281  -14.735 -5.441  1.00 25.38 ? 169  ARG A N   1 
ATOM   1228 C CA  . ARG A 1 162 ? -9.093  -16.063 -6.010  1.00 27.93 ? 169  ARG A CA  1 
ATOM   1229 C C   . ARG A 1 162 ? -7.675  -16.296 -6.508  1.00 29.24 ? 169  ARG A C   1 
ATOM   1230 O O   . ARG A 1 162 ? -6.911  -15.348 -6.696  1.00 28.51 ? 169  ARG A O   1 
ATOM   1231 C CB  . ARG A 1 162 ? -10.051 -16.260 -7.184  1.00 29.48 ? 169  ARG A CB  1 
ATOM   1232 C CG  . ARG A 1 162 ? -9.742  -15.318 -8.330  1.00 30.27 ? 169  ARG A CG  1 
ATOM   1233 C CD  . ARG A 1 162 ? -10.658 -15.490 -9.523  1.00 33.90 ? 169  ARG A CD  1 
ATOM   1234 N NE  . ARG A 1 162 ? -10.217 -14.620 -10.608 1.00 36.28 ? 169  ARG A NE  1 
ATOM   1235 C CZ  . ARG A 1 162 ? -9.047  -14.744 -11.227 1.00 38.33 ? 169  ARG A CZ  1 
ATOM   1236 N NH1 . ARG A 1 162 ? -8.208  -15.709 -10.876 1.00 39.94 ? 169  ARG A NH1 1 
ATOM   1237 N NH2 . ARG A 1 162 ? -8.703  -13.890 -12.181 1.00 39.46 ? 169  ARG A NH2 1 
ATOM   1238 N N   . ARG A 1 163 ? -7.322  -17.558 -6.718  1.00 30.95 ? 170  ARG A N   1 
ATOM   1239 C CA  . ARG A 1 163 ? -6.003  -17.881 -7.235  1.00 33.43 ? 170  ARG A CA  1 
ATOM   1240 C C   . ARG A 1 163 ? -5.962  -17.758 -8.754  1.00 33.51 ? 170  ARG A C   1 
ATOM   1241 O O   . ARG A 1 163 ? -6.921  -18.126 -9.435  1.00 33.71 ? 170  ARG A O   1 
ATOM   1242 C CB  . ARG A 1 163 ? -5.590  -19.293 -6.809  1.00 36.14 ? 170  ARG A CB  1 
ATOM   1243 C CG  . ARG A 1 163 ? -6.502  -20.400 -7.307  1.00 40.36 ? 170  ARG A CG  1 
ATOM   1244 C CD  . ARG A 1 163 ? -6.042  -21.756 -6.787  1.00 43.64 ? 170  ARG A CD  1 
ATOM   1245 N NE  . ARG A 1 163 ? -6.897  -22.844 -7.255  1.00 46.48 ? 170  ARG A NE  1 
ATOM   1246 C CZ  . ARG A 1 163 ? -6.735  -24.119 -6.917  1.00 48.05 ? 170  ARG A CZ  1 
ATOM   1247 N NH1 . ARG A 1 163 ? -5.748  -24.473 -6.104  1.00 48.91 ? 170  ARG A NH1 1 
ATOM   1248 N NH2 . ARG A 1 163 ? -7.561  -25.042 -7.391  1.00 49.32 ? 170  ARG A NH2 1 
ATOM   1249 N N   . ILE A 1 164 ? -4.865  -17.228 -9.280  1.00 33.47 ? 171  ILE A N   1 
ATOM   1250 C CA  . ILE A 1 164 ? -4.726  -17.048 -10.719 1.00 34.32 ? 171  ILE A CA  1 
ATOM   1251 C C   . ILE A 1 164 ? -3.931  -18.157 -11.401 1.00 34.93 ? 171  ILE A C   1 
ATOM   1252 O O   . ILE A 1 164 ? -3.333  -18.977 -10.675 1.00 36.20 ? 171  ILE A O   1 
ATOM   1253 C CB  . ILE A 1 164 ? -4.056  -15.689 -11.029 1.00 33.34 ? 171  ILE A CB  1 
ATOM   1254 C CG1 . ILE A 1 164 ? -4.781  -14.573 -10.272 1.00 32.70 ? 171  ILE A CG1 1 
ATOM   1255 C CG2 . ILE A 1 164 ? -4.102  -15.405 -12.524 1.00 34.24 ? 171  ILE A CG2 1 
ATOM   1256 C CD1 . ILE A 1 164 ? -4.140  -13.208 -10.424 1.00 31.30 ? 171  ILE A CD1 1 
ATOM   1257 N N   . GLU A 1 165 ? -3.912  -18.195 -12.649 1.00 37.31 ? 172  GLU A N   1 
HETATM 1258 C C1  . MYR B 2 .   ? 3.684   -17.322 0.519   1.00 19.89 ? 1172 MYR A C1  1 
HETATM 1259 O O1  . MYR B 2 .   ? 2.431   -17.912 0.675   1.00 19.83 ? 1172 MYR A O1  1 
HETATM 1260 C C2  . MYR B 2 .   ? 3.892   -15.888 0.964   1.00 20.52 ? 1172 MYR A C2  1 
HETATM 1261 C C3  . MYR B 2 .   ? 4.396   -15.010 -0.171  1.00 22.91 ? 1172 MYR A C3  1 
HETATM 1262 C C4  . MYR B 2 .   ? 4.334   -13.544 0.204   1.00 22.42 ? 1172 MYR A C4  1 
HETATM 1263 C C5  . MYR B 2 .   ? 4.832   -12.632 -0.903  1.00 22.86 ? 1172 MYR A C5  1 
HETATM 1264 C C6  . MYR B 2 .   ? 4.736   -11.181 -0.468  1.00 23.25 ? 1172 MYR A C6  1 
HETATM 1265 C C7  . MYR B 2 .   ? 5.219   -10.210 -1.530  1.00 23.82 ? 1172 MYR A C7  1 
HETATM 1266 C C8  . MYR B 2 .   ? 5.096   -8.778  -1.051  1.00 24.63 ? 1172 MYR A C8  1 
HETATM 1267 C C9  . MYR B 2 .   ? 6.047   -7.808  -1.764  1.00 25.41 ? 1172 MYR A C9  1 
HETATM 1268 C C10 . MYR B 2 .   ? 5.418   -6.445  -2.079  1.00 25.15 ? 1172 MYR A C10 1 
HETATM 1269 C C11 . MYR B 2 .   ? 4.761   -5.774  -0.871  1.00 23.34 ? 1172 MYR A C11 1 
HETATM 1270 C C12 . MYR B 2 .   ? 5.272   -4.368  -0.631  1.00 21.41 ? 1172 MYR A C12 1 
HETATM 1271 C C13 . MYR B 2 .   ? 4.643   -3.744  0.603   1.00 22.75 ? 1172 MYR A C13 1 
HETATM 1272 C C14 . MYR B 2 .   ? 5.179   -2.347  0.871   1.00 21.07 ? 1172 MYR A C14 1 
HETATM 1273 C C1  . GOL C 3 .   ? -2.187  18.398  -3.226  1.00 54.47 ? 1173 GOL A C1  1 
HETATM 1274 O O1  . GOL C 3 .   ? -1.905  19.991  -3.251  1.00 54.93 ? 1173 GOL A O1  1 
HETATM 1275 C C2  . GOL C 3 .   ? -2.286  17.543  -2.129  1.00 54.48 ? 1173 GOL A C2  1 
HETATM 1276 O O2  . GOL C 3 .   ? -2.535  16.291  -2.517  1.00 55.34 ? 1173 GOL A O2  1 
HETATM 1277 C C3  . GOL C 3 .   ? -2.128  18.158  -1.112  1.00 54.56 ? 1173 GOL A C3  1 
HETATM 1278 O O3  . GOL C 3 .   ? -1.744  18.467  0.373   1.00 54.62 ? 1173 GOL A O3  1 
HETATM 1279 O O   . HOH D 4 .   ? 21.134  2.676   -1.119  1.00 40.39 ? 2001 HOH A O   1 
HETATM 1280 O O   . HOH D 4 .   ? 14.449  -5.290  6.370   1.00 27.72 ? 2002 HOH A O   1 
HETATM 1281 O O   . HOH D 4 .   ? 16.267  -5.646  4.419   1.00 31.73 ? 2003 HOH A O   1 
HETATM 1282 O O   . HOH D 4 .   ? 14.951  9.429   1.780   1.00 18.09 ? 2004 HOH A O   1 
HETATM 1283 O O   . HOH D 4 .   ? 15.464  6.649   9.646   1.00 29.79 ? 2005 HOH A O   1 
HETATM 1284 O O   . HOH D 4 .   ? 13.012  7.563   8.287   1.00 22.80 ? 2006 HOH A O   1 
HETATM 1285 O O   . HOH D 4 .   ? 9.220   10.854  5.812   1.00 15.69 ? 2007 HOH A O   1 
HETATM 1286 O O   . HOH D 4 .   ? 13.556  9.855   10.024  1.00 29.86 ? 2008 HOH A O   1 
HETATM 1287 O O   . HOH D 4 .   ? 5.169   17.014  -0.093  1.00 26.22 ? 2009 HOH A O   1 
HETATM 1288 O O   . HOH D 4 .   ? 6.828   17.274  -2.098  1.00 20.02 ? 2010 HOH A O   1 
HETATM 1289 O O   . HOH D 4 .   ? -3.215  21.552  -8.756  1.00 28.20 ? 2011 HOH A O   1 
HETATM 1290 O O   . HOH D 4 .   ? 2.848   22.129  -9.832  1.00 25.56 ? 2012 HOH A O   1 
HETATM 1291 O O   . HOH D 4 .   ? 1.672   16.484  -2.355  1.00 21.36 ? 2013 HOH A O   1 
HETATM 1292 O O   . HOH D 4 .   ? 5.411   18.379  -8.270  1.00 13.33 ? 2014 HOH A O   1 
HETATM 1293 O O   . HOH D 4 .   ? 4.726   18.596  -3.824  1.00 18.98 ? 2015 HOH A O   1 
HETATM 1294 O O   . HOH D 4 .   ? -0.759  20.651  -8.100  1.00 23.22 ? 2016 HOH A O   1 
HETATM 1295 O O   . HOH D 4 .   ? 4.079   19.663  -10.255 1.00 18.07 ? 2017 HOH A O   1 
HETATM 1296 O O   . HOH D 4 .   ? -9.118  -3.210  -6.573  1.00 33.68 ? 2018 HOH A O   1 
HETATM 1297 O O   . HOH D 4 .   ? -3.477  22.426  -13.519 1.00 30.09 ? 2019 HOH A O   1 
HETATM 1298 O O   . HOH D 4 .   ? -5.015  15.042  -18.198 1.00 39.82 ? 2020 HOH A O   1 
HETATM 1299 O O   . HOH D 4 .   ? 10.919  -13.427 -9.706  1.00 36.52 ? 2021 HOH A O   1 
HETATM 1300 O O   . HOH D 4 .   ? 13.338  -15.373 -6.827  1.00 28.09 ? 2022 HOH A O   1 
HETATM 1301 O O   . HOH D 4 .   ? 15.460  -12.817 -9.128  1.00 38.96 ? 2023 HOH A O   1 
HETATM 1302 O O   . HOH D 4 .   ? -5.651  8.994   -17.647 1.00 39.13 ? 2024 HOH A O   1 
HETATM 1303 O O   . HOH D 4 .   ? -9.262  15.164  -15.288 1.00 27.08 ? 2025 HOH A O   1 
HETATM 1304 O O   . HOH D 4 .   ? -1.679  11.138  -17.610 1.00 41.25 ? 2026 HOH A O   1 
HETATM 1305 O O   . HOH D 4 .   ? 11.418  -17.061 -5.082  1.00 32.66 ? 2027 HOH A O   1 
HETATM 1306 O O   . HOH D 4 .   ? -7.313  19.503  -16.650 1.00 41.31 ? 2028 HOH A O   1 
HETATM 1307 O O   . HOH D 4 .   ? 14.519  -9.771  5.605   1.00 44.29 ? 2029 HOH A O   1 
HETATM 1308 O O   . HOH D 4 .   ? -13.273 17.486  -9.488  1.00 43.55 ? 2030 HOH A O   1 
HETATM 1309 O O   . HOH D 4 .   ? -6.690  17.080  -8.373  1.00 31.75 ? 2031 HOH A O   1 
HETATM 1310 O O   . HOH D 4 .   ? -13.629 11.992  -11.908 1.00 11.40 ? 2032 HOH A O   1 
HETATM 1311 O O   . HOH D 4 .   ? 6.540   -17.411 -6.304  1.00 33.62 ? 2033 HOH A O   1 
HETATM 1312 O O   . HOH D 4 .   ? -12.173 15.914  -3.142  1.00 26.92 ? 2034 HOH A O   1 
HETATM 1313 O O   . HOH D 4 .   ? -11.647 16.894  -7.111  1.00 23.25 ? 2035 HOH A O   1 
HETATM 1314 O O   . HOH D 4 .   ? -3.646  -20.375 8.110   1.00 38.41 ? 2036 HOH A O   1 
HETATM 1315 O O   . HOH D 4 .   ? -13.309 15.143  -5.516  1.00 31.27 ? 2037 HOH A O   1 
HETATM 1316 O O   . HOH D 4 .   ? -16.401 13.684  -5.114  1.00 21.71 ? 2038 HOH A O   1 
HETATM 1317 O O   . HOH D 4 .   ? -14.772 13.559  -9.514  1.00 13.95 ? 2039 HOH A O   1 
HETATM 1318 O O   . HOH D 4 .   ? -15.709 10.499  -4.435  1.00 33.61 ? 2040 HOH A O   1 
HETATM 1319 O O   . HOH D 4 .   ? -8.219  8.866   -14.726 1.00 29.01 ? 2041 HOH A O   1 
HETATM 1320 O O   . HOH D 4 .   ? -12.638 13.602  -13.938 1.00 21.33 ? 2042 HOH A O   1 
HETATM 1321 O O   . HOH D 4 .   ? -10.211 12.280  -16.485 1.00 33.36 ? 2043 HOH A O   1 
HETATM 1322 O O   . HOH D 4 .   ? -12.152 9.760   -12.927 1.00 19.78 ? 2044 HOH A O   1 
HETATM 1323 O O   . HOH D 4 .   ? -11.435 7.346   -5.717  1.00 30.80 ? 2045 HOH A O   1 
HETATM 1324 O O   . HOH D 4 .   ? -8.672  3.455   -7.747  1.00 24.27 ? 2046 HOH A O   1 
HETATM 1325 O O   . HOH D 4 .   ? 7.647   -8.245  13.168  1.00 26.12 ? 2047 HOH A O   1 
HETATM 1326 O O   . HOH D 4 .   ? -0.958  8.430   -15.181 1.00 37.30 ? 2048 HOH A O   1 
HETATM 1327 O O   . HOH D 4 .   ? 4.914   -7.876  13.930  1.00 22.33 ? 2049 HOH A O   1 
HETATM 1328 O O   . HOH D 4 .   ? -5.823  -11.649 15.096  1.00 36.30 ? 2050 HOH A O   1 
HETATM 1329 O O   . HOH D 4 .   ? -7.670  0.007   -5.842  1.00 47.27 ? 2051 HOH A O   1 
HETATM 1330 O O   . HOH D 4 .   ? -17.750 -16.695 5.779   1.00 34.16 ? 2052 HOH A O   1 
HETATM 1331 O O   . HOH D 4 .   ? 4.615   2.583   -12.087 1.00 21.68 ? 2053 HOH A O   1 
HETATM 1332 O O   . HOH D 4 .   ? 1.096   -7.908  -14.987 1.00 45.38 ? 2054 HOH A O   1 
HETATM 1333 O O   . HOH D 4 .   ? 5.591   -2.951  -14.349 1.00 26.28 ? 2055 HOH A O   1 
HETATM 1334 O O   . HOH D 4 .   ? 4.016   3.746   -14.161 1.00 29.68 ? 2056 HOH A O   1 
HETATM 1335 O O   . HOH D 4 .   ? -0.844  -1.236  -16.027 1.00 29.87 ? 2057 HOH A O   1 
HETATM 1336 O O   . HOH D 4 .   ? 6.799   0.836   -12.256 1.00 21.15 ? 2058 HOH A O   1 
HETATM 1337 O O   . HOH D 4 .   ? 7.565   -9.215  -12.779 1.00 36.89 ? 2059 HOH A O   1 
HETATM 1338 O O   . HOH D 4 .   ? 6.512   -0.425  -14.826 1.00 33.81 ? 2060 HOH A O   1 
HETATM 1339 O O   . HOH D 4 .   ? 12.950  -12.932 -8.022  1.00 19.49 ? 2061 HOH A O   1 
HETATM 1340 O O   . HOH D 4 .   ? -5.284  -9.047  -9.285  1.00 20.76 ? 2062 HOH A O   1 
HETATM 1341 O O   . HOH D 4 .   ? 11.743  -16.406 -2.108  1.00 24.71 ? 2063 HOH A O   1 
HETATM 1342 O O   . HOH D 4 .   ? 18.154  -14.353 -5.139  1.00 31.62 ? 2064 HOH A O   1 
HETATM 1343 O O   . HOH D 4 .   ? 13.437  -11.374 3.675   1.00 17.73 ? 2065 HOH A O   1 
HETATM 1344 O O   . HOH D 4 .   ? 18.089  -8.185  1.944   1.00 34.20 ? 2066 HOH A O   1 
HETATM 1345 O O   . HOH D 4 .   ? 13.493  -18.481 -1.649  1.00 26.98 ? 2067 HOH A O   1 
HETATM 1346 O O   . HOH D 4 .   ? -9.446  6.539   4.019   1.00 29.16 ? 2068 HOH A O   1 
HETATM 1347 O O   . HOH D 4 .   ? 15.208  -19.451 0.530   1.00 25.76 ? 2069 HOH A O   1 
HETATM 1348 O O   . HOH D 4 .   ? -3.120  16.301  8.895   1.00 37.42 ? 2070 HOH A O   1 
HETATM 1349 O O   . HOH D 4 .   ? 7.639   -22.161 -0.757  1.00 25.19 ? 2071 HOH A O   1 
HETATM 1350 O O   . HOH D 4 .   ? 5.673   -16.822 -3.847  1.00 24.62 ? 2072 HOH A O   1 
HETATM 1351 O O   . HOH D 4 .   ? 1.540   -22.025 -0.151  1.00 30.26 ? 2073 HOH A O   1 
HETATM 1352 O O   . HOH D 4 .   ? 3.182   -18.448 -6.264  1.00 39.42 ? 2074 HOH A O   1 
HETATM 1353 O O   . HOH D 4 .   ? -2.815  -22.444 1.874   1.00 36.05 ? 2075 HOH A O   1 
HETATM 1354 O O   . HOH D 4 .   ? -4.693  -19.118 1.072   1.00 33.28 ? 2076 HOH A O   1 
HETATM 1355 O O   . HOH D 4 .   ? -2.543  -20.261 11.133  1.00 32.38 ? 2077 HOH A O   1 
HETATM 1356 O O   . HOH D 4 .   ? -4.584  -18.820 4.612   1.00 24.18 ? 2078 HOH A O   1 
HETATM 1357 O O   . HOH D 4 .   ? 6.714   -20.400 2.135   1.00 12.22 ? 2079 HOH A O   1 
HETATM 1358 O O   . HOH D 4 .   ? 0.762   -17.915 8.654   1.00 20.51 ? 2080 HOH A O   1 
HETATM 1359 O O   . HOH D 4 .   ? 7.554   -5.091  8.379   1.00 32.51 ? 2081 HOH A O   1 
HETATM 1360 O O   . HOH D 4 .   ? 0.433   -11.090 13.767  1.00 36.95 ? 2082 HOH A O   1 
HETATM 1361 O O   . HOH D 4 .   ? 4.756   -14.350 12.213  1.00 23.91 ? 2083 HOH A O   1 
HETATM 1362 O O   . HOH D 4 .   ? 12.381  -6.905  6.420   1.00 20.43 ? 2084 HOH A O   1 
HETATM 1363 O O   . HOH D 4 .   ? 14.202  -1.692  6.445   1.00 19.37 ? 2085 HOH A O   1 
HETATM 1364 O O   . HOH D 4 .   ? 9.593   -2.310  12.146  1.00 34.86 ? 2086 HOH A O   1 
HETATM 1365 O O   . HOH D 4 .   ? 3.451   -3.392  14.782  1.00 30.25 ? 2087 HOH A O   1 
HETATM 1366 O O   . HOH D 4 .   ? 3.007   -0.017  13.107  1.00 42.02 ? 2088 HOH A O   1 
HETATM 1367 O O   . HOH D 4 .   ? 6.507   0.181   12.891  1.00 25.10 ? 2089 HOH A O   1 
HETATM 1368 O O   . HOH D 4 .   ? 8.816   -6.539  11.241  1.00 19.96 ? 2090 HOH A O   1 
HETATM 1369 O O   . HOH D 4 .   ? 2.677   -7.459  12.270  1.00 18.40 ? 2091 HOH A O   1 
HETATM 1370 O O   . HOH D 4 .   ? -2.689  -2.530  16.076  1.00 24.64 ? 2092 HOH A O   1 
HETATM 1371 O O   . HOH D 4 .   ? 0.539   -8.301  13.616  1.00 21.18 ? 2093 HOH A O   1 
HETATM 1372 O O   . HOH D 4 .   ? -8.887  -4.091  13.227  1.00 23.61 ? 2094 HOH A O   1 
HETATM 1373 O O   . HOH D 4 .   ? -8.347  -8.146  15.602  1.00 25.90 ? 2095 HOH A O   1 
HETATM 1374 O O   . HOH D 4 .   ? -2.984  -11.896 12.720  1.00 35.30 ? 2096 HOH A O   1 
HETATM 1375 O O   . HOH D 4 .   ? -8.254  -11.027 14.117  1.00 31.74 ? 2097 HOH A O   1 
HETATM 1376 O O   . HOH D 4 .   ? -15.843 -14.768 6.171   1.00 31.16 ? 2098 HOH A O   1 
HETATM 1377 O O   . HOH D 4 .   ? -8.082  -17.543 1.375   1.00 37.29 ? 2099 HOH A O   1 
HETATM 1378 O O   . HOH D 4 .   ? 0.093   -0.972  14.253  1.00 25.03 ? 2100 HOH A O   1 
HETATM 1379 O O   . HOH D 4 .   ? 3.016   2.237   11.333  1.00 24.61 ? 2101 HOH A O   1 
HETATM 1380 O O   . HOH D 4 .   ? 4.320   12.688  0.734   1.00 15.56 ? 2102 HOH A O   1 
HETATM 1381 O O   . HOH D 4 .   ? 5.363   15.123  1.747   1.00 22.39 ? 2103 HOH A O   1 
HETATM 1382 O O   . HOH D 4 .   ? 6.646   13.411  3.215   1.00 32.06 ? 2104 HOH A O   1 
HETATM 1383 O O   . HOH D 4 .   ? -12.274 8.831   -1.927  1.00 24.67 ? 2105 HOH A O   1 
HETATM 1384 O O   . HOH D 4 .   ? -5.670  11.096  1.850   1.00 12.17 ? 2106 HOH A O   1 
HETATM 1385 O O   . HOH D 4 .   ? -4.211  7.224   1.739   1.00 17.90 ? 2107 HOH A O   1 
HETATM 1386 O O   . HOH D 4 .   ? -2.634  8.626   3.093   1.00 31.94 ? 2108 HOH A O   1 
HETATM 1387 O O   . HOH D 4 .   ? -7.982  2.857   -1.497  1.00 11.66 ? 2109 HOH A O   1 
HETATM 1388 O O   . HOH D 4 .   ? -4.511  -7.857  -11.374 1.00 20.80 ? 2110 HOH A O   1 
HETATM 1389 O O   . HOH D 4 .   ? 6.674   -14.349 -9.466  1.00 35.02 ? 2111 HOH A O   1 
HETATM 1390 O O   . HOH D 4 .   ? -3.669  -9.278  -6.972  1.00 13.54 ? 2112 HOH A O   1 
HETATM 1391 O O   . HOH D 4 .   ? -6.978  -3.197  -5.051  1.00 15.95 ? 2113 HOH A O   1 
HETATM 1392 O O   . HOH D 4 .   ? -14.644 -2.835  -1.666  1.00 36.21 ? 2114 HOH A O   1 
HETATM 1393 O O   . HOH D 4 .   ? -16.796 -1.205  0.082   1.00 49.24 ? 2115 HOH A O   1 
HETATM 1394 O O   . HOH D 4 .   ? -10.311 6.228   13.680  1.00 11.27 ? 2116 HOH A O   1 
HETATM 1395 O O   . HOH D 4 .   ? -7.673  8.212   2.344   1.00 20.11 ? 2117 HOH A O   1 
HETATM 1396 O O   . HOH D 4 .   ? -2.006  7.599   5.443   1.00 33.69 ? 2118 HOH A O   1 
HETATM 1397 O O   . HOH D 4 .   ? 0.203   8.616   10.252  1.00 27.70 ? 2119 HOH A O   1 
HETATM 1398 O O   . HOH D 4 .   ? -1.522  12.185  9.191   1.00 34.14 ? 2120 HOH A O   1 
HETATM 1399 O O   . HOH D 4 .   ? -4.964  16.339  6.885   1.00 33.02 ? 2121 HOH A O   1 
HETATM 1400 O O   . HOH D 4 .   ? -11.868 10.903  10.566  1.00 31.27 ? 2122 HOH A O   1 
HETATM 1401 O O   . HOH D 4 .   ? -8.888  12.826  15.000  1.00 29.10 ? 2123 HOH A O   1 
HETATM 1402 O O   . HOH D 4 .   ? -12.399 7.625   12.445  1.00 11.05 ? 2124 HOH A O   1 
HETATM 1403 O O   . HOH D 4 .   ? -10.943 7.874   6.092   1.00 22.08 ? 2125 HOH A O   1 
HETATM 1404 O O   . HOH D 4 .   ? -5.420  11.692  12.772  1.00 31.47 ? 2126 HOH A O   1 
HETATM 1405 O O   . HOH D 4 .   ? -0.734  5.967   9.524   1.00 19.97 ? 2127 HOH A O   1 
HETATM 1406 O O   . HOH D 4 .   ? -12.009 -2.895  8.682   1.00 28.24 ? 2128 HOH A O   1 
HETATM 1407 O O   . HOH D 4 .   ? -10.553 -3.765  11.088  1.00 22.01 ? 2129 HOH A O   1 
HETATM 1408 O O   . HOH D 4 .   ? -10.343 -4.818  0.615   1.00 21.06 ? 2130 HOH A O   1 
HETATM 1409 O O   . HOH D 4 .   ? -13.506 -9.333  9.143   1.00 33.82 ? 2131 HOH A O   1 
HETATM 1410 O O   . HOH D 4 .   ? -13.781 -8.647  -6.660  1.00 40.01 ? 2132 HOH A O   1 
HETATM 1411 O O   . HOH D 4 .   ? -12.126 -6.122  -6.194  1.00 30.54 ? 2133 HOH A O   1 
HETATM 1412 O O   . HOH D 4 .   ? -1.162  21.047  -5.485  1.00 36.06 ? 2134 HOH A O   1 
# 
